data_2DVU
#
_entry.id   2DVU
#
_cell.length_a   109.071
_cell.length_b   113.611
_cell.length_c   119.102
_cell.angle_alpha   90.00
_cell.angle_beta   90.00
_cell.angle_gamma   90.00
#
_symmetry.space_group_name_H-M   'P 21 21 21'
#
loop_
_entity.id
_entity.type
_entity.pdbx_description
1 polymer 'Thermophilic reversible gamma-resorcylate decarboxylase'
2 non-polymer 'ZINC ION'
3 non-polymer '2,6-DIHYDROXYBENZOIC ACID'
4 water water
#
_entity_poly.entity_id   1
_entity_poly.type   'polypeptide(L)'
_entity_poly.pdbx_seq_one_letter_code
;MQGKVALEEHFAIPETLQDSAGFVPGDYWKELQHRLLDIQDTRLKLMDAHGIETMILSLNAPAVQAIPDRRKAIEIARRA
NDVLAEECAKRPDRFLAFAALPLQDPDAATEELQRCVNDLGFVGALVNGFSQEGDGQTPLYYDLPQYRPFWGEVEKLDVP
FYLHPRNPLPQDSRIYDGHPWLLGPTWAFAQETAVHALRLMASGLFDEHPRLNIILGHMGEGLPYMMWRIDHRNAWVKLP
PRYPAKRRFMDYFNENFHITTSGNFRTQTLIDAILEIGADRILFSTDWPFENIDHASDWFNATSIAEADRVKIGRTNARR
LFKLDGA
;
_entity_poly.pdbx_strand_id   A,B,C,D
#
loop_
_chem_comp.id
_chem_comp.type
_chem_comp.name
_chem_comp.formula
GRE non-polymer '2,6-DIHYDROXYBENZOIC ACID' 'C7 H6 O4'
ZN non-polymer 'ZINC ION' 'Zn 2'
#
# COMPACT_ATOMS: atom_id res chain seq x y z
N MET A 1 20.81 7.20 -4.72
CA MET A 1 20.80 6.96 -6.19
C MET A 1 21.49 8.09 -6.97
N GLN A 2 22.37 7.72 -7.89
CA GLN A 2 23.07 8.70 -8.70
C GLN A 2 22.46 8.72 -10.09
N GLY A 3 22.83 9.71 -10.90
CA GLY A 3 22.33 9.81 -12.25
C GLY A 3 20.86 10.13 -12.39
N LYS A 4 20.27 10.76 -11.38
CA LYS A 4 18.86 11.12 -11.43
C LYS A 4 18.59 12.26 -12.41
N VAL A 5 17.34 12.38 -12.82
CA VAL A 5 16.90 13.44 -13.70
C VAL A 5 15.82 14.18 -12.90
N ALA A 6 15.87 15.51 -12.90
CA ALA A 6 14.88 16.32 -12.18
C ALA A 6 14.33 17.30 -13.20
N LEU A 7 13.01 17.48 -13.23
CA LEU A 7 12.41 18.37 -14.22
C LEU A 7 11.42 19.47 -13.82
N GLU A 8 11.38 19.84 -12.55
CA GLU A 8 10.56 20.98 -12.13
C GLU A 8 11.57 21.73 -11.27
N GLU A 9 12.54 22.31 -11.97
CA GLU A 9 13.64 23.03 -11.35
C GLU A 9 13.62 24.40 -11.99
N HIS A 10 13.39 25.41 -11.17
CA HIS A 10 13.23 26.78 -11.66
C HIS A 10 14.40 27.74 -11.52
N PHE A 11 14.32 28.80 -12.33
CA PHE A 11 15.29 29.87 -12.34
C PHE A 11 14.48 31.10 -12.75
N ALA A 12 15.09 32.27 -12.68
CA ALA A 12 14.39 33.48 -13.07
C ALA A 12 15.34 34.46 -13.70
N ILE A 13 14.78 35.41 -14.45
CA ILE A 13 15.58 36.46 -15.07
C ILE A 13 15.12 37.69 -14.30
N PRO A 14 15.95 38.74 -14.28
CA PRO A 14 15.55 39.95 -13.54
C PRO A 14 14.10 40.37 -13.77
N GLU A 15 13.65 40.29 -15.01
CA GLU A 15 12.30 40.68 -15.41
C GLU A 15 11.16 39.89 -14.77
N THR A 16 11.43 38.69 -14.27
CA THR A 16 10.39 37.87 -13.65
C THR A 16 10.67 37.53 -12.19
N LEU A 17 11.81 38.01 -11.69
CA LEU A 17 12.23 37.73 -10.32
C LEU A 17 11.19 38.12 -9.27
N GLN A 18 10.63 39.31 -9.40
CA GLN A 18 9.64 39.79 -8.43
C GLN A 18 8.40 38.92 -8.31
N ASP A 19 8.15 38.08 -9.32
CA ASP A 19 6.99 37.19 -9.30
C ASP A 19 7.07 36.21 -8.14
N SER A 20 8.29 35.85 -7.73
CA SER A 20 8.49 34.91 -6.63
C SER A 20 8.67 35.60 -5.29
N ALA A 21 8.61 36.92 -5.29
CA ALA A 21 8.78 37.72 -4.07
C ALA A 21 7.88 37.35 -2.89
N GLY A 22 6.58 37.43 -3.10
CA GLY A 22 5.64 37.15 -2.03
C GLY A 22 5.50 35.72 -1.55
N PHE A 23 6.06 34.76 -2.28
CA PHE A 23 5.94 33.36 -1.90
C PHE A 23 6.84 32.90 -0.75
N VAL A 24 7.67 33.81 -0.24
CA VAL A 24 8.55 33.49 0.89
C VAL A 24 8.66 34.69 1.83
N PRO A 25 8.96 34.43 3.11
CA PRO A 25 9.09 35.51 4.10
C PRO A 25 10.20 36.50 3.71
N GLY A 26 10.34 37.55 4.50
CA GLY A 26 11.35 38.56 4.22
C GLY A 26 12.80 38.12 4.34
N ASP A 27 13.14 37.44 5.43
CA ASP A 27 14.52 36.99 5.64
C ASP A 27 15.01 35.96 4.63
N TYR A 28 14.09 35.14 4.12
CA TYR A 28 14.43 34.11 3.15
C TYR A 28 14.41 34.57 1.70
N TRP A 29 13.88 35.78 1.47
CA TRP A 29 13.80 36.35 0.13
C TRP A 29 15.17 36.50 -0.52
N LYS A 30 16.14 37.00 0.24
CA LYS A 30 17.48 37.19 -0.30
C LYS A 30 18.03 35.86 -0.81
N GLU A 31 17.85 34.81 -0.01
CA GLU A 31 18.32 33.47 -0.36
C GLU A 31 17.60 32.94 -1.60
N LEU A 32 16.28 33.09 -1.63
CA LEU A 32 15.50 32.61 -2.78
C LEU A 32 15.93 33.31 -4.06
N GLN A 33 16.19 34.61 -3.99
CA GLN A 33 16.61 35.36 -5.16
C GLN A 33 17.94 34.81 -5.66
N HIS A 34 18.85 34.56 -4.74
CA HIS A 34 20.15 34.01 -5.10
C HIS A 34 19.97 32.70 -5.86
N ARG A 35 19.15 31.82 -5.29
CA ARG A 35 18.87 30.52 -5.88
C ARG A 35 18.27 30.62 -7.28
N LEU A 36 17.25 31.46 -7.44
CA LEU A 36 16.59 31.63 -8.72
C LEU A 36 17.50 32.14 -9.84
N LEU A 37 18.43 33.03 -9.49
CA LEU A 37 19.33 33.60 -10.48
C LEU A 37 20.54 32.71 -10.74
N ASP A 38 20.83 31.80 -9.80
CA ASP A 38 21.96 30.90 -9.94
C ASP A 38 21.65 29.64 -10.71
N ILE A 39 22.57 29.24 -11.58
CA ILE A 39 22.41 28.03 -12.37
C ILE A 39 23.70 27.24 -12.42
N GLN A 40 24.81 27.92 -12.67
CA GLN A 40 26.12 27.29 -12.80
C GLN A 40 26.88 26.95 -11.53
N ASP A 41 26.57 27.61 -10.41
CA ASP A 41 27.31 27.37 -9.18
C ASP A 41 26.63 26.53 -8.10
N THR A 42 25.91 27.20 -7.21
CA THR A 42 25.23 26.53 -6.10
C THR A 42 24.38 25.36 -6.60
N ARG A 43 23.57 25.62 -7.61
CA ARG A 43 22.70 24.62 -8.20
C ARG A 43 23.47 23.38 -8.64
N LEU A 44 24.55 23.61 -9.40
CA LEU A 44 25.36 22.51 -9.90
C LEU A 44 26.04 21.74 -8.77
N LYS A 45 26.47 22.44 -7.72
CA LYS A 45 27.12 21.77 -6.59
C LYS A 45 26.15 20.85 -5.86
N LEU A 46 24.88 21.26 -5.78
CA LEU A 46 23.88 20.44 -5.12
C LEU A 46 23.55 19.22 -5.97
N MET A 47 23.57 19.39 -7.28
CA MET A 47 23.29 18.29 -8.20
C MET A 47 24.39 17.24 -8.06
N ASP A 48 25.63 17.71 -7.92
CA ASP A 48 26.76 16.80 -7.78
C ASP A 48 26.77 16.08 -6.44
N ALA A 49 26.27 16.73 -5.40
CA ALA A 49 26.24 16.13 -4.08
C ALA A 49 25.01 15.25 -3.86
N HIS A 50 23.96 15.48 -4.65
CA HIS A 50 22.74 14.72 -4.49
C HIS A 50 22.31 13.87 -5.68
N GLY A 51 23.30 13.32 -6.38
CA GLY A 51 23.05 12.44 -7.51
C GLY A 51 22.10 12.85 -8.62
N ILE A 52 22.14 14.11 -9.02
CA ILE A 52 21.28 14.56 -10.11
C ILE A 52 22.19 14.85 -11.30
N GLU A 53 22.06 14.03 -12.34
CA GLU A 53 22.88 14.19 -13.54
C GLU A 53 22.29 15.22 -14.48
N THR A 54 20.97 15.16 -14.64
CA THR A 54 20.29 16.06 -15.56
C THR A 54 19.22 16.91 -14.90
N MET A 55 19.24 18.20 -15.21
CA MET A 55 18.23 19.12 -14.68
C MET A 55 17.58 19.84 -15.85
N ILE A 56 16.29 19.61 -16.03
CA ILE A 56 15.55 20.27 -17.10
C ILE A 56 14.98 21.53 -16.46
N LEU A 57 15.56 22.66 -16.83
CA LEU A 57 15.21 23.97 -16.28
C LEU A 57 13.98 24.64 -16.88
N SER A 58 13.34 25.48 -16.07
CA SER A 58 12.17 26.23 -16.51
C SER A 58 12.11 27.56 -15.76
N LEU A 59 11.55 28.57 -16.41
CA LEU A 59 11.40 29.90 -15.83
C LEU A 59 10.46 29.78 -14.63
N ASN A 60 10.47 30.76 -13.74
CA ASN A 60 9.60 30.72 -12.56
C ASN A 60 8.15 31.08 -12.89
N ALA A 61 7.31 31.20 -11.86
CA ALA A 61 5.89 31.49 -12.05
C ALA A 61 5.36 32.72 -11.31
N PRO A 62 4.27 33.33 -11.82
CA PRO A 62 3.55 32.92 -13.03
C PRO A 62 4.26 33.39 -14.31
N ALA A 63 5.21 34.31 -14.14
CA ALA A 63 5.97 34.84 -15.26
C ALA A 63 5.12 35.24 -16.47
N VAL A 64 5.44 34.65 -17.63
CA VAL A 64 4.76 34.98 -18.88
C VAL A 64 3.24 34.90 -18.85
N GLN A 65 2.69 33.90 -18.15
CA GLN A 65 1.24 33.76 -18.09
C GLN A 65 0.52 34.92 -17.40
N ALA A 66 1.27 35.75 -16.67
CA ALA A 66 0.68 36.89 -15.97
C ALA A 66 0.91 38.24 -16.65
N ILE A 67 1.37 38.21 -17.89
CA ILE A 67 1.62 39.42 -18.68
C ILE A 67 0.51 39.52 -19.72
N PRO A 68 -0.53 40.31 -19.44
CA PRO A 68 -1.67 40.47 -20.36
C PRO A 68 -1.39 41.07 -21.73
N ASP A 69 -0.34 41.88 -21.86
CA ASP A 69 -0.03 42.47 -23.15
C ASP A 69 0.71 41.45 -24.00
N ARG A 70 0.10 41.04 -25.10
CA ARG A 70 0.69 40.06 -26.00
C ARG A 70 2.11 40.40 -26.41
N ARG A 71 2.33 41.64 -26.82
CA ARG A 71 3.66 42.07 -27.26
C ARG A 71 4.72 41.91 -26.17
N LYS A 72 4.41 42.37 -24.97
CA LYS A 72 5.37 42.27 -23.87
C LYS A 72 5.58 40.81 -23.47
N ALA A 73 4.51 40.03 -23.50
CA ALA A 73 4.59 38.61 -23.14
C ALA A 73 5.52 37.89 -24.12
N ILE A 74 5.34 38.17 -25.41
CA ILE A 74 6.18 37.56 -26.44
C ILE A 74 7.65 37.92 -26.20
N GLU A 75 7.90 39.17 -25.86
CA GLU A 75 9.26 39.65 -25.61
C GLU A 75 9.92 38.97 -24.42
N ILE A 76 9.19 38.91 -23.30
CA ILE A 76 9.72 38.30 -22.09
C ILE A 76 9.98 36.81 -22.29
N ALA A 77 9.07 36.12 -22.97
CA ALA A 77 9.23 34.70 -23.22
C ALA A 77 10.50 34.45 -24.02
N ARG A 78 10.65 35.18 -25.11
CA ARG A 78 11.83 35.04 -25.96
C ARG A 78 13.11 35.36 -25.21
N ARG A 79 13.08 36.41 -24.40
CA ARG A 79 14.25 36.81 -23.61
C ARG A 79 14.61 35.72 -22.61
N ALA A 80 13.59 35.17 -21.95
CA ALA A 80 13.80 34.11 -20.97
C ALA A 80 14.35 32.86 -21.63
N ASN A 81 13.83 32.52 -22.80
CA ASN A 81 14.30 31.34 -23.51
C ASN A 81 15.74 31.51 -24.00
N ASP A 82 16.09 32.71 -24.43
CA ASP A 82 17.45 32.96 -24.91
C ASP A 82 18.46 32.83 -23.77
N VAL A 83 18.12 33.37 -22.61
CA VAL A 83 19.00 33.28 -21.45
C VAL A 83 19.18 31.82 -21.05
N LEU A 84 18.08 31.07 -21.06
CA LEU A 84 18.13 29.67 -20.68
C LEU A 84 19.01 28.87 -21.63
N ALA A 85 18.91 29.15 -22.92
CA ALA A 85 19.71 28.46 -23.93
C ALA A 85 21.18 28.77 -23.66
N GLU A 86 21.46 30.03 -23.36
CA GLU A 86 22.81 30.48 -23.07
C GLU A 86 23.35 29.73 -21.86
N GLU A 87 22.54 29.62 -20.81
CA GLU A 87 22.95 28.93 -19.61
C GLU A 87 23.18 27.43 -19.84
N CYS A 88 22.27 26.79 -20.58
CA CYS A 88 22.41 25.36 -20.85
C CYS A 88 23.66 25.06 -21.64
N ALA A 89 23.99 25.93 -22.59
CA ALA A 89 25.17 25.75 -23.44
C ALA A 89 26.47 25.74 -22.65
N LYS A 90 26.44 26.27 -21.43
CA LYS A 90 27.64 26.30 -20.59
C LYS A 90 27.94 24.90 -20.06
N ARG A 91 26.90 24.11 -19.86
CA ARG A 91 27.05 22.73 -19.38
C ARG A 91 25.91 21.88 -19.93
N PRO A 92 25.91 21.66 -21.26
CA PRO A 92 24.91 20.88 -21.98
C PRO A 92 24.80 19.42 -21.55
N ASP A 93 25.78 18.95 -20.79
CA ASP A 93 25.79 17.58 -20.33
C ASP A 93 25.02 17.47 -19.02
N ARG A 94 24.64 18.61 -18.45
CA ARG A 94 23.92 18.62 -17.18
C ARG A 94 22.58 19.35 -17.24
N PHE A 95 22.45 20.30 -18.17
CA PHE A 95 21.21 21.07 -18.27
C PHE A 95 20.45 21.01 -19.59
N LEU A 96 19.14 20.86 -19.48
CA LEU A 96 18.24 20.84 -20.63
C LEU A 96 17.21 21.93 -20.34
N ALA A 97 16.34 22.24 -21.29
CA ALA A 97 15.39 23.32 -21.05
C ALA A 97 13.96 23.15 -21.53
N PHE A 98 13.05 23.77 -20.78
CA PHE A 98 11.63 23.81 -21.10
C PHE A 98 11.38 25.22 -21.61
N ALA A 99 10.59 25.34 -22.67
CA ALA A 99 10.31 26.64 -23.23
C ALA A 99 9.26 27.40 -22.42
N ALA A 100 9.40 28.72 -22.40
CA ALA A 100 8.44 29.61 -21.74
C ALA A 100 7.62 30.07 -22.95
N LEU A 101 6.30 30.07 -22.85
CA LEU A 101 5.48 30.45 -23.99
C LEU A 101 4.47 31.58 -23.75
N PRO A 102 4.33 32.48 -24.74
CA PRO A 102 3.40 33.60 -24.64
C PRO A 102 2.03 33.17 -25.14
N LEU A 103 1.42 32.23 -24.42
CA LEU A 103 0.12 31.69 -24.82
C LEU A 103 -1.05 32.69 -24.86
N GLN A 104 -0.81 33.96 -24.54
CA GLN A 104 -1.90 34.92 -24.66
C GLN A 104 -2.06 35.24 -26.14
N ASP A 105 -1.13 34.71 -26.94
CA ASP A 105 -1.14 34.86 -28.40
C ASP A 105 -0.82 33.48 -28.97
N PRO A 106 -1.84 32.65 -29.20
CA PRO A 106 -1.69 31.29 -29.73
C PRO A 106 -0.63 31.13 -30.83
N ASP A 107 -0.78 31.88 -31.91
CA ASP A 107 0.16 31.80 -33.02
C ASP A 107 1.59 32.11 -32.62
N ALA A 108 1.77 33.12 -31.78
CA ALA A 108 3.10 33.50 -31.33
C ALA A 108 3.71 32.41 -30.46
N ALA A 109 2.90 31.83 -29.59
CA ALA A 109 3.37 30.76 -28.71
C ALA A 109 3.80 29.56 -29.54
N THR A 110 3.02 29.25 -30.57
CA THR A 110 3.33 28.13 -31.46
C THR A 110 4.69 28.36 -32.14
N GLU A 111 4.91 29.58 -32.61
CA GLU A 111 6.16 29.90 -33.28
C GLU A 111 7.36 29.86 -32.33
N GLU A 112 7.17 30.36 -31.11
CA GLU A 112 8.25 30.36 -30.14
C GLU A 112 8.60 28.94 -29.73
N LEU A 113 7.59 28.08 -29.59
CA LEU A 113 7.85 26.69 -29.22
C LEU A 113 8.69 26.05 -30.31
N GLN A 114 8.34 26.32 -31.56
CA GLN A 114 9.08 25.79 -32.69
C GLN A 114 10.52 26.29 -32.65
N ARG A 115 10.70 27.56 -32.35
CA ARG A 115 12.04 28.14 -32.28
C ARG A 115 12.87 27.45 -31.20
N CYS A 116 12.32 27.34 -29.99
CA CYS A 116 13.02 26.72 -28.88
C CYS A 116 13.40 25.27 -29.15
N VAL A 117 12.46 24.53 -29.72
CA VAL A 117 12.69 23.12 -30.00
C VAL A 117 13.61 22.91 -31.20
N ASN A 118 13.23 23.46 -32.34
CA ASN A 118 14.01 23.30 -33.56
C ASN A 118 15.37 23.99 -33.58
N ASP A 119 15.44 25.22 -33.09
CA ASP A 119 16.70 25.95 -33.12
C ASP A 119 17.48 26.00 -31.82
N LEU A 120 16.80 25.88 -30.68
CA LEU A 120 17.49 25.92 -29.39
C LEU A 120 17.64 24.56 -28.72
N GLY A 121 17.03 23.55 -29.31
CA GLY A 121 17.13 22.21 -28.76
C GLY A 121 16.38 21.98 -27.45
N PHE A 122 15.37 22.81 -27.18
CA PHE A 122 14.58 22.64 -25.96
C PHE A 122 13.81 21.33 -26.04
N VAL A 123 13.58 20.70 -24.90
CA VAL A 123 12.90 19.41 -24.89
C VAL A 123 11.43 19.40 -24.48
N GLY A 124 10.84 20.58 -24.40
CA GLY A 124 9.44 20.66 -24.02
C GLY A 124 9.06 22.08 -23.62
N ALA A 125 7.88 22.22 -23.01
CA ALA A 125 7.42 23.52 -22.58
C ALA A 125 6.83 23.43 -21.18
N LEU A 126 6.97 24.51 -20.41
CA LEU A 126 6.41 24.57 -19.07
C LEU A 126 5.61 25.86 -19.01
N VAL A 127 4.32 25.71 -18.72
CA VAL A 127 3.40 26.84 -18.65
C VAL A 127 2.71 26.86 -17.30
N ASN A 128 2.69 28.02 -16.67
CA ASN A 128 2.07 28.18 -15.35
C ASN A 128 0.57 28.42 -15.41
N GLY A 129 -0.17 27.39 -15.78
CA GLY A 129 -1.62 27.50 -15.84
C GLY A 129 -2.16 28.45 -16.89
N PHE A 130 -3.38 28.93 -16.66
CA PHE A 130 -4.07 29.83 -17.57
C PHE A 130 -3.30 31.12 -17.85
N SER A 131 -3.62 31.74 -18.98
CA SER A 131 -2.98 32.99 -19.37
C SER A 131 -3.93 34.15 -19.15
N GLN A 132 -3.37 35.34 -19.01
CA GLN A 132 -4.15 36.58 -18.86
C GLN A 132 -3.82 37.33 -20.14
N GLU A 133 -4.81 38.00 -20.72
CA GLU A 133 -4.59 38.75 -21.96
C GLU A 133 -5.50 39.98 -22.01
N GLY A 134 -5.02 41.04 -22.68
CA GLY A 134 -5.82 42.25 -22.79
C GLY A 134 -6.02 42.89 -21.44
N ASP A 135 -7.27 42.91 -20.97
CA ASP A 135 -7.57 43.49 -19.66
C ASP A 135 -7.09 42.52 -18.57
N GLY A 136 -6.78 41.30 -18.97
CA GLY A 136 -6.27 40.30 -18.05
C GLY A 136 -7.21 39.83 -16.94
N GLN A 137 -8.51 40.09 -17.10
CA GLN A 137 -9.48 39.71 -16.09
C GLN A 137 -10.19 38.38 -16.33
N THR A 138 -9.76 37.65 -17.36
CA THR A 138 -10.37 36.37 -17.69
C THR A 138 -9.32 35.28 -17.81
N PRO A 139 -9.43 34.22 -16.98
CA PRO A 139 -8.43 33.14 -17.07
C PRO A 139 -8.62 32.40 -18.40
N LEU A 140 -7.57 32.32 -19.19
CA LEU A 140 -7.65 31.63 -20.47
C LEU A 140 -7.10 30.22 -20.35
N TYR A 141 -8.00 29.24 -20.41
CA TYR A 141 -7.63 27.84 -20.29
C TYR A 141 -7.32 27.24 -21.66
N TYR A 142 -6.38 26.29 -21.69
CA TYR A 142 -5.94 25.72 -22.96
C TYR A 142 -6.80 24.66 -23.63
N ASP A 143 -8.01 24.44 -23.11
CA ASP A 143 -8.93 23.49 -23.72
C ASP A 143 -9.77 24.27 -24.73
N LEU A 144 -9.66 25.59 -24.68
CA LEU A 144 -10.42 26.47 -25.59
C LEU A 144 -10.03 26.22 -27.04
N PRO A 145 -10.99 26.40 -27.97
CA PRO A 145 -10.80 26.21 -29.41
C PRO A 145 -9.58 26.88 -30.04
N GLN A 146 -9.31 28.13 -29.65
CA GLN A 146 -8.19 28.85 -30.23
C GLN A 146 -6.83 28.20 -30.01
N TYR A 147 -6.73 27.27 -29.07
CA TYR A 147 -5.47 26.60 -28.79
C TYR A 147 -5.26 25.26 -29.48
N ARG A 148 -6.27 24.77 -30.19
CA ARG A 148 -6.14 23.48 -30.86
C ARG A 148 -4.98 23.45 -31.84
N PRO A 149 -4.78 24.52 -32.63
CA PRO A 149 -3.65 24.52 -33.57
C PRO A 149 -2.34 24.36 -32.83
N PHE A 150 -2.22 25.07 -31.71
CA PHE A 150 -1.03 25.01 -30.87
C PHE A 150 -0.76 23.57 -30.44
N TRP A 151 -1.79 22.92 -29.89
CA TRP A 151 -1.65 21.53 -29.44
C TRP A 151 -1.25 20.60 -30.58
N GLY A 152 -1.77 20.88 -31.77
CA GLY A 152 -1.45 20.06 -32.92
C GLY A 152 0.05 20.15 -33.20
N GLU A 153 0.61 21.33 -32.99
CA GLU A 153 2.04 21.54 -33.22
C GLU A 153 2.84 20.90 -32.09
N VAL A 154 2.31 20.94 -30.88
CA VAL A 154 3.00 20.33 -29.74
C VAL A 154 3.12 18.85 -30.03
N GLU A 155 2.04 18.26 -30.54
CA GLU A 155 2.04 16.84 -30.86
C GLU A 155 3.00 16.55 -32.01
N LYS A 156 3.01 17.42 -33.01
CA LYS A 156 3.89 17.24 -34.16
C LYS A 156 5.36 17.28 -33.75
N LEU A 157 5.72 18.28 -32.94
CA LEU A 157 7.09 18.41 -32.46
C LEU A 157 7.41 17.24 -31.54
N ASP A 158 6.36 16.68 -30.95
CA ASP A 158 6.49 15.54 -30.04
C ASP A 158 7.36 15.83 -28.82
N VAL A 159 7.00 16.88 -28.09
CA VAL A 159 7.71 17.26 -26.87
C VAL A 159 6.64 17.42 -25.78
N PRO A 160 6.96 17.05 -24.54
CA PRO A 160 5.99 17.16 -23.45
C PRO A 160 5.61 18.59 -23.10
N PHE A 161 4.47 18.74 -22.42
CA PHE A 161 3.98 20.03 -21.98
C PHE A 161 3.75 19.91 -20.48
N TYR A 162 4.50 20.67 -19.70
CA TYR A 162 4.41 20.64 -18.24
C TYR A 162 3.41 21.71 -17.81
N LEU A 163 2.26 21.27 -17.31
CA LEU A 163 1.22 22.19 -16.85
C LEU A 163 1.52 22.48 -15.38
N HIS A 164 2.21 23.59 -15.16
CA HIS A 164 2.64 24.03 -13.83
C HIS A 164 1.59 24.93 -13.18
N PRO A 165 1.61 25.04 -11.83
CA PRO A 165 0.63 25.88 -11.14
C PRO A 165 0.81 27.39 -11.21
N ARG A 166 -0.25 28.08 -10.79
CA ARG A 166 -0.31 29.53 -10.66
C ARG A 166 -1.52 29.74 -9.78
N ASN A 167 -1.62 30.88 -9.13
CA ASN A 167 -2.79 31.15 -8.30
C ASN A 167 -3.92 31.66 -9.17
N PRO A 168 -5.17 31.46 -8.73
CA PRO A 168 -6.30 31.95 -9.53
C PRO A 168 -6.33 33.47 -9.36
N LEU A 169 -7.12 34.16 -10.18
CA LEU A 169 -7.24 35.60 -10.06
C LEU A 169 -8.04 35.90 -8.78
N PRO A 170 -7.87 37.09 -8.20
CA PRO A 170 -8.57 37.49 -6.98
C PRO A 170 -10.09 37.25 -6.99
N GLN A 171 -10.75 37.66 -8.07
CA GLN A 171 -12.19 37.49 -8.17
C GLN A 171 -12.59 36.01 -8.25
N ASP A 172 -11.60 35.17 -8.51
CA ASP A 172 -11.85 33.73 -8.58
C ASP A 172 -11.22 33.04 -7.39
N SER A 173 -11.01 33.80 -6.31
CA SER A 173 -10.39 33.28 -5.10
C SER A 173 -11.13 33.58 -3.80
N ARG A 174 -12.41 33.94 -3.88
CA ARG A 174 -13.16 34.25 -2.67
C ARG A 174 -13.17 33.14 -1.61
N ILE A 175 -13.05 31.90 -2.05
CA ILE A 175 -13.07 30.79 -1.09
C ILE A 175 -11.85 30.90 -0.18
N TYR A 176 -10.82 31.61 -0.62
CA TYR A 176 -9.61 31.78 0.18
C TYR A 176 -9.56 33.14 0.88
N ASP A 177 -10.61 33.95 0.73
CA ASP A 177 -10.63 35.26 1.36
C ASP A 177 -10.43 35.15 2.87
N GLY A 178 -9.44 35.88 3.38
CA GLY A 178 -9.13 35.85 4.80
C GLY A 178 -8.11 34.78 5.12
N HIS A 179 -7.78 33.96 4.11
CA HIS A 179 -6.82 32.87 4.28
C HIS A 179 -5.75 32.87 3.20
N PRO A 180 -4.90 33.90 3.16
CA PRO A 180 -3.84 33.97 2.15
C PRO A 180 -2.87 32.80 2.24
N TRP A 181 -2.81 32.17 3.40
CA TRP A 181 -1.95 31.03 3.64
C TRP A 181 -2.45 29.76 2.94
N LEU A 182 -3.65 29.84 2.36
CA LEU A 182 -4.21 28.68 1.64
C LEU A 182 -3.93 28.81 0.14
N LEU A 183 -3.48 29.99 -0.29
CA LEU A 183 -3.13 30.21 -1.68
C LEU A 183 -1.75 29.60 -1.87
N GLY A 184 -1.29 29.53 -3.11
CA GLY A 184 0.02 28.97 -3.38
C GLY A 184 0.17 27.47 -3.21
N PRO A 185 1.38 27.01 -2.84
CA PRO A 185 1.67 25.59 -2.66
C PRO A 185 0.89 24.86 -1.57
N THR A 186 0.31 25.60 -0.63
CA THR A 186 -0.45 24.96 0.43
C THR A 186 -1.68 24.26 -0.13
N TRP A 187 -2.37 24.89 -1.09
CA TRP A 187 -3.55 24.28 -1.69
C TRP A 187 -4.01 24.84 -3.03
N ALA A 188 -4.20 26.16 -3.10
CA ALA A 188 -4.68 26.80 -4.33
C ALA A 188 -3.97 26.35 -5.61
N PHE A 189 -2.66 26.18 -5.54
CA PHE A 189 -1.90 25.72 -6.70
C PHE A 189 -2.43 24.40 -7.25
N ALA A 190 -2.67 23.46 -6.34
CA ALA A 190 -3.15 22.13 -6.73
C ALA A 190 -4.54 22.16 -7.34
N GLN A 191 -5.47 22.86 -6.68
CA GLN A 191 -6.83 22.97 -7.18
C GLN A 191 -6.84 23.55 -8.58
N GLU A 192 -6.16 24.68 -8.75
CA GLU A 192 -6.09 25.36 -10.03
C GLU A 192 -5.56 24.46 -11.15
N THR A 193 -4.49 23.73 -10.85
CA THR A 193 -3.85 22.87 -11.83
C THR A 193 -4.61 21.58 -12.13
N ALA A 194 -5.15 20.96 -11.09
CA ALA A 194 -5.91 19.72 -11.26
C ALA A 194 -7.11 19.97 -12.18
N VAL A 195 -7.84 21.05 -11.93
CA VAL A 195 -9.01 21.36 -12.75
C VAL A 195 -8.60 21.71 -14.18
N HIS A 196 -7.52 22.46 -14.35
CA HIS A 196 -7.07 22.81 -15.69
C HIS A 196 -6.80 21.52 -16.46
N ALA A 197 -6.15 20.58 -15.80
CA ALA A 197 -5.85 19.29 -16.42
C ALA A 197 -7.15 18.56 -16.77
N LEU A 198 -8.13 18.60 -15.87
CA LEU A 198 -9.40 17.93 -16.12
C LEU A 198 -10.12 18.59 -17.30
N ARG A 199 -10.00 19.90 -17.41
CA ARG A 199 -10.64 20.61 -18.54
C ARG A 199 -10.05 20.09 -19.84
N LEU A 200 -8.73 19.94 -19.89
CA LEU A 200 -8.07 19.43 -21.11
C LEU A 200 -8.63 18.06 -21.46
N MET A 201 -8.70 17.18 -20.46
CA MET A 201 -9.20 15.83 -20.68
C MET A 201 -10.65 15.84 -21.17
N ALA A 202 -11.51 16.54 -20.46
CA ALA A 202 -12.94 16.59 -20.80
C ALA A 202 -13.21 17.15 -22.20
N SER A 203 -12.37 18.09 -22.64
CA SER A 203 -12.54 18.74 -23.94
C SER A 203 -12.37 17.82 -25.15
N GLY A 204 -11.80 16.64 -24.94
CA GLY A 204 -11.58 15.72 -26.04
C GLY A 204 -10.26 15.97 -26.74
N LEU A 205 -9.45 16.85 -26.16
CA LEU A 205 -8.15 17.19 -26.72
C LEU A 205 -7.30 15.96 -27.00
N PHE A 206 -7.34 14.99 -26.10
CA PHE A 206 -6.54 13.79 -26.26
C PHE A 206 -7.12 12.74 -27.20
N ASP A 207 -8.31 12.99 -27.74
CA ASP A 207 -8.90 12.09 -28.72
C ASP A 207 -8.32 12.61 -30.05
N GLU A 208 -8.31 13.95 -30.17
CA GLU A 208 -7.80 14.63 -31.37
C GLU A 208 -6.29 14.52 -31.48
N HIS A 209 -5.62 14.57 -30.34
CA HIS A 209 -4.15 14.51 -30.32
C HIS A 209 -3.74 13.53 -29.22
N PRO A 210 -3.92 12.22 -29.47
CA PRO A 210 -3.59 11.16 -28.53
C PRO A 210 -2.10 10.96 -28.17
N ARG A 211 -1.20 11.55 -28.95
CA ARG A 211 0.22 11.38 -28.66
C ARG A 211 0.79 12.44 -27.74
N LEU A 212 -0.05 13.35 -27.27
CA LEU A 212 0.39 14.41 -26.37
C LEU A 212 0.83 13.83 -25.03
N ASN A 213 1.86 14.43 -24.45
CA ASN A 213 2.37 14.02 -23.16
C ASN A 213 2.29 15.23 -22.25
N ILE A 214 1.42 15.17 -21.25
CA ILE A 214 1.27 16.28 -20.31
C ILE A 214 1.91 15.86 -19.00
N ILE A 215 2.60 16.78 -18.36
CA ILE A 215 3.24 16.49 -17.08
C ILE A 215 2.69 17.39 -15.99
N LEU A 216 2.47 16.81 -14.81
CA LEU A 216 1.96 17.56 -13.67
C LEU A 216 2.92 17.32 -12.51
N GLY A 217 3.20 18.34 -11.73
CA GLY A 217 4.09 18.17 -10.60
C GLY A 217 3.28 17.91 -9.34
N HIS A 218 3.96 17.93 -8.19
CA HIS A 218 3.31 17.75 -6.90
C HIS A 218 2.42 16.51 -6.86
N MET A 219 2.93 15.43 -7.45
CA MET A 219 2.26 14.14 -7.51
C MET A 219 0.85 14.15 -8.11
N GLY A 220 0.67 14.90 -9.18
CA GLY A 220 -0.62 14.94 -9.84
C GLY A 220 -1.62 15.93 -9.29
N GLU A 221 -1.15 16.85 -8.46
CA GLU A 221 -2.00 17.89 -7.87
C GLU A 221 -3.25 17.33 -7.19
N GLY A 222 -3.11 16.14 -6.61
CA GLY A 222 -4.21 15.51 -5.90
C GLY A 222 -5.10 14.55 -6.69
N LEU A 223 -4.94 14.54 -8.01
CA LEU A 223 -5.75 13.70 -8.88
C LEU A 223 -5.82 12.19 -8.64
N PRO A 224 -4.68 11.53 -8.46
CA PRO A 224 -4.71 10.08 -8.24
C PRO A 224 -5.68 9.58 -7.16
N TYR A 225 -5.65 10.22 -6.01
CA TYR A 225 -6.51 9.83 -4.88
C TYR A 225 -8.02 9.87 -5.17
N MET A 226 -8.43 10.83 -6.00
CA MET A 226 -9.84 11.00 -6.33
C MET A 226 -10.22 10.57 -7.74
N MET A 227 -9.26 10.04 -8.50
CA MET A 227 -9.54 9.65 -9.88
C MET A 227 -10.71 8.68 -10.07
N TRP A 228 -10.85 7.69 -9.18
CA TRP A 228 -11.96 6.76 -9.30
C TRP A 228 -13.28 7.51 -9.21
N ARG A 229 -13.41 8.35 -8.18
CA ARG A 229 -14.63 9.13 -7.95
C ARG A 229 -14.95 10.06 -9.11
N ILE A 230 -13.92 10.68 -9.69
CA ILE A 230 -14.11 11.59 -10.81
C ILE A 230 -14.93 10.95 -11.94
N ASP A 231 -14.68 9.67 -12.20
CA ASP A 231 -15.42 8.96 -13.25
C ASP A 231 -16.61 8.17 -12.73
N HIS A 232 -16.43 7.50 -11.60
CA HIS A 232 -17.46 6.62 -11.05
C HIS A 232 -18.49 7.15 -10.05
N ARG A 233 -18.45 8.44 -9.71
CA ARG A 233 -19.45 8.96 -8.78
C ARG A 233 -20.83 8.66 -9.36
N ASN A 234 -21.81 8.39 -8.49
CA ASN A 234 -23.17 8.08 -8.91
C ASN A 234 -23.20 7.06 -10.04
N ALA A 235 -22.44 5.98 -9.88
CA ALA A 235 -22.35 4.95 -10.92
C ALA A 235 -23.68 4.27 -11.28
N TRP A 236 -24.66 4.32 -10.39
CA TRP A 236 -25.94 3.68 -10.69
C TRP A 236 -26.65 4.34 -11.87
N VAL A 237 -26.26 5.57 -12.20
CA VAL A 237 -26.86 6.26 -13.34
C VAL A 237 -26.14 5.76 -14.57
N LYS A 238 -26.79 4.86 -15.31
CA LYS A 238 -26.21 4.26 -16.50
C LYS A 238 -26.40 5.09 -17.76
N LEU A 239 -25.89 6.31 -17.75
CA LEU A 239 -25.96 7.20 -18.89
C LEU A 239 -24.56 7.77 -19.10
N PRO A 240 -24.13 7.89 -20.36
CA PRO A 240 -22.80 8.42 -20.66
C PRO A 240 -22.58 9.84 -20.16
N PRO A 241 -21.33 10.21 -19.88
CA PRO A 241 -21.00 11.55 -19.40
C PRO A 241 -21.39 12.60 -20.44
N ARG A 242 -21.53 13.84 -20.00
CA ARG A 242 -21.93 14.93 -20.89
C ARG A 242 -20.81 15.69 -21.61
N TYR A 243 -19.57 15.49 -21.20
CA TYR A 243 -18.46 16.18 -21.85
C TYR A 243 -18.24 15.64 -23.26
N PRO A 244 -17.54 16.42 -24.11
CA PRO A 244 -17.28 15.99 -25.49
C PRO A 244 -16.28 14.86 -25.67
N ALA A 245 -15.39 14.64 -24.70
CA ALA A 245 -14.40 13.57 -24.81
C ALA A 245 -15.09 12.22 -24.99
N LYS A 246 -14.48 11.34 -25.77
CA LYS A 246 -15.06 10.03 -26.04
C LYS A 246 -14.88 8.99 -24.94
N ARG A 247 -13.87 9.16 -24.09
CA ARG A 247 -13.63 8.18 -23.04
C ARG A 247 -13.68 8.75 -21.62
N ARG A 248 -13.06 8.05 -20.68
CA ARG A 248 -13.07 8.46 -19.27
C ARG A 248 -11.84 9.26 -18.84
N PHE A 249 -12.00 10.08 -17.80
CA PHE A 249 -10.89 10.87 -17.29
C PHE A 249 -9.73 9.95 -16.95
N MET A 250 -10.04 8.81 -16.34
CA MET A 250 -8.98 7.88 -15.98
C MET A 250 -8.19 7.41 -17.20
N ASP A 251 -8.85 7.30 -18.35
CA ASP A 251 -8.19 6.85 -19.57
C ASP A 251 -7.15 7.87 -20.04
N TYR A 252 -7.54 9.14 -20.06
CA TYR A 252 -6.62 10.18 -20.50
C TYR A 252 -5.51 10.39 -19.49
N PHE A 253 -5.85 10.29 -18.21
CA PHE A 253 -4.85 10.46 -17.16
C PHE A 253 -3.80 9.35 -17.27
N ASN A 254 -4.29 8.12 -17.43
CA ASN A 254 -3.41 6.95 -17.54
C ASN A 254 -2.57 6.93 -18.82
N GLU A 255 -3.12 7.46 -19.91
CA GLU A 255 -2.44 7.43 -21.20
C GLU A 255 -1.70 8.68 -21.65
N ASN A 256 -2.13 9.85 -21.18
CA ASN A 256 -1.51 11.09 -21.62
C ASN A 256 -0.76 11.90 -20.57
N PHE A 257 -0.80 11.46 -19.32
CA PHE A 257 -0.14 12.21 -18.27
C PHE A 257 0.99 11.48 -17.56
N HIS A 258 1.86 12.28 -16.95
CA HIS A 258 2.99 11.82 -16.17
C HIS A 258 2.97 12.77 -14.97
N ILE A 259 3.34 12.31 -13.79
CA ILE A 259 3.35 13.18 -12.63
C ILE A 259 4.76 13.13 -12.02
N THR A 260 5.16 14.21 -11.37
CA THR A 260 6.48 14.26 -10.74
C THR A 260 6.33 14.38 -9.23
N THR A 261 7.43 14.10 -8.54
CA THR A 261 7.45 14.15 -7.07
C THR A 261 7.78 15.55 -6.54
N SER A 262 7.74 16.55 -7.41
CA SER A 262 8.07 17.91 -6.97
C SER A 262 7.28 18.36 -5.74
N GLY A 263 8.00 18.87 -4.74
CA GLY A 263 7.36 19.35 -3.52
C GLY A 263 6.34 18.44 -2.85
N ASN A 264 6.47 17.13 -3.03
CA ASN A 264 5.54 16.19 -2.41
C ASN A 264 6.31 14.91 -2.06
N PHE A 265 7.24 15.06 -1.12
CA PHE A 265 8.11 13.99 -0.65
C PHE A 265 7.39 13.18 0.41
N ARG A 266 6.36 12.45 -0.03
CA ARG A 266 5.53 11.67 0.88
C ARG A 266 5.40 10.25 0.35
N THR A 267 5.92 9.28 1.08
CA THR A 267 5.85 7.90 0.65
C THR A 267 4.44 7.36 0.47
N GLN A 268 3.54 7.67 1.41
CA GLN A 268 2.16 7.18 1.27
C GLN A 268 1.56 7.65 -0.05
N THR A 269 1.82 8.90 -0.39
CA THR A 269 1.31 9.51 -1.62
C THR A 269 1.89 8.80 -2.84
N LEU A 270 3.19 8.50 -2.80
CA LEU A 270 3.85 7.82 -3.90
C LEU A 270 3.26 6.41 -4.09
N ILE A 271 2.98 5.72 -2.99
CA ILE A 271 2.41 4.38 -3.07
C ILE A 271 1.03 4.44 -3.72
N ASP A 272 0.20 5.37 -3.30
CA ASP A 272 -1.13 5.50 -3.88
C ASP A 272 -0.98 5.74 -5.40
N ALA A 273 -0.11 6.67 -5.78
CA ALA A 273 0.12 6.98 -7.20
C ALA A 273 0.58 5.77 -7.97
N ILE A 274 1.45 4.98 -7.37
CA ILE A 274 1.97 3.78 -8.02
C ILE A 274 0.83 2.79 -8.31
N LEU A 275 -0.14 2.75 -7.41
CA LEU A 275 -1.27 1.84 -7.57
C LEU A 275 -2.41 2.44 -8.39
N GLU A 276 -2.22 3.68 -8.85
CA GLU A 276 -3.24 4.36 -9.65
C GLU A 276 -2.77 4.67 -11.07
N ILE A 277 -1.61 5.30 -11.21
CA ILE A 277 -1.10 5.62 -12.54
C ILE A 277 0.07 4.71 -12.93
N GLY A 278 0.71 4.09 -11.94
CA GLY A 278 1.83 3.20 -12.22
C GLY A 278 3.19 3.86 -12.15
N ALA A 279 4.18 3.11 -11.68
CA ALA A 279 5.54 3.63 -11.56
C ALA A 279 6.13 4.11 -12.89
N ASP A 280 5.66 3.56 -14.00
CA ASP A 280 6.19 3.97 -15.30
C ASP A 280 5.86 5.41 -15.65
N ARG A 281 4.89 6.00 -14.94
CA ARG A 281 4.49 7.38 -15.23
C ARG A 281 4.70 8.37 -14.08
N ILE A 282 5.64 8.05 -13.20
CA ILE A 282 5.97 8.92 -12.08
C ILE A 282 7.44 9.28 -12.27
N LEU A 283 7.75 10.57 -12.13
CA LEU A 283 9.10 11.08 -12.33
C LEU A 283 9.63 11.86 -11.13
N PHE A 284 10.91 11.67 -10.84
CA PHE A 284 11.54 12.41 -9.75
C PHE A 284 11.66 13.88 -10.19
N SER A 285 11.53 14.79 -9.24
CA SER A 285 11.67 16.24 -9.44
C SER A 285 11.69 16.86 -8.05
N THR A 286 12.26 18.05 -7.91
CA THR A 286 12.39 18.66 -6.58
C THR A 286 11.59 19.93 -6.31
N ASP A 287 11.51 20.79 -7.33
CA ASP A 287 10.84 22.08 -7.26
C ASP A 287 11.81 23.11 -6.71
N TRP A 288 13.11 22.81 -6.82
CA TRP A 288 14.14 23.74 -6.40
C TRP A 288 13.87 24.99 -7.24
N PRO A 289 14.16 26.18 -6.72
CA PRO A 289 14.71 26.50 -5.40
C PRO A 289 13.68 26.69 -4.30
N PHE A 290 12.42 26.37 -4.61
CA PHE A 290 11.34 26.50 -3.64
C PHE A 290 11.39 25.36 -2.62
N GLU A 291 12.07 24.28 -2.99
CA GLU A 291 12.27 23.12 -2.11
C GLU A 291 13.76 22.82 -2.15
N ASN A 292 14.32 22.37 -1.02
CA ASN A 292 15.73 22.03 -0.97
C ASN A 292 16.00 20.75 -1.75
N ILE A 293 17.03 20.75 -2.58
CA ILE A 293 17.37 19.56 -3.35
C ILE A 293 17.69 18.38 -2.45
N ASP A 294 18.38 18.62 -1.33
CA ASP A 294 18.72 17.52 -0.44
C ASP A 294 17.46 16.91 0.18
N HIS A 295 16.45 17.74 0.42
CA HIS A 295 15.19 17.25 0.98
C HIS A 295 14.56 16.26 0.01
N ALA A 296 14.49 16.65 -1.27
CA ALA A 296 13.90 15.81 -2.30
C ALA A 296 14.68 14.53 -2.52
N SER A 297 15.99 14.67 -2.69
CA SER A 297 16.85 13.51 -2.92
C SER A 297 16.92 12.54 -1.76
N ASP A 298 17.10 13.05 -0.54
CA ASP A 298 17.18 12.16 0.61
C ASP A 298 15.90 11.34 0.74
N TRP A 299 14.76 12.00 0.58
CA TRP A 299 13.50 11.29 0.68
C TRP A 299 13.36 10.24 -0.43
N PHE A 300 13.61 10.64 -1.67
CA PHE A 300 13.47 9.71 -2.78
C PHE A 300 14.44 8.53 -2.73
N ASN A 301 15.66 8.77 -2.26
CA ASN A 301 16.63 7.68 -2.17
C ASN A 301 16.16 6.59 -1.22
N ALA A 302 15.39 6.98 -0.21
CA ALA A 302 14.91 6.04 0.80
C ALA A 302 13.45 5.62 0.74
N THR A 303 12.65 6.24 -0.12
CA THR A 303 11.24 5.88 -0.17
C THR A 303 11.01 4.38 -0.42
N SER A 304 9.94 3.87 0.18
CA SER A 304 9.56 2.46 0.15
C SER A 304 8.99 1.88 -1.14
N ILE A 305 9.83 1.75 -2.16
CA ILE A 305 9.41 1.20 -3.45
C ILE A 305 10.47 0.23 -3.92
N ALA A 306 10.15 -0.54 -4.96
CA ALA A 306 11.10 -1.50 -5.50
C ALA A 306 12.30 -0.75 -6.06
N GLU A 307 13.49 -1.30 -5.88
CA GLU A 307 14.68 -0.65 -6.39
C GLU A 307 14.58 -0.43 -7.89
N ALA A 308 13.94 -1.38 -8.60
CA ALA A 308 13.79 -1.25 -10.05
C ALA A 308 12.94 -0.02 -10.37
N ASP A 309 11.95 0.28 -9.53
CA ASP A 309 11.11 1.46 -9.74
C ASP A 309 11.84 2.72 -9.32
N ARG A 310 12.76 2.60 -8.36
CA ARG A 310 13.51 3.78 -7.94
C ARG A 310 14.36 4.23 -9.13
N VAL A 311 14.91 3.28 -9.87
CA VAL A 311 15.71 3.59 -11.05
C VAL A 311 14.84 4.23 -12.13
N LYS A 312 13.66 3.67 -12.36
CA LYS A 312 12.76 4.20 -13.38
C LYS A 312 12.28 5.61 -13.03
N ILE A 313 11.71 5.77 -11.83
CA ILE A 313 11.21 7.07 -11.40
C ILE A 313 12.32 8.10 -11.25
N GLY A 314 13.48 7.67 -10.77
CA GLY A 314 14.56 8.60 -10.60
C GLY A 314 15.32 8.96 -11.85
N ARG A 315 15.28 8.10 -12.87
CA ARG A 315 16.04 8.38 -14.08
C ARG A 315 15.54 7.90 -15.44
N THR A 316 15.32 6.60 -15.60
CA THR A 316 14.93 6.08 -16.90
C THR A 316 13.56 6.48 -17.48
N ASN A 317 12.57 6.78 -16.64
CA ASN A 317 11.28 7.21 -17.19
C ASN A 317 11.50 8.53 -17.93
N ALA A 318 12.25 9.44 -17.28
CA ALA A 318 12.52 10.75 -17.86
C ALA A 318 13.39 10.65 -19.12
N ARG A 319 14.45 9.84 -19.05
CA ARG A 319 15.33 9.69 -20.22
C ARG A 319 14.52 9.14 -21.39
N ARG A 320 13.55 8.29 -21.10
CA ARG A 320 12.72 7.72 -22.14
C ARG A 320 11.74 8.76 -22.68
N LEU A 321 11.08 9.46 -21.76
CA LEU A 321 10.12 10.49 -22.13
C LEU A 321 10.74 11.60 -22.98
N PHE A 322 11.93 12.05 -22.62
CA PHE A 322 12.58 13.11 -23.37
C PHE A 322 13.56 12.62 -24.43
N LYS A 323 13.45 11.34 -24.78
CA LYS A 323 14.31 10.73 -25.79
C LYS A 323 15.79 11.05 -25.61
N LEU A 324 16.32 10.75 -24.43
CA LEU A 324 17.72 11.04 -24.16
C LEU A 324 18.65 9.86 -24.44
N ASP A 325 18.09 8.75 -24.90
CA ASP A 325 18.89 7.57 -25.21
C ASP A 325 19.02 7.37 -26.73
N MET B 1 -20.16 -8.34 5.49
CA MET B 1 -20.26 -7.86 6.90
C MET B 1 -21.67 -7.39 7.25
N GLN B 2 -22.13 -7.75 8.44
CA GLN B 2 -23.45 -7.36 8.91
C GLN B 2 -23.28 -6.35 10.04
N GLY B 3 -24.38 -5.70 10.42
CA GLY B 3 -24.33 -4.73 11.50
C GLY B 3 -23.54 -3.46 11.23
N LYS B 4 -23.42 -3.08 9.97
CA LYS B 4 -22.68 -1.87 9.62
C LYS B 4 -23.48 -0.62 9.98
N VAL B 5 -22.77 0.50 10.11
CA VAL B 5 -23.38 1.78 10.40
C VAL B 5 -23.02 2.67 9.20
N ALA B 6 -24.01 3.36 8.64
CA ALA B 6 -23.79 4.24 7.49
C ALA B 6 -24.27 5.62 7.93
N LEU B 7 -23.52 6.67 7.62
CA LEU B 7 -23.91 8.01 8.06
C LEU B 7 -23.93 9.18 7.08
N GLU B 8 -23.91 8.89 5.78
CA GLU B 8 -24.07 9.96 4.80
C GLU B 8 -25.16 9.37 3.93
N GLU B 9 -26.36 9.32 4.51
CA GLU B 9 -27.53 8.72 3.88
C GLU B 9 -28.61 9.81 3.91
N HIS B 10 -29.03 10.23 2.73
CA HIS B 10 -29.97 11.34 2.62
C HIS B 10 -31.43 11.05 2.32
N PHE B 11 -32.25 12.04 2.65
CA PHE B 11 -33.69 12.00 2.42
C PHE B 11 -34.06 13.45 2.14
N ALA B 12 -35.29 13.67 1.67
CA ALA B 12 -35.73 15.03 1.39
C ALA B 12 -37.19 15.20 1.80
N ILE B 13 -37.58 16.45 1.99
CA ILE B 13 -38.96 16.78 2.31
C ILE B 13 -39.43 17.51 1.06
N PRO B 14 -40.75 17.59 0.83
CA PRO B 14 -41.24 18.29 -0.36
C PRO B 14 -40.56 19.64 -0.60
N GLU B 15 -40.36 20.40 0.47
CA GLU B 15 -39.76 21.73 0.38
C GLU B 15 -38.31 21.80 -0.10
N THR B 16 -37.59 20.68 -0.03
CA THR B 16 -36.20 20.67 -0.46
C THR B 16 -35.94 19.71 -1.62
N LEU B 17 -36.96 18.95 -1.99
CA LEU B 17 -36.84 17.97 -3.06
C LEU B 17 -36.18 18.50 -4.33
N GLN B 18 -36.65 19.64 -4.84
CA GLN B 18 -36.10 20.19 -6.07
C GLN B 18 -34.61 20.49 -6.07
N ASP B 19 -34.00 20.58 -4.88
CA ASP B 19 -32.57 20.85 -4.80
C ASP B 19 -31.73 19.76 -5.45
N SER B 20 -32.28 18.54 -5.51
CA SER B 20 -31.57 17.41 -6.08
C SER B 20 -31.90 17.16 -7.55
N ALA B 21 -32.84 17.94 -8.07
CA ALA B 21 -33.29 17.79 -9.46
C ALA B 21 -32.17 17.92 -10.51
N GLY B 22 -31.29 18.90 -10.33
CA GLY B 22 -30.23 19.10 -11.30
C GLY B 22 -28.99 18.23 -11.16
N PHE B 23 -29.07 17.16 -10.37
CA PHE B 23 -27.91 16.30 -10.18
C PHE B 23 -27.96 14.97 -10.90
N VAL B 24 -29.09 14.68 -11.56
CA VAL B 24 -29.24 13.44 -12.31
C VAL B 24 -30.02 13.73 -13.58
N PRO B 25 -29.80 12.92 -14.64
CA PRO B 25 -30.54 13.14 -15.89
C PRO B 25 -32.03 13.06 -15.64
N GLY B 26 -32.82 13.65 -16.53
CA GLY B 26 -34.26 13.64 -16.36
C GLY B 26 -34.86 12.24 -16.24
N ASP B 27 -34.30 11.29 -16.98
CA ASP B 27 -34.79 9.91 -16.96
C ASP B 27 -34.66 9.25 -15.59
N TYR B 28 -33.74 9.75 -14.77
CA TYR B 28 -33.52 9.19 -13.44
C TYR B 28 -34.13 10.04 -12.32
N TRP B 29 -34.69 11.18 -12.68
CA TRP B 29 -35.28 12.09 -11.71
C TRP B 29 -36.42 11.47 -10.89
N LYS B 30 -37.33 10.77 -11.56
CA LYS B 30 -38.45 10.14 -10.86
C LYS B 30 -37.94 9.16 -9.81
N GLU B 31 -36.97 8.34 -10.18
CA GLU B 31 -36.40 7.35 -9.25
C GLU B 31 -35.67 8.02 -8.08
N LEU B 32 -34.87 9.04 -8.37
CA LEU B 32 -34.15 9.73 -7.31
C LEU B 32 -35.12 10.33 -6.30
N GLN B 33 -36.22 10.89 -6.80
CA GLN B 33 -37.24 11.48 -5.94
C GLN B 33 -37.83 10.40 -5.04
N HIS B 34 -38.21 9.28 -5.63
CA HIS B 34 -38.78 8.18 -4.86
C HIS B 34 -37.82 7.78 -3.73
N ARG B 35 -36.55 7.62 -4.08
CA ARG B 35 -35.53 7.25 -3.11
C ARG B 35 -35.43 8.29 -1.99
N LEU B 36 -35.33 9.56 -2.36
CA LEU B 36 -35.20 10.64 -1.38
C LEU B 36 -36.38 10.71 -0.42
N LEU B 37 -37.57 10.39 -0.90
CA LEU B 37 -38.76 10.45 -0.06
C LEU B 37 -39.01 9.19 0.74
N ASP B 38 -38.44 8.07 0.28
CA ASP B 38 -38.61 6.80 0.97
C ASP B 38 -37.60 6.54 2.08
N ILE B 39 -38.11 6.19 3.26
CA ILE B 39 -37.26 5.89 4.40
C ILE B 39 -37.61 4.55 5.02
N GLN B 40 -38.91 4.30 5.20
CA GLN B 40 -39.38 3.08 5.83
C GLN B 40 -39.49 1.82 4.98
N ASP B 41 -39.59 1.95 3.66
CA ASP B 41 -39.77 0.77 2.84
C ASP B 41 -38.58 0.21 2.08
N THR B 42 -38.37 0.68 0.86
CA THR B 42 -37.25 0.17 0.06
C THR B 42 -35.91 0.39 0.74
N ARG B 43 -35.73 1.55 1.37
CA ARG B 43 -34.49 1.86 2.06
C ARG B 43 -34.16 0.83 3.13
N LEU B 44 -35.17 0.43 3.90
CA LEU B 44 -34.96 -0.55 4.96
C LEU B 44 -34.68 -1.94 4.38
N LYS B 45 -35.35 -2.28 3.29
CA LYS B 45 -35.13 -3.59 2.67
C LYS B 45 -33.70 -3.68 2.13
N LEU B 46 -33.19 -2.56 1.65
CA LEU B 46 -31.82 -2.52 1.12
C LEU B 46 -30.84 -2.65 2.28
N MET B 47 -31.17 -2.02 3.40
CA MET B 47 -30.32 -2.10 4.58
C MET B 47 -30.25 -3.55 5.07
N ASP B 48 -31.38 -4.23 5.09
CA ASP B 48 -31.43 -5.62 5.53
C ASP B 48 -30.66 -6.54 4.59
N ALA B 49 -30.73 -6.25 3.29
CA ALA B 49 -30.06 -7.06 2.30
C ALA B 49 -28.55 -6.79 2.23
N HIS B 50 -28.13 -5.63 2.71
CA HIS B 50 -26.72 -5.29 2.66
C HIS B 50 -26.02 -5.02 3.97
N GLY B 51 -26.42 -5.77 5.00
CA GLY B 51 -25.81 -5.68 6.31
C GLY B 51 -25.63 -4.33 6.98
N ILE B 52 -26.62 -3.45 6.85
CA ILE B 52 -26.57 -2.15 7.49
C ILE B 52 -27.61 -2.14 8.60
N GLU B 53 -27.14 -2.08 9.84
CA GLU B 53 -28.03 -2.07 10.98
C GLU B 53 -28.52 -0.66 11.30
N THR B 54 -27.59 0.28 11.29
CA THR B 54 -27.90 1.66 11.62
C THR B 54 -27.65 2.65 10.48
N MET B 55 -28.64 3.49 10.21
CA MET B 55 -28.49 4.52 9.19
C MET B 55 -28.75 5.86 9.85
N ILE B 56 -27.74 6.73 9.86
CA ILE B 56 -27.87 8.06 10.43
C ILE B 56 -28.26 8.95 9.27
N LEU B 57 -29.54 9.34 9.26
CA LEU B 57 -30.13 10.14 8.20
C LEU B 57 -29.85 11.65 8.24
N SER B 58 -29.89 12.26 7.06
CA SER B 58 -29.68 13.69 6.94
C SER B 58 -30.42 14.25 5.73
N LEU B 59 -30.87 15.49 5.85
CA LEU B 59 -31.58 16.17 4.77
C LEU B 59 -30.65 16.28 3.58
N ASN B 60 -31.21 16.44 2.38
CA ASN B 60 -30.42 16.55 1.16
C ASN B 60 -29.71 17.91 1.05
N ALA B 61 -29.08 18.17 -0.10
CA ALA B 61 -28.32 19.41 -0.29
C ALA B 61 -28.67 20.21 -1.54
N PRO B 62 -28.44 21.54 -1.51
CA PRO B 62 -27.89 22.31 -0.37
C PRO B 62 -28.93 22.61 0.71
N ALA B 63 -30.20 22.40 0.38
CA ALA B 63 -31.29 22.63 1.31
C ALA B 63 -31.21 23.95 2.08
N VAL B 64 -31.21 23.86 3.41
CA VAL B 64 -31.18 25.04 4.27
C VAL B 64 -30.04 26.02 4.00
N GLN B 65 -28.87 25.50 3.62
CA GLN B 65 -27.74 26.39 3.34
C GLN B 65 -27.99 27.28 2.13
N ALA B 66 -28.98 26.94 1.32
CA ALA B 66 -29.30 27.72 0.13
C ALA B 66 -30.53 28.62 0.30
N ILE B 67 -30.99 28.79 1.53
CA ILE B 67 -32.15 29.65 1.81
C ILE B 67 -31.65 30.96 2.41
N PRO B 68 -31.54 32.01 1.58
CA PRO B 68 -31.06 33.35 1.97
C PRO B 68 -31.82 34.06 3.10
N ASP B 69 -33.12 33.82 3.20
CA ASP B 69 -33.92 34.47 4.24
C ASP B 69 -33.84 33.71 5.56
N ARG B 70 -33.31 34.36 6.58
CA ARG B 70 -33.17 33.76 7.91
C ARG B 70 -34.44 33.11 8.42
N ARG B 71 -35.54 33.86 8.43
CA ARG B 71 -36.81 33.33 8.91
C ARG B 71 -37.20 32.07 8.18
N LYS B 72 -37.15 32.10 6.85
CA LYS B 72 -37.50 30.95 6.04
C LYS B 72 -36.57 29.78 6.33
N ALA B 73 -35.28 30.06 6.46
CA ALA B 73 -34.29 29.02 6.74
C ALA B 73 -34.58 28.31 8.04
N ILE B 74 -34.89 29.10 9.08
CA ILE B 74 -35.19 28.55 10.39
C ILE B 74 -36.44 27.68 10.31
N GLU B 75 -37.41 28.14 9.54
CA GLU B 75 -38.67 27.42 9.36
C GLU B 75 -38.45 26.06 8.70
N ILE B 76 -37.77 26.05 7.56
CA ILE B 76 -37.51 24.82 6.84
C ILE B 76 -36.64 23.87 7.65
N ALA B 77 -35.67 24.41 8.37
CA ALA B 77 -34.78 23.60 9.20
C ALA B 77 -35.60 22.87 10.27
N ARG B 78 -36.42 23.61 11.01
CA ARG B 78 -37.25 22.99 12.05
C ARG B 78 -38.19 21.94 11.45
N ARG B 79 -38.80 22.26 10.32
CA ARG B 79 -39.70 21.35 9.63
C ARG B 79 -38.99 20.04 9.29
N ALA B 80 -37.86 20.16 8.62
CA ALA B 80 -37.07 19.00 8.22
C ALA B 80 -36.66 18.18 9.42
N ASN B 81 -36.28 18.85 10.50
CA ASN B 81 -35.88 18.14 11.71
C ASN B 81 -37.06 17.45 12.39
N ASP B 82 -38.23 18.08 12.36
CA ASP B 82 -39.41 17.48 12.97
C ASP B 82 -39.80 16.24 12.18
N VAL B 83 -39.77 16.34 10.86
CA VAL B 83 -40.10 15.21 10.00
C VAL B 83 -39.13 14.07 10.26
N LEU B 84 -37.84 14.41 10.34
CA LEU B 84 -36.80 13.41 10.57
C LEU B 84 -36.98 12.68 11.90
N ALA B 85 -37.38 13.41 12.93
CA ALA B 85 -37.59 12.80 14.24
C ALA B 85 -38.79 11.85 14.14
N GLU B 86 -39.78 12.23 13.35
CA GLU B 86 -40.97 11.40 13.14
C GLU B 86 -40.62 10.08 12.47
N GLU B 87 -39.80 10.16 11.43
CA GLU B 87 -39.40 8.98 10.70
C GLU B 87 -38.53 8.02 11.53
N CYS B 88 -37.60 8.58 12.30
CA CYS B 88 -36.73 7.77 13.15
C CYS B 88 -37.55 7.02 14.21
N ALA B 89 -38.55 7.70 14.75
CA ALA B 89 -39.41 7.12 15.77
C ALA B 89 -40.17 5.90 15.26
N LYS B 90 -40.36 5.81 13.95
CA LYS B 90 -41.06 4.68 13.34
C LYS B 90 -40.19 3.43 13.35
N ARG B 91 -38.88 3.61 13.40
CA ARG B 91 -37.95 2.49 13.42
C ARG B 91 -36.69 2.93 14.16
N PRO B 92 -36.83 3.23 15.46
CA PRO B 92 -35.76 3.68 16.36
C PRO B 92 -34.59 2.72 16.53
N ASP B 93 -34.77 1.48 16.12
CA ASP B 93 -33.72 0.49 16.22
C ASP B 93 -32.83 0.48 14.98
N ARG B 94 -33.22 1.25 13.97
CA ARG B 94 -32.46 1.30 12.73
C ARG B 94 -32.06 2.71 12.26
N PHE B 95 -32.82 3.72 12.68
CA PHE B 95 -32.54 5.09 12.26
C PHE B 95 -32.16 6.09 13.34
N LEU B 96 -31.14 6.89 13.05
CA LEU B 96 -30.66 7.94 13.94
C LEU B 96 -30.68 9.20 13.09
N ALA B 97 -30.45 10.36 13.69
CA ALA B 97 -30.53 11.60 12.92
C ALA B 97 -29.48 12.68 13.12
N PHE B 98 -29.19 13.38 12.03
CA PHE B 98 -28.27 14.51 12.00
C PHE B 98 -29.19 15.72 11.85
N ALA B 99 -28.91 16.79 12.56
CA ALA B 99 -29.75 17.99 12.47
C ALA B 99 -29.43 18.86 11.27
N ALA B 100 -30.47 19.49 10.72
CA ALA B 100 -30.30 20.43 9.62
C ALA B 100 -30.26 21.75 10.38
N LEU B 101 -29.35 22.65 10.03
CA LEU B 101 -29.23 23.90 10.75
C LEU B 101 -29.29 25.18 9.92
N PRO B 102 -30.03 26.18 10.39
CA PRO B 102 -30.17 27.47 9.70
C PRO B 102 -29.01 28.36 10.10
N LEU B 103 -27.81 28.01 9.64
CA LEU B 103 -26.62 28.76 10.00
C LEU B 103 -26.50 30.18 9.42
N GLN B 104 -27.49 30.64 8.67
CA GLN B 104 -27.42 32.02 8.19
C GLN B 104 -27.79 32.92 9.37
N ASP B 105 -28.24 32.27 10.45
CA ASP B 105 -28.60 32.94 11.70
C ASP B 105 -27.92 32.13 12.80
N PRO B 106 -26.67 32.47 13.14
CA PRO B 106 -25.90 31.76 14.17
C PRO B 106 -26.67 31.39 15.44
N ASP B 107 -27.29 32.39 16.07
CA ASP B 107 -28.04 32.13 17.31
C ASP B 107 -29.16 31.12 17.11
N ALA B 108 -29.94 31.29 16.04
CA ALA B 108 -31.04 30.37 15.76
C ALA B 108 -30.51 28.96 15.51
N ALA B 109 -29.39 28.86 14.79
CA ALA B 109 -28.79 27.56 14.49
C ALA B 109 -28.36 26.89 15.80
N THR B 110 -27.79 27.67 16.70
CA THR B 110 -27.33 27.14 17.98
C THR B 110 -28.53 26.61 18.76
N GLU B 111 -29.63 27.37 18.73
CA GLU B 111 -30.84 26.97 19.42
C GLU B 111 -31.43 25.70 18.84
N GLU B 112 -31.47 25.63 17.51
CA GLU B 112 -32.03 24.46 16.83
C GLU B 112 -31.20 23.20 17.09
N LEU B 113 -29.89 23.35 17.20
CA LEU B 113 -29.03 22.20 17.45
C LEU B 113 -29.35 21.67 18.85
N GLN B 114 -29.49 22.60 19.81
CA GLN B 114 -29.81 22.22 21.18
C GLN B 114 -31.14 21.48 21.23
N ARG B 115 -32.14 21.99 20.49
CA ARG B 115 -33.44 21.35 20.47
C ARG B 115 -33.33 19.94 19.88
N CYS B 116 -32.65 19.83 18.75
CA CYS B 116 -32.47 18.54 18.10
C CYS B 116 -31.77 17.51 18.98
N VAL B 117 -30.70 17.93 19.64
CA VAL B 117 -29.95 17.02 20.50
C VAL B 117 -30.64 16.71 21.83
N ASN B 118 -30.98 17.75 22.58
CA ASN B 118 -31.63 17.56 23.88
C ASN B 118 -33.07 17.05 23.83
N ASP B 119 -33.86 17.61 22.92
CA ASP B 119 -35.26 17.21 22.81
C ASP B 119 -35.56 16.08 21.84
N LEU B 120 -34.93 16.10 20.67
CA LEU B 120 -35.18 15.09 19.65
C LEU B 120 -34.20 13.92 19.65
N GLY B 121 -33.14 14.03 20.45
CA GLY B 121 -32.16 12.95 20.52
C GLY B 121 -31.29 12.76 19.30
N PHE B 122 -31.13 13.82 18.50
CA PHE B 122 -30.29 13.73 17.31
C PHE B 122 -28.85 13.52 17.78
N VAL B 123 -28.06 12.83 16.96
CA VAL B 123 -26.68 12.52 17.33
C VAL B 123 -25.59 13.39 16.72
N GLY B 124 -25.98 14.46 16.03
CA GLY B 124 -25.01 15.35 15.43
C GLY B 124 -25.70 16.27 14.45
N ALA B 125 -24.91 16.94 13.61
CA ALA B 125 -25.45 17.85 12.63
C ALA B 125 -24.77 17.63 11.29
N LEU B 126 -25.48 17.90 10.21
CA LEU B 126 -24.90 17.79 8.87
C LEU B 126 -25.25 19.08 8.16
N VAL B 127 -24.23 19.77 7.69
CA VAL B 127 -24.40 21.05 7.02
C VAL B 127 -23.73 21.02 5.65
N ASN B 128 -24.43 21.48 4.64
CA ASN B 128 -23.90 21.48 3.28
C ASN B 128 -23.05 22.69 2.95
N GLY B 129 -21.87 22.76 3.56
CA GLY B 129 -20.96 23.86 3.29
C GLY B 129 -21.44 25.22 3.74
N PHE B 130 -20.89 26.25 3.11
CA PHE B 130 -21.21 27.63 3.43
C PHE B 130 -22.71 27.94 3.34
N SER B 131 -23.12 28.99 4.03
CA SER B 131 -24.51 29.42 4.03
C SER B 131 -24.66 30.69 3.19
N GLN B 132 -25.88 30.90 2.70
CA GLN B 132 -26.24 32.07 1.92
C GLN B 132 -27.22 32.83 2.80
N GLU B 133 -27.13 34.16 2.81
CA GLU B 133 -28.03 34.97 3.63
C GLU B 133 -28.26 36.33 2.98
N GLY B 134 -29.44 36.90 3.19
CA GLY B 134 -29.76 38.20 2.62
C GLY B 134 -29.85 38.11 1.11
N ASP B 135 -28.97 38.81 0.41
CA ASP B 135 -28.98 38.76 -1.05
C ASP B 135 -28.42 37.42 -1.50
N GLY B 136 -27.85 36.67 -0.55
CA GLY B 136 -27.29 35.36 -0.83
C GLY B 136 -26.12 35.32 -1.78
N GLN B 137 -25.49 36.47 -2.01
CA GLN B 137 -24.36 36.55 -2.93
C GLN B 137 -22.98 36.32 -2.30
N THR B 138 -22.95 36.07 -1.01
CA THR B 138 -21.67 35.86 -0.32
C THR B 138 -21.63 34.54 0.45
N PRO B 139 -20.67 33.67 0.13
CA PRO B 139 -20.58 32.40 0.85
C PRO B 139 -20.10 32.65 2.28
N LEU B 140 -20.90 32.21 3.24
CA LEU B 140 -20.58 32.40 4.65
C LEU B 140 -19.92 31.12 5.20
N TYR B 141 -18.63 31.21 5.50
CA TYR B 141 -17.89 30.07 6.02
C TYR B 141 -17.91 30.06 7.54
N TYR B 142 -17.82 28.87 8.13
CA TYR B 142 -17.92 28.75 9.58
C TYR B 142 -16.70 29.03 10.45
N ASP B 143 -15.62 29.50 9.83
CA ASP B 143 -14.41 29.85 10.60
C ASP B 143 -14.55 31.31 11.03
N LEU B 144 -15.57 31.99 10.50
CA LEU B 144 -15.80 33.39 10.84
C LEU B 144 -16.15 33.57 12.32
N PRO B 145 -15.76 34.71 12.90
CA PRO B 145 -16.01 35.05 14.31
C PRO B 145 -17.42 34.81 14.85
N GLN B 146 -18.43 35.23 14.10
CA GLN B 146 -19.82 35.06 14.56
C GLN B 146 -20.26 33.63 14.80
N TYR B 147 -19.48 32.66 14.34
CA TYR B 147 -19.82 31.25 14.53
C TYR B 147 -19.14 30.61 15.73
N ARG B 148 -18.27 31.36 16.40
CA ARG B 148 -17.58 30.82 17.54
C ARG B 148 -18.52 30.36 18.66
N PRO B 149 -19.57 31.15 18.96
CA PRO B 149 -20.49 30.73 20.03
C PRO B 149 -21.12 29.38 19.65
N PHE B 150 -21.52 29.27 18.39
CA PHE B 150 -22.13 28.06 17.87
C PHE B 150 -21.19 26.86 18.09
N TRP B 151 -19.93 27.01 17.70
CA TRP B 151 -18.97 25.92 17.87
C TRP B 151 -18.76 25.58 19.33
N GLY B 152 -18.83 26.57 20.20
CA GLY B 152 -18.67 26.31 21.62
C GLY B 152 -19.80 25.43 22.11
N GLU B 153 -20.99 25.62 21.56
CA GLU B 153 -22.16 24.84 21.95
C GLU B 153 -22.08 23.44 21.34
N VAL B 154 -21.50 23.33 20.15
CA VAL B 154 -21.37 22.02 19.52
C VAL B 154 -20.47 21.15 20.40
N GLU B 155 -19.38 21.73 20.86
CA GLU B 155 -18.43 21.02 21.72
C GLU B 155 -19.05 20.69 23.08
N LYS B 156 -19.86 21.60 23.59
CA LYS B 156 -20.50 21.38 24.89
C LYS B 156 -21.47 20.21 24.78
N LEU B 157 -22.29 20.20 23.73
CA LEU B 157 -23.25 19.13 23.50
C LEU B 157 -22.48 17.87 23.15
N ASP B 158 -21.26 18.06 22.67
CA ASP B 158 -20.38 16.98 22.27
C ASP B 158 -20.97 16.02 21.25
N VAL B 159 -21.37 16.56 20.11
CA VAL B 159 -21.92 15.77 19.01
C VAL B 159 -21.14 16.17 17.77
N PRO B 160 -20.89 15.22 16.85
CA PRO B 160 -20.14 15.50 15.62
C PRO B 160 -20.84 16.45 14.66
N PHE B 161 -20.03 17.10 13.83
CA PHE B 161 -20.52 18.04 12.82
C PHE B 161 -20.02 17.49 11.48
N TYR B 162 -20.95 17.11 10.61
CA TYR B 162 -20.60 16.56 9.30
C TYR B 162 -20.58 17.71 8.30
N LEU B 163 -19.41 18.07 7.83
CA LEU B 163 -19.26 19.14 6.85
C LEU B 163 -19.43 18.51 5.47
N HIS B 164 -20.66 18.58 4.97
CA HIS B 164 -21.05 18.01 3.69
C HIS B 164 -20.85 19.00 2.54
N PRO B 165 -20.72 18.50 1.29
CA PRO B 165 -20.52 19.42 0.17
C PRO B 165 -21.74 20.16 -0.36
N ARG B 166 -21.44 21.15 -1.19
CA ARG B 166 -22.42 21.96 -1.91
C ARG B 166 -21.58 22.58 -3.01
N ASN B 167 -22.21 23.00 -4.10
CA ASN B 167 -21.44 23.63 -5.17
C ASN B 167 -21.17 25.07 -4.82
N PRO B 168 -20.09 25.64 -5.37
CA PRO B 168 -19.78 27.03 -5.07
C PRO B 168 -20.77 27.91 -5.84
N LEU B 169 -20.88 29.18 -5.45
CA LEU B 169 -21.78 30.09 -6.15
C LEU B 169 -21.19 30.34 -7.53
N PRO B 170 -22.04 30.68 -8.52
CA PRO B 170 -21.60 30.94 -9.89
C PRO B 170 -20.41 31.88 -10.01
N GLN B 171 -20.45 33.00 -9.29
CA GLN B 171 -19.37 33.97 -9.35
C GLN B 171 -18.05 33.40 -8.84
N ASP B 172 -18.14 32.30 -8.09
CA ASP B 172 -16.96 31.65 -7.54
C ASP B 172 -16.73 30.30 -8.24
N SER B 173 -17.22 30.19 -9.46
CA SER B 173 -17.09 28.94 -10.22
C SER B 173 -16.54 29.10 -11.63
N ARG B 174 -15.97 30.27 -11.94
CA ARG B 174 -15.46 30.49 -13.29
C ARG B 174 -14.49 29.45 -13.81
N ILE B 175 -13.72 28.83 -12.92
CA ILE B 175 -12.78 27.82 -13.36
C ILE B 175 -13.52 26.66 -14.04
N TYR B 176 -14.79 26.48 -13.69
CA TYR B 176 -15.60 25.42 -14.28
C TYR B 176 -16.46 25.90 -15.44
N ASP B 177 -16.28 27.16 -15.86
CA ASP B 177 -17.08 27.70 -16.96
C ASP B 177 -16.87 26.89 -18.23
N GLY B 178 -17.97 26.40 -18.80
CA GLY B 178 -17.90 25.61 -20.01
C GLY B 178 -17.71 24.13 -19.69
N HIS B 179 -17.60 23.81 -18.41
CA HIS B 179 -17.41 22.43 -17.96
C HIS B 179 -18.36 22.10 -16.80
N PRO B 180 -19.68 22.14 -17.06
CA PRO B 180 -20.67 21.84 -16.01
C PRO B 180 -20.50 20.43 -15.44
N TRP B 181 -19.86 19.56 -16.22
CA TRP B 181 -19.62 18.18 -15.81
C TRP B 181 -18.56 18.08 -14.71
N LEU B 182 -17.92 19.21 -14.39
CA LEU B 182 -16.90 19.23 -13.35
C LEU B 182 -17.49 19.71 -12.03
N LEU B 183 -18.71 20.25 -12.08
CA LEU B 183 -19.36 20.70 -10.87
C LEU B 183 -19.90 19.46 -10.16
N GLY B 184 -20.37 19.63 -8.93
CA GLY B 184 -20.93 18.51 -8.21
C GLY B 184 -19.96 17.44 -7.74
N PRO B 185 -20.41 16.19 -7.65
CA PRO B 185 -19.60 15.07 -7.21
C PRO B 185 -18.33 14.77 -8.01
N THR B 186 -18.29 15.19 -9.27
CA THR B 186 -17.11 14.93 -10.10
C THR B 186 -15.86 15.58 -9.51
N TRP B 187 -15.98 16.83 -9.06
CA TRP B 187 -14.84 17.53 -8.51
C TRP B 187 -15.17 18.73 -7.64
N ALA B 188 -15.99 19.65 -8.14
CA ALA B 188 -16.31 20.86 -7.38
C ALA B 188 -16.70 20.63 -5.93
N PHE B 189 -17.47 19.59 -5.66
CA PHE B 189 -17.89 19.29 -4.28
C PHE B 189 -16.69 19.12 -3.34
N ALA B 190 -15.69 18.38 -3.80
CA ALA B 190 -14.51 18.10 -2.99
C ALA B 190 -13.69 19.36 -2.70
N GLN B 191 -13.42 20.15 -3.74
CA GLN B 191 -12.65 21.38 -3.58
C GLN B 191 -13.32 22.28 -2.55
N GLU B 192 -14.60 22.53 -2.78
CA GLU B 192 -15.37 23.40 -1.90
C GLU B 192 -15.31 22.95 -0.44
N THR B 193 -15.49 21.66 -0.22
CA THR B 193 -15.50 21.11 1.14
C THR B 193 -14.12 20.99 1.77
N ALA B 194 -13.12 20.60 0.98
CA ALA B 194 -11.76 20.48 1.50
C ALA B 194 -11.25 21.83 1.98
N VAL B 195 -11.47 22.87 1.19
CA VAL B 195 -11.00 24.20 1.58
C VAL B 195 -11.75 24.73 2.79
N HIS B 196 -13.06 24.46 2.85
CA HIS B 196 -13.83 24.91 4.00
C HIS B 196 -13.25 24.27 5.25
N ALA B 197 -12.90 22.99 5.17
CA ALA B 197 -12.30 22.28 6.29
C ALA B 197 -10.97 22.91 6.69
N LEU B 198 -10.14 23.24 5.70
CA LEU B 198 -8.85 23.87 5.94
C LEU B 198 -9.04 25.24 6.60
N ARG B 199 -10.09 25.96 6.20
CA ARG B 199 -10.36 27.27 6.78
C ARG B 199 -10.63 27.10 8.28
N LEU B 200 -11.43 26.10 8.64
CA LEU B 200 -11.74 25.85 10.04
C LEU B 200 -10.45 25.57 10.81
N MET B 201 -9.60 24.73 10.24
CA MET B 201 -8.33 24.39 10.86
C MET B 201 -7.39 25.59 11.01
N ALA B 202 -7.18 26.31 9.91
CA ALA B 202 -6.29 27.46 9.93
C ALA B 202 -6.75 28.59 10.86
N SER B 203 -8.05 28.69 11.09
CA SER B 203 -8.59 29.76 11.93
C SER B 203 -8.29 29.60 13.42
N GLY B 204 -7.80 28.42 13.81
CA GLY B 204 -7.49 28.18 15.20
C GLY B 204 -8.70 27.67 15.98
N LEU B 205 -9.77 27.35 15.26
CA LEU B 205 -11.00 26.88 15.89
C LEU B 205 -10.77 25.71 16.83
N PHE B 206 -9.90 24.80 16.43
CA PHE B 206 -9.63 23.61 17.24
C PHE B 206 -8.65 23.86 18.38
N ASP B 207 -8.10 25.06 18.45
CA ASP B 207 -7.21 25.40 19.56
C ASP B 207 -8.17 25.81 20.67
N GLU B 208 -9.22 26.53 20.26
CA GLU B 208 -10.25 27.04 21.17
C GLU B 208 -11.22 25.95 21.63
N HIS B 209 -11.53 25.02 20.73
CA HIS B 209 -12.45 23.94 21.06
C HIS B 209 -11.83 22.65 20.55
N PRO B 210 -10.83 22.13 21.28
CA PRO B 210 -10.11 20.90 20.92
C PRO B 210 -10.90 19.60 20.94
N ARG B 211 -12.09 19.61 21.55
CA ARG B 211 -12.90 18.40 21.61
C ARG B 211 -13.87 18.22 20.44
N LEU B 212 -13.89 19.18 19.54
CA LEU B 212 -14.78 19.10 18.39
C LEU B 212 -14.45 17.90 17.50
N ASN B 213 -15.50 17.33 16.92
CA ASN B 213 -15.36 16.19 16.01
C ASN B 213 -16.01 16.57 14.68
N ILE B 214 -15.19 16.73 13.64
CA ILE B 214 -15.70 17.06 12.33
C ILE B 214 -15.64 15.83 11.44
N ILE B 215 -16.67 15.62 10.63
CA ILE B 215 -16.68 14.48 9.73
C ILE B 215 -16.73 14.96 8.28
N LEU B 216 -15.98 14.28 7.41
CA LEU B 216 -15.95 14.62 6.00
C LEU B 216 -16.23 13.36 5.20
N GLY B 217 -17.05 13.50 4.15
CA GLY B 217 -17.36 12.33 3.34
C GLY B 217 -16.39 12.20 2.17
N HIS B 218 -16.70 11.27 1.27
CA HIS B 218 -15.91 11.05 0.07
C HIS B 218 -14.40 10.92 0.33
N MET B 219 -14.10 10.17 1.39
CA MET B 219 -12.73 9.90 1.84
C MET B 219 -11.88 11.13 2.13
N GLY B 220 -12.49 12.15 2.73
CA GLY B 220 -11.73 13.35 3.07
C GLY B 220 -11.65 14.42 2.02
N GLU B 221 -12.45 14.31 0.97
CA GLU B 221 -12.49 15.29 -0.10
C GLU B 221 -11.12 15.58 -0.71
N GLY B 222 -10.28 14.55 -0.77
CA GLY B 222 -8.94 14.69 -1.34
C GLY B 222 -7.82 15.05 -0.38
N LEU B 223 -8.17 15.42 0.84
CA LEU B 223 -7.18 15.85 1.82
C LEU B 223 -6.04 14.89 2.19
N PRO B 224 -6.34 13.62 2.49
CA PRO B 224 -5.28 12.67 2.87
C PRO B 224 -4.03 12.61 1.98
N TYR B 225 -4.26 12.52 0.68
CA TYR B 225 -3.19 12.41 -0.32
C TYR B 225 -2.24 13.62 -0.35
N MET B 226 -2.76 14.80 -0.05
CA MET B 226 -1.97 16.02 -0.08
C MET B 226 -1.65 16.61 1.30
N MET B 227 -2.08 15.93 2.36
CA MET B 227 -1.85 16.45 3.71
C MET B 227 -0.39 16.76 4.04
N TRP B 228 0.53 15.90 3.61
CA TRP B 228 1.94 16.18 3.90
C TRP B 228 2.33 17.52 3.27
N ARG B 229 2.01 17.69 2.00
CA ARG B 229 2.35 18.91 1.27
C ARG B 229 1.70 20.15 1.87
N ILE B 230 0.47 20.02 2.34
CA ILE B 230 -0.25 21.15 2.94
C ILE B 230 0.59 21.82 4.02
N ASP B 231 1.27 21.03 4.85
CA ASP B 231 2.11 21.56 5.93
C ASP B 231 3.58 21.71 5.55
N HIS B 232 4.12 20.69 4.90
CA HIS B 232 5.53 20.66 4.56
C HIS B 232 6.06 21.29 3.28
N ARG B 233 5.20 21.92 2.48
CA ARG B 233 5.68 22.56 1.26
C ARG B 233 6.71 23.63 1.68
N ASN B 234 7.80 23.75 0.93
CA ASN B 234 8.85 24.74 1.22
C ASN B 234 9.37 24.59 2.65
N ALA B 235 9.63 23.35 3.05
CA ALA B 235 10.10 23.07 4.40
C ALA B 235 11.40 23.76 4.79
N TRP B 236 12.26 24.08 3.82
CA TRP B 236 13.52 24.74 4.15
C TRP B 236 13.30 26.08 4.85
N VAL B 237 12.11 26.66 4.68
CA VAL B 237 11.79 27.93 5.31
C VAL B 237 11.40 27.61 6.75
N LYS B 238 12.36 27.74 7.66
CA LYS B 238 12.17 27.46 9.08
C LYS B 238 11.48 28.58 9.86
N LEU B 239 10.29 28.95 9.41
CA LEU B 239 9.51 29.99 10.08
C LEU B 239 8.13 29.43 10.40
N PRO B 240 7.43 30.04 11.36
CA PRO B 240 6.10 29.54 11.71
C PRO B 240 5.06 29.90 10.67
N PRO B 241 4.00 29.08 10.56
CA PRO B 241 2.94 29.36 9.58
C PRO B 241 2.36 30.73 9.90
N ARG B 242 1.74 31.37 8.91
CA ARG B 242 1.18 32.70 9.11
C ARG B 242 -0.25 32.73 9.65
N TYR B 243 -0.94 31.60 9.61
CA TYR B 243 -2.32 31.53 10.09
C TYR B 243 -2.44 31.61 11.62
N PRO B 244 -3.65 31.93 12.12
CA PRO B 244 -3.96 32.05 13.55
C PRO B 244 -3.73 30.80 14.38
N ALA B 245 -4.04 29.64 13.80
CA ALA B 245 -3.87 28.36 14.50
C ALA B 245 -2.45 28.21 15.03
N LYS B 246 -2.33 27.55 16.17
CA LYS B 246 -1.04 27.35 16.81
C LYS B 246 -0.26 26.14 16.31
N ARG B 247 -0.95 25.19 15.71
CA ARG B 247 -0.29 23.98 15.24
C ARG B 247 -0.42 23.74 13.74
N ARG B 248 -0.09 22.52 13.30
CA ARG B 248 -0.14 22.15 11.89
C ARG B 248 -1.50 21.62 11.45
N PHE B 249 -1.76 21.69 10.15
CA PHE B 249 -3.02 21.18 9.62
C PHE B 249 -3.14 19.69 9.94
N MET B 250 -2.03 18.96 9.83
CA MET B 250 -2.05 17.52 10.10
C MET B 250 -2.47 17.21 11.53
N ASP B 251 -2.14 18.09 12.47
CA ASP B 251 -2.51 17.88 13.86
C ASP B 251 -4.03 17.94 14.03
N TYR B 252 -4.64 18.96 13.47
CA TYR B 252 -6.09 19.13 13.56
C TYR B 252 -6.82 18.04 12.77
N PHE B 253 -6.29 17.70 11.60
CA PHE B 253 -6.90 16.66 10.79
C PHE B 253 -6.84 15.33 11.52
N ASN B 254 -5.68 15.01 12.08
CA ASN B 254 -5.47 13.77 12.81
C ASN B 254 -6.26 13.69 14.11
N GLU B 255 -6.43 14.84 14.77
CA GLU B 255 -7.11 14.89 16.05
C GLU B 255 -8.60 15.23 16.07
N ASN B 256 -9.05 16.05 15.13
CA ASN B 256 -10.46 16.46 15.13
C ASN B 256 -11.31 15.99 13.95
N PHE B 257 -10.71 15.28 13.01
CA PHE B 257 -11.45 14.82 11.85
C PHE B 257 -11.61 13.31 11.69
N HIS B 258 -12.68 12.95 10.99
CA HIS B 258 -13.02 11.56 10.67
C HIS B 258 -13.47 11.65 9.22
N ILE B 259 -13.24 10.61 8.42
CA ILE B 259 -13.70 10.64 7.03
C ILE B 259 -14.52 9.39 6.76
N THR B 260 -15.45 9.47 5.82
CA THR B 260 -16.28 8.31 5.50
C THR B 260 -16.02 7.87 4.07
N THR B 261 -16.48 6.67 3.72
CA THR B 261 -16.28 6.11 2.38
C THR B 261 -17.38 6.50 1.39
N SER B 262 -18.23 7.44 1.76
CA SER B 262 -19.32 7.84 0.89
C SER B 262 -18.87 8.18 -0.53
N GLY B 263 -19.56 7.62 -1.52
CA GLY B 263 -19.23 7.89 -2.92
C GLY B 263 -17.77 7.75 -3.34
N ASN B 264 -16.98 6.98 -2.59
CA ASN B 264 -15.58 6.80 -2.96
C ASN B 264 -15.16 5.36 -2.65
N PHE B 265 -15.71 4.44 -3.44
CA PHE B 265 -15.48 3.01 -3.29
C PHE B 265 -14.23 2.58 -4.03
N ARG B 266 -13.08 3.07 -3.56
CA ARG B 266 -11.80 2.80 -4.18
C ARG B 266 -10.80 2.27 -3.14
N THR B 267 -10.37 1.02 -3.32
CA THR B 267 -9.44 0.40 -2.39
C THR B 267 -8.10 1.15 -2.25
N GLN B 268 -7.56 1.64 -3.36
CA GLN B 268 -6.28 2.36 -3.27
C GLN B 268 -6.43 3.60 -2.39
N THR B 269 -7.56 4.29 -2.55
CA THR B 269 -7.85 5.49 -1.77
C THR B 269 -7.97 5.14 -0.29
N LEU B 270 -8.62 4.03 0.01
CA LEU B 270 -8.79 3.57 1.39
C LEU B 270 -7.43 3.23 2.02
N ILE B 271 -6.56 2.58 1.24
CA ILE B 271 -5.24 2.21 1.74
C ILE B 271 -4.42 3.47 2.07
N ASP B 272 -4.48 4.45 1.19
CA ASP B 272 -3.75 5.70 1.39
C ASP B 272 -4.26 6.36 2.67
N ALA B 273 -5.58 6.40 2.83
CA ALA B 273 -6.18 7.00 4.01
C ALA B 273 -5.76 6.25 5.28
N ILE B 274 -5.74 4.91 5.19
CA ILE B 274 -5.33 4.11 6.35
C ILE B 274 -3.90 4.45 6.76
N LEU B 275 -3.04 4.69 5.78
CA LEU B 275 -1.65 5.01 6.06
C LEU B 275 -1.42 6.49 6.37
N GLU B 276 -2.50 7.28 6.34
CA GLU B 276 -2.37 8.71 6.63
C GLU B 276 -3.14 9.11 7.88
N ILE B 277 -4.39 8.69 8.01
CA ILE B 277 -5.18 9.06 9.19
C ILE B 277 -5.45 7.84 10.09
N GLY B 278 -5.30 6.64 9.53
CA GLY B 278 -5.52 5.43 10.31
C GLY B 278 -6.93 4.88 10.23
N ALA B 279 -7.05 3.57 10.31
CA ALA B 279 -8.36 2.90 10.24
C ALA B 279 -9.33 3.36 11.32
N ASP B 280 -8.81 3.81 12.47
CA ASP B 280 -9.68 4.25 13.56
C ASP B 280 -10.46 5.51 13.25
N ARG B 281 -10.08 6.23 12.21
CA ARG B 281 -10.77 7.46 11.86
C ARG B 281 -11.46 7.45 10.50
N ILE B 282 -11.70 6.25 9.99
CA ILE B 282 -12.38 6.07 8.71
C ILE B 282 -13.70 5.34 9.00
N LEU B 283 -14.79 5.83 8.43
CA LEU B 283 -16.11 5.28 8.65
C LEU B 283 -16.82 4.87 7.36
N PHE B 284 -17.55 3.76 7.43
CA PHE B 284 -18.31 3.32 6.26
C PHE B 284 -19.49 4.28 6.08
N SER B 285 -19.87 4.51 4.82
CA SER B 285 -21.00 5.35 4.44
C SER B 285 -21.22 5.13 2.95
N THR B 286 -22.43 5.39 2.46
CA THR B 286 -22.74 5.13 1.06
C THR B 286 -23.04 6.32 0.18
N ASP B 287 -23.77 7.28 0.73
CA ASP B 287 -24.21 8.47 0.03
C ASP B 287 -25.53 8.17 -0.70
N TRP B 288 -26.22 7.14 -0.22
CA TRP B 288 -27.53 6.78 -0.78
C TRP B 288 -28.37 8.04 -0.56
N PRO B 289 -29.30 8.34 -1.48
CA PRO B 289 -29.66 7.64 -2.71
C PRO B 289 -28.88 8.07 -3.96
N PHE B 290 -27.83 8.86 -3.78
CA PHE B 290 -27.05 9.33 -4.91
C PHE B 290 -26.09 8.22 -5.35
N GLU B 291 -25.86 7.28 -4.45
CA GLU B 291 -25.02 6.11 -4.70
C GLU B 291 -25.85 4.90 -4.29
N ASN B 292 -25.68 3.78 -4.99
CA ASN B 292 -26.42 2.57 -4.65
C ASN B 292 -25.83 1.93 -3.39
N ILE B 293 -26.70 1.50 -2.48
CA ILE B 293 -26.27 0.86 -1.25
C ILE B 293 -25.49 -0.42 -1.55
N ASP B 294 -25.92 -1.19 -2.55
CA ASP B 294 -25.23 -2.42 -2.89
C ASP B 294 -23.84 -2.15 -3.44
N HIS B 295 -23.66 -1.04 -4.15
CA HIS B 295 -22.36 -0.68 -4.69
C HIS B 295 -21.41 -0.45 -3.53
N ALA B 296 -21.86 0.35 -2.57
CA ALA B 296 -21.06 0.68 -1.39
C ALA B 296 -20.75 -0.55 -0.55
N SER B 297 -21.79 -1.31 -0.22
CA SER B 297 -21.62 -2.50 0.61
C SER B 297 -20.79 -3.60 -0.04
N ASP B 298 -21.06 -3.90 -1.31
CA ASP B 298 -20.30 -4.95 -1.98
C ASP B 298 -18.82 -4.60 -2.03
N TRP B 299 -18.51 -3.34 -2.34
CA TRP B 299 -17.12 -2.93 -2.40
C TRP B 299 -16.46 -3.03 -1.02
N PHE B 300 -17.13 -2.47 -0.01
CA PHE B 300 -16.57 -2.49 1.33
C PHE B 300 -16.39 -3.89 1.90
N ASN B 301 -17.32 -4.79 1.58
CA ASN B 301 -17.21 -6.16 2.09
C ASN B 301 -15.96 -6.86 1.56
N ALA B 302 -15.51 -6.48 0.37
CA ALA B 302 -14.36 -7.13 -0.23
C ALA B 302 -13.08 -6.31 -0.32
N THR B 303 -13.10 -5.06 0.13
CA THR B 303 -11.90 -4.24 0.04
C THR B 303 -10.73 -4.86 0.79
N SER B 304 -9.52 -4.61 0.29
CA SER B 304 -8.31 -5.19 0.82
C SER B 304 -7.71 -4.62 2.10
N ILE B 305 -8.39 -4.86 3.22
CA ILE B 305 -7.93 -4.39 4.53
C ILE B 305 -8.04 -5.55 5.52
N ALA B 306 -7.52 -5.34 6.73
CA ALA B 306 -7.57 -6.38 7.75
C ALA B 306 -9.02 -6.56 8.20
N GLU B 307 -9.41 -7.79 8.49
CA GLU B 307 -10.78 -8.03 8.93
C GLU B 307 -11.10 -7.22 10.18
N ALA B 308 -10.09 -7.04 11.04
CA ALA B 308 -10.29 -6.25 12.27
C ALA B 308 -10.68 -4.82 11.92
N ASP B 309 -10.07 -4.28 10.86
CA ASP B 309 -10.36 -2.92 10.44
C ASP B 309 -11.70 -2.81 9.70
N ARG B 310 -12.08 -3.88 9.00
CA ARG B 310 -13.36 -3.87 8.29
C ARG B 310 -14.45 -3.72 9.35
N VAL B 311 -14.26 -4.39 10.48
CA VAL B 311 -15.23 -4.30 11.58
C VAL B 311 -15.25 -2.88 12.16
N LYS B 312 -14.07 -2.29 12.35
CA LYS B 312 -14.01 -0.94 12.91
C LYS B 312 -14.59 0.09 11.96
N ILE B 313 -14.10 0.10 10.73
CA ILE B 313 -14.57 1.05 9.73
C ILE B 313 -16.06 0.82 9.44
N GLY B 314 -16.46 -0.44 9.40
CA GLY B 314 -17.85 -0.73 9.10
C GLY B 314 -18.83 -0.55 10.24
N ARG B 315 -18.37 -0.62 11.48
CA ARG B 315 -19.30 -0.53 12.61
C ARG B 315 -18.84 0.13 13.91
N THR B 316 -17.81 -0.42 14.53
CA THR B 316 -17.36 0.07 15.82
C THR B 316 -16.83 1.51 15.92
N ASN B 317 -16.21 2.03 14.85
CA ASN B 317 -15.73 3.40 14.91
C ASN B 317 -16.93 4.34 15.09
N ALA B 318 -17.98 4.10 14.31
CA ALA B 318 -19.18 4.92 14.39
C ALA B 318 -19.91 4.75 15.71
N ARG B 319 -19.98 3.51 16.22
CA ARG B 319 -20.66 3.29 17.49
C ARG B 319 -19.90 4.00 18.61
N ARG B 320 -18.58 4.03 18.50
CA ARG B 320 -17.77 4.71 19.51
C ARG B 320 -17.98 6.22 19.40
N LEU B 321 -17.85 6.73 18.18
CA LEU B 321 -18.02 8.16 17.92
C LEU B 321 -19.36 8.72 18.35
N PHE B 322 -20.44 8.00 18.07
CA PHE B 322 -21.78 8.48 18.42
C PHE B 322 -22.30 7.93 19.75
N LYS B 323 -21.40 7.40 20.57
CA LYS B 323 -21.75 6.89 21.89
C LYS B 323 -22.94 5.93 21.88
N LEU B 324 -22.93 4.97 20.95
CA LEU B 324 -24.03 4.02 20.85
C LEU B 324 -23.85 2.82 21.76
N MET C 1 -9.86 -8.17 -18.23
CA MET C 1 -8.75 -8.01 -19.22
C MET C 1 -8.66 -9.19 -20.17
N GLN C 2 -8.45 -8.89 -21.45
CA GLN C 2 -8.32 -9.92 -22.47
C GLN C 2 -6.87 -9.99 -22.90
N GLY C 3 -6.50 -11.07 -23.59
CA GLY C 3 -5.15 -11.22 -24.07
C GLY C 3 -4.10 -11.58 -23.02
N LYS C 4 -4.54 -12.15 -21.91
CA LYS C 4 -3.61 -12.53 -20.84
C LYS C 4 -2.76 -13.75 -21.20
N VAL C 5 -1.63 -13.86 -20.51
CA VAL C 5 -0.72 -14.98 -20.67
C VAL C 5 -0.67 -15.64 -19.30
N ALA C 6 -0.80 -16.97 -19.27
CA ALA C 6 -0.77 -17.71 -18.01
C ALA C 6 0.33 -18.75 -18.19
N LEU C 7 1.19 -18.91 -17.18
CA LEU C 7 2.29 -19.86 -17.32
C LEU C 7 2.55 -20.90 -16.23
N GLU C 8 1.60 -21.13 -15.34
CA GLU C 8 1.77 -22.22 -14.37
C GLU C 8 0.45 -22.94 -14.53
N GLU C 9 0.32 -23.56 -15.70
CA GLU C 9 -0.88 -24.27 -16.10
C GLU C 9 -0.47 -25.70 -16.41
N HIS C 10 -0.98 -26.64 -15.62
CA HIS C 10 -0.58 -28.04 -15.72
C HIS C 10 -1.46 -29.04 -16.43
N PHE C 11 -0.82 -30.12 -16.88
CA PHE C 11 -1.47 -31.23 -17.55
C PHE C 11 -0.71 -32.47 -17.09
N ALA C 12 -1.25 -33.64 -17.39
CA ALA C 12 -0.58 -34.87 -16.99
C ALA C 12 -0.75 -35.93 -18.06
N ILE C 13 0.10 -36.94 -18.01
CA ILE C 13 0.00 -38.06 -18.93
C ILE C 13 -0.32 -39.21 -18.00
N PRO C 14 -0.87 -40.30 -18.54
CA PRO C 14 -1.21 -41.44 -17.68
C PRO C 14 -0.09 -41.82 -16.71
N GLU C 15 1.14 -41.81 -17.21
CA GLU C 15 2.30 -42.17 -16.40
C GLU C 15 2.56 -41.28 -15.17
N THR C 16 2.19 -40.01 -15.25
CA THR C 16 2.41 -39.11 -14.13
C THR C 16 1.13 -38.68 -13.43
N LEU C 17 -0.01 -39.08 -13.98
CA LEU C 17 -1.30 -38.71 -13.43
C LEU C 17 -1.45 -38.97 -11.94
N GLN C 18 -1.01 -40.14 -11.49
CA GLN C 18 -1.13 -40.49 -10.08
C GLN C 18 -0.42 -39.56 -9.10
N ASP C 19 0.60 -38.84 -9.57
CA ASP C 19 1.32 -37.92 -8.69
C ASP C 19 0.36 -36.88 -8.11
N SER C 20 -0.64 -36.52 -8.90
CA SER C 20 -1.62 -35.52 -8.49
C SER C 20 -2.72 -36.12 -7.64
N PHE C 23 -9.19 -33.41 -2.01
CA PHE C 23 -8.89 -34.61 -2.86
C PHE C 23 -9.80 -35.78 -2.48
N VAL C 24 -9.26 -36.71 -1.71
CA VAL C 24 -9.99 -37.90 -1.23
C VAL C 24 -10.87 -38.56 -2.30
N PRO C 25 -11.44 -39.74 -1.99
CA PRO C 25 -12.30 -40.42 -2.95
C PRO C 25 -13.44 -39.54 -3.46
N GLY C 26 -13.58 -38.37 -2.84
CA GLY C 26 -14.63 -37.45 -3.23
C GLY C 26 -14.72 -37.21 -4.72
N ASP C 27 -15.87 -36.73 -5.17
CA ASP C 27 -16.08 -36.45 -6.58
C ASP C 27 -15.05 -35.46 -7.13
N TYR C 28 -14.22 -34.91 -6.25
CA TYR C 28 -13.20 -33.96 -6.66
C TYR C 28 -12.02 -34.61 -7.39
N TRP C 29 -11.58 -35.77 -6.91
CA TRP C 29 -10.47 -36.46 -7.55
C TRP C 29 -10.79 -36.76 -9.01
N LYS C 30 -12.02 -37.20 -9.27
CA LYS C 30 -12.44 -37.51 -10.63
C LYS C 30 -12.33 -36.29 -11.53
N GLU C 31 -12.80 -35.15 -11.03
CA GLU C 31 -12.76 -33.90 -11.78
C GLU C 31 -11.32 -33.46 -12.04
N LEU C 32 -10.47 -33.57 -11.02
CA LEU C 32 -9.08 -33.17 -11.18
C LEU C 32 -8.43 -33.98 -12.29
N GLN C 33 -8.67 -35.29 -12.31
CA GLN C 33 -8.11 -36.15 -13.34
C GLN C 33 -8.51 -35.66 -14.73
N HIS C 34 -9.81 -35.43 -14.92
CA HIS C 34 -10.30 -34.97 -16.20
C HIS C 34 -9.57 -33.69 -16.61
N ARG C 35 -9.47 -32.76 -15.67
CA ARG C 35 -8.80 -31.49 -15.93
C ARG C 35 -7.35 -31.69 -16.36
N LEU C 36 -6.62 -32.52 -15.65
CA LEU C 36 -5.22 -32.78 -15.96
C LEU C 36 -5.01 -33.39 -17.34
N LEU C 37 -5.93 -34.26 -17.74
CA LEU C 37 -5.83 -34.93 -19.03
C LEU C 37 -6.36 -34.11 -20.20
N ASP C 38 -7.14 -33.08 -19.91
CA ASP C 38 -7.72 -32.23 -20.94
C ASP C 38 -6.87 -31.00 -21.27
N ILE C 39 -6.74 -30.71 -22.56
CA ILE C 39 -5.99 -29.56 -23.03
C ILE C 39 -6.75 -28.76 -24.09
N GLN C 40 -7.33 -29.46 -25.06
CA GLN C 40 -8.04 -28.82 -26.16
C GLN C 40 -9.52 -28.48 -25.93
N ASP C 41 -10.13 -29.04 -24.90
CA ASP C 41 -11.56 -28.80 -24.67
C ASP C 41 -11.90 -27.86 -23.51
N THR C 42 -12.13 -28.42 -22.33
CA THR C 42 -12.49 -27.63 -21.15
C THR C 42 -11.56 -26.45 -20.89
N ARG C 43 -10.27 -26.73 -20.91
CA ARG C 43 -9.22 -25.74 -20.68
C ARG C 43 -9.34 -24.58 -21.66
N LEU C 44 -9.41 -24.91 -22.95
CA LEU C 44 -9.52 -23.88 -23.98
C LEU C 44 -10.77 -23.03 -23.81
N LYS C 45 -11.90 -23.67 -23.49
CA LYS C 45 -13.14 -22.93 -23.32
C LYS C 45 -13.04 -21.94 -22.17
N LEU C 46 -12.34 -22.32 -21.11
CA LEU C 46 -12.17 -21.43 -19.96
C LEU C 46 -11.25 -20.27 -20.35
N MET C 47 -10.25 -20.56 -21.16
CA MET C 47 -9.32 -19.53 -21.62
C MET C 47 -10.10 -18.50 -22.45
N ASP C 48 -10.99 -18.99 -23.30
CA ASP C 48 -11.79 -18.11 -24.15
C ASP C 48 -12.79 -17.28 -23.33
N ALA C 49 -13.24 -17.84 -22.21
CA ALA C 49 -14.19 -17.15 -21.36
C ALA C 49 -13.53 -16.20 -20.39
N HIS C 50 -12.25 -16.42 -20.12
CA HIS C 50 -11.54 -15.57 -19.15
C HIS C 50 -10.32 -14.81 -19.63
N GLY C 51 -10.42 -14.26 -20.83
CA GLY C 51 -9.36 -13.45 -21.41
C GLY C 51 -7.93 -13.96 -21.41
N ILE C 52 -7.76 -15.27 -21.57
CA ILE C 52 -6.42 -15.84 -21.62
C ILE C 52 -6.11 -16.26 -23.04
N GLU C 53 -5.21 -15.53 -23.69
CA GLU C 53 -4.83 -15.83 -25.06
C GLU C 53 -3.76 -16.91 -25.12
N THR C 54 -2.75 -16.78 -24.27
CA THR C 54 -1.64 -17.72 -24.25
C THR C 54 -1.49 -18.50 -22.96
N MET C 55 -1.41 -19.82 -23.09
CA MET C 55 -1.22 -20.67 -21.93
C MET C 55 0.05 -21.50 -22.15
N ILE C 56 1.04 -21.28 -21.28
CA ILE C 56 2.28 -22.03 -21.38
C ILE C 56 2.09 -23.23 -20.47
N LEU C 57 1.96 -24.40 -21.08
CA LEU C 57 1.73 -25.64 -20.38
C LEU C 57 2.96 -26.31 -19.80
N SER C 58 2.75 -27.07 -18.73
CA SER C 58 3.82 -27.80 -18.07
C SER C 58 3.26 -29.08 -17.44
N LEU C 59 4.09 -30.12 -17.39
CA LEU C 59 3.72 -31.39 -16.80
C LEU C 59 3.42 -31.17 -15.32
N ASN C 60 2.63 -32.06 -14.72
CA ASN C 60 2.28 -31.94 -13.30
C ASN C 60 3.43 -32.28 -12.36
N ALA C 61 3.17 -32.35 -11.06
CA ALA C 61 4.22 -32.62 -10.09
C ALA C 61 3.94 -33.76 -9.11
N PRO C 62 4.99 -34.39 -8.57
CA PRO C 62 6.41 -34.12 -8.82
C PRO C 62 6.91 -34.67 -10.15
N ALA C 63 6.13 -35.57 -10.73
CA ALA C 63 6.45 -36.18 -12.01
C ALA C 63 7.88 -36.71 -12.13
N VAL C 64 8.61 -36.23 -13.13
CA VAL C 64 9.99 -36.66 -13.38
C VAL C 64 10.95 -36.53 -12.20
N GLN C 65 10.80 -35.49 -11.39
CA GLN C 65 11.70 -35.29 -10.26
C GLN C 65 11.57 -36.37 -9.20
N ALA C 66 10.52 -37.18 -9.29
CA ALA C 66 10.29 -38.25 -8.32
C ALA C 66 10.60 -39.63 -8.88
N ILE C 67 11.29 -39.68 -10.02
CA ILE C 67 11.65 -40.95 -10.64
C ILE C 67 13.15 -41.16 -10.42
N PRO C 68 13.52 -41.94 -9.40
CA PRO C 68 14.92 -42.23 -9.05
C PRO C 68 15.78 -42.92 -10.12
N ASP C 69 15.18 -43.76 -10.95
CA ASP C 69 15.94 -44.44 -11.99
C ASP C 69 16.14 -43.50 -13.18
N ARG C 70 17.40 -43.18 -13.46
CA ARG C 70 17.73 -42.27 -14.55
C ARG C 70 17.10 -42.63 -15.89
N ARG C 71 17.30 -43.86 -16.33
CA ARG C 71 16.74 -44.29 -17.61
C ARG C 71 15.23 -44.03 -17.65
N LYS C 72 14.54 -44.43 -16.58
CA LYS C 72 13.09 -44.24 -16.53
C LYS C 72 12.73 -42.75 -16.58
N ALA C 73 13.41 -41.95 -15.78
CA ALA C 73 13.16 -40.51 -15.75
C ALA C 73 13.35 -39.90 -17.13
N ILE C 74 14.45 -40.25 -17.79
CA ILE C 74 14.74 -39.74 -19.13
C ILE C 74 13.64 -40.16 -20.11
N GLU C 75 13.11 -41.36 -19.91
CA GLU C 75 12.06 -41.92 -20.74
C GLU C 75 10.75 -41.15 -20.58
N ILE C 76 10.30 -41.03 -19.33
CA ILE C 76 9.06 -40.33 -19.02
C ILE C 76 9.10 -38.87 -19.43
N ALA C 77 10.24 -38.22 -19.24
CA ALA C 77 10.38 -36.82 -19.62
C ALA C 77 10.20 -36.66 -21.13
N ARG C 78 10.97 -37.43 -21.90
CA ARG C 78 10.89 -37.35 -23.35
C ARG C 78 9.48 -37.61 -23.86
N ARG C 79 8.77 -38.55 -23.23
CA ARG C 79 7.41 -38.86 -23.64
C ARG C 79 6.47 -37.70 -23.31
N ALA C 80 6.61 -37.16 -22.10
CA ALA C 80 5.77 -36.04 -21.68
C ALA C 80 6.00 -34.85 -22.59
N ASN C 81 7.24 -34.65 -23.01
CA ASN C 81 7.58 -33.53 -23.89
C ASN C 81 7.09 -33.77 -25.33
N ASP C 82 7.13 -35.01 -25.79
CA ASP C 82 6.65 -35.29 -27.14
C ASP C 82 5.14 -35.11 -27.17
N VAL C 83 4.47 -35.56 -26.12
CA VAL C 83 3.03 -35.42 -26.00
C VAL C 83 2.68 -33.93 -25.99
N LEU C 84 3.35 -33.18 -25.13
CA LEU C 84 3.12 -31.75 -25.03
C LEU C 84 3.34 -31.05 -26.38
N ALA C 85 4.40 -31.43 -27.07
CA ALA C 85 4.70 -30.83 -28.36
C ALA C 85 3.57 -31.05 -29.35
N GLU C 86 2.99 -32.25 -29.33
CA GLU C 86 1.91 -32.61 -30.23
C GLU C 86 0.64 -31.83 -29.90
N GLU C 87 0.35 -31.65 -28.62
CA GLU C 87 -0.84 -30.91 -28.20
C GLU C 87 -0.72 -29.43 -28.58
N CYS C 88 0.47 -28.86 -28.43
CA CYS C 88 0.67 -27.45 -28.77
C CYS C 88 0.54 -27.22 -30.27
N ALA C 89 1.02 -28.17 -31.06
CA ALA C 89 0.97 -28.06 -32.51
C ALA C 89 -0.46 -27.94 -33.05
N LYS C 90 -1.43 -28.43 -32.27
CA LYS C 90 -2.84 -28.39 -32.68
C LYS C 90 -3.41 -26.97 -32.62
N ARG C 91 -2.85 -26.15 -31.74
CA ARG C 91 -3.30 -24.77 -31.57
C ARG C 91 -2.11 -23.94 -31.10
N PRO C 92 -1.12 -23.75 -31.99
CA PRO C 92 0.11 -22.99 -31.71
C PRO C 92 -0.11 -21.54 -31.35
N ASP C 93 -1.27 -21.01 -31.72
CA ASP C 93 -1.60 -19.62 -31.42
C ASP C 93 -2.11 -19.44 -29.99
N ARG C 94 -2.38 -20.55 -29.31
CA ARG C 94 -2.90 -20.48 -27.94
C ARG C 94 -2.02 -21.19 -26.91
N PHE C 95 -1.35 -22.25 -27.32
CA PHE C 95 -0.52 -23.03 -26.40
C PHE C 95 0.98 -23.01 -26.67
N LEU C 96 1.75 -22.83 -25.60
CA LEU C 96 3.21 -22.84 -25.65
C LEU C 96 3.63 -23.90 -24.63
N ALA C 97 4.91 -24.27 -24.60
CA ALA C 97 5.32 -25.32 -23.68
C ALA C 97 6.61 -25.13 -22.90
N PHE C 98 6.62 -25.72 -21.71
CA PHE C 98 7.76 -25.74 -20.81
C PHE C 98 8.22 -27.19 -20.83
N ALA C 99 9.52 -27.41 -20.82
CA ALA C 99 10.04 -28.77 -20.85
C ALA C 99 10.12 -29.44 -19.50
N ALA C 100 9.92 -30.76 -19.50
CA ALA C 100 10.03 -31.57 -18.30
C ALA C 100 11.45 -32.10 -18.45
N LEU C 101 12.24 -32.06 -17.38
CA LEU C 101 13.64 -32.50 -17.47
C LEU C 101 14.05 -33.58 -16.47
N PRO C 102 14.84 -34.56 -16.93
CA PRO C 102 15.30 -35.65 -16.07
C PRO C 102 16.60 -35.19 -15.42
N LEU C 103 16.48 -34.25 -14.49
CA LEU C 103 17.64 -33.70 -13.82
C LEU C 103 18.41 -34.65 -12.91
N GLN C 104 17.91 -35.88 -12.73
CA GLN C 104 18.66 -36.82 -11.91
C GLN C 104 19.86 -37.29 -12.74
N ASP C 105 19.91 -36.81 -13.98
CA ASP C 105 21.00 -37.10 -14.92
C ASP C 105 21.32 -35.78 -15.61
N PRO C 106 22.20 -34.97 -15.03
CA PRO C 106 22.59 -33.66 -15.57
C PRO C 106 22.79 -33.57 -17.07
N ASP C 107 23.55 -34.51 -17.63
CA ASP C 107 23.82 -34.51 -19.06
C ASP C 107 22.57 -34.78 -19.90
N ALA C 108 21.77 -35.76 -19.47
CA ALA C 108 20.56 -36.11 -20.19
C ALA C 108 19.57 -34.94 -20.14
N ALA C 109 19.52 -34.28 -19.00
CA ALA C 109 18.63 -33.14 -18.82
C ALA C 109 19.03 -32.01 -19.77
N THR C 110 20.33 -31.79 -19.91
CA THR C 110 20.81 -30.74 -20.80
C THR C 110 20.43 -31.07 -22.24
N GLU C 111 20.62 -32.33 -22.62
CA GLU C 111 20.29 -32.77 -23.97
C GLU C 111 18.80 -32.64 -24.27
N GLU C 112 17.95 -33.01 -23.31
CA GLU C 112 16.52 -32.91 -23.51
C GLU C 112 16.06 -31.45 -23.59
N LEU C 113 16.69 -30.57 -22.83
CA LEU C 113 16.30 -29.16 -22.88
C LEU C 113 16.63 -28.59 -24.25
N GLN C 114 17.80 -28.95 -24.77
CA GLN C 114 18.22 -28.47 -26.09
C GLN C 114 17.26 -29.02 -27.14
N ARG C 115 16.91 -30.29 -26.98
CA ARG C 115 16.00 -30.97 -27.90
C ARG C 115 14.66 -30.21 -27.91
N CYS C 116 14.11 -30.00 -26.72
CA CYS C 116 12.84 -29.29 -26.58
C CYS C 116 12.88 -27.88 -27.13
N VAL C 117 13.90 -27.12 -26.76
CA VAL C 117 14.02 -25.74 -27.21
C VAL C 117 14.35 -25.61 -28.70
N ASN C 118 15.41 -26.29 -29.13
CA ASN C 118 15.83 -26.21 -30.54
C ASN C 118 14.97 -26.98 -31.54
N ASP C 119 14.50 -28.16 -31.14
CA ASP C 119 13.70 -28.97 -32.06
C ASP C 119 12.18 -28.85 -31.90
N LEU C 120 11.70 -28.73 -30.66
CA LEU C 120 10.26 -28.64 -30.43
C LEU C 120 9.73 -27.23 -30.20
N GLY C 121 10.63 -26.26 -30.12
CA GLY C 121 10.21 -24.88 -29.92
C GLY C 121 9.68 -24.56 -28.54
N PHE C 122 10.09 -25.32 -27.52
CA PHE C 122 9.64 -25.03 -26.16
C PHE C 122 10.25 -23.70 -25.74
N VAL C 123 9.55 -22.99 -24.85
CA VAL C 123 10.01 -21.68 -24.40
C VAL C 123 10.60 -21.61 -23.01
N GLY C 124 10.92 -22.76 -22.43
CA GLY C 124 11.49 -22.77 -21.10
C GLY C 124 11.41 -24.15 -20.49
N ALA C 125 11.67 -24.23 -19.19
CA ALA C 125 11.62 -25.51 -18.48
C ALA C 125 10.94 -25.32 -17.14
N LEU C 126 10.21 -26.35 -16.70
CA LEU C 126 9.55 -26.29 -15.41
C LEU C 126 9.94 -27.55 -14.67
N VAL C 127 10.61 -27.36 -13.54
CA VAL C 127 11.09 -28.45 -12.70
C VAL C 127 10.49 -28.35 -11.31
N ASN C 128 9.98 -29.47 -10.82
CA ASN C 128 9.37 -29.52 -9.50
C ASN C 128 10.38 -29.76 -8.39
N GLY C 129 11.15 -28.71 -8.08
CA GLY C 129 12.13 -28.82 -7.02
C GLY C 129 13.24 -29.83 -7.23
N PHE C 130 13.81 -30.28 -6.12
CA PHE C 130 14.90 -31.23 -6.12
C PHE C 130 14.57 -32.55 -6.81
N SER C 131 15.61 -33.21 -7.31
CA SER C 131 15.48 -34.50 -7.97
C SER C 131 15.84 -35.64 -7.03
N GLN C 132 15.29 -36.82 -7.33
CA GLN C 132 15.56 -38.04 -6.58
C GLN C 132 16.28 -38.95 -7.57
N GLU C 133 17.29 -39.69 -7.10
CA GLU C 133 18.06 -40.58 -7.98
C GLU C 133 18.62 -41.74 -7.18
N GLY C 134 18.81 -42.89 -7.84
CA GLY C 134 19.34 -44.05 -7.14
C GLY C 134 18.32 -44.58 -6.17
N ASP C 135 18.64 -44.59 -4.89
CA ASP C 135 17.69 -45.05 -3.88
C ASP C 135 16.64 -43.97 -3.64
N GLY C 136 16.89 -42.79 -4.21
CA GLY C 136 15.97 -41.67 -4.08
C GLY C 136 15.81 -41.09 -2.69
N GLN C 137 16.78 -41.34 -1.81
CA GLN C 137 16.70 -40.85 -0.44
C GLN C 137 17.43 -39.54 -0.18
N THR C 138 18.03 -38.97 -1.21
CA THR C 138 18.77 -37.72 -1.06
C THR C 138 18.25 -36.64 -2.00
N PRO C 139 17.70 -35.55 -1.44
CA PRO C 139 17.20 -34.48 -2.32
C PRO C 139 18.38 -33.84 -3.05
N LEU C 140 18.30 -33.79 -4.37
CA LEU C 140 19.36 -33.21 -5.17
C LEU C 140 19.01 -31.79 -5.62
N TYR C 141 19.65 -30.80 -4.98
CA TYR C 141 19.40 -29.40 -5.31
C TYR C 141 20.29 -28.94 -6.46
N TYR C 142 19.75 -28.01 -7.26
CA TYR C 142 20.44 -27.54 -8.45
C TYR C 142 21.55 -26.51 -8.29
N ASP C 143 21.95 -26.23 -7.05
CA ASP C 143 23.03 -25.31 -6.80
C ASP C 143 24.33 -26.11 -6.75
N LEU C 144 24.19 -27.43 -6.72
CA LEU C 144 25.33 -28.34 -6.66
C LEU C 144 26.21 -28.22 -7.90
N PRO C 145 27.52 -28.49 -7.76
CA PRO C 145 28.50 -28.41 -8.84
C PRO C 145 28.15 -29.12 -10.14
N GLN C 146 27.65 -30.34 -10.05
CA GLN C 146 27.31 -31.12 -11.23
C GLN C 146 26.26 -30.49 -12.14
N TYR C 147 25.53 -29.49 -11.65
CA TYR C 147 24.51 -28.85 -12.47
C TYR C 147 24.96 -27.55 -13.12
N ARG C 148 26.20 -27.14 -12.86
CA ARG C 148 26.70 -25.90 -13.47
C ARG C 148 26.71 -25.96 -15.00
N PRO C 149 27.13 -27.09 -15.59
CA PRO C 149 27.13 -27.15 -17.05
C PRO C 149 25.71 -26.97 -17.60
N PHE C 150 24.74 -27.56 -16.90
CA PHE C 150 23.34 -27.46 -17.29
C PHE C 150 22.90 -25.99 -17.32
N TRP C 151 23.18 -25.28 -16.23
CA TRP C 151 22.80 -23.87 -16.15
C TRP C 151 23.44 -23.04 -17.24
N GLY C 152 24.67 -23.38 -17.61
CA GLY C 152 25.34 -22.65 -18.66
C GLY C 152 24.59 -22.80 -19.97
N GLU C 153 23.99 -23.97 -20.18
CA GLU C 153 23.23 -24.22 -21.39
C GLU C 153 21.89 -23.51 -21.32
N VAL C 154 21.30 -23.46 -20.14
CA VAL C 154 20.02 -22.77 -19.97
C VAL C 154 20.22 -21.31 -20.37
N GLU C 155 21.30 -20.72 -19.88
CA GLU C 155 21.62 -19.33 -20.19
C GLU C 155 21.94 -19.16 -21.68
N LYS C 156 22.62 -20.15 -22.25
CA LYS C 156 22.99 -20.11 -23.66
C LYS C 156 21.73 -20.14 -24.52
N LEU C 157 20.81 -21.04 -24.20
CA LEU C 157 19.54 -21.15 -24.93
C LEU C 157 18.69 -19.91 -24.64
N ASP C 158 19.00 -19.26 -23.53
CA ASP C 158 18.29 -18.06 -23.09
C ASP C 158 16.79 -18.26 -22.96
N VAL C 159 16.40 -19.26 -22.17
CA VAL C 159 14.99 -19.55 -21.90
C VAL C 159 14.87 -19.62 -20.39
N PRO C 160 13.72 -19.18 -19.84
CA PRO C 160 13.48 -19.20 -18.40
C PRO C 160 13.35 -20.60 -17.78
N PHE C 161 13.64 -20.65 -16.47
CA PHE C 161 13.56 -21.88 -15.69
C PHE C 161 12.55 -21.62 -14.58
N TYR C 162 11.43 -22.34 -14.62
CA TYR C 162 10.39 -22.19 -13.62
C TYR C 162 10.67 -23.21 -12.52
N LEU C 163 11.06 -22.72 -11.34
CA LEU C 163 11.33 -23.58 -10.20
C LEU C 163 10.01 -23.78 -9.47
N HIS C 164 9.39 -24.92 -9.74
CA HIS C 164 8.09 -25.26 -9.19
C HIS C 164 8.22 -26.08 -7.89
N PRO C 165 7.18 -26.05 -7.04
CA PRO C 165 7.22 -26.79 -5.78
C PRO C 165 7.09 -28.31 -5.87
N ARG C 166 7.38 -28.95 -4.74
CA ARG C 166 7.26 -30.38 -4.53
C ARG C 166 7.39 -30.49 -3.02
N ASN C 167 6.91 -31.59 -2.44
CA ASN C 167 7.02 -31.78 -1.00
C ASN C 167 8.39 -32.34 -0.66
N PRO C 168 8.88 -32.07 0.55
CA PRO C 168 10.19 -32.58 0.96
C PRO C 168 10.00 -34.07 1.25
N LEU C 169 11.10 -34.82 1.29
CA LEU C 169 11.02 -36.25 1.59
C LEU C 169 10.61 -36.36 3.06
N PRO C 170 9.97 -37.48 3.45
CA PRO C 170 9.54 -37.68 4.84
C PRO C 170 10.64 -37.46 5.87
N GLN C 171 11.83 -37.99 5.61
CA GLN C 171 12.92 -37.82 6.56
C GLN C 171 13.28 -36.34 6.73
N ASP C 172 12.80 -35.52 5.81
CA ASP C 172 13.08 -34.09 5.85
C ASP C 172 11.81 -33.28 6.12
N SER C 173 10.79 -33.94 6.68
CA SER C 173 9.53 -33.27 6.97
C SER C 173 9.00 -33.53 8.37
N ARG C 174 9.89 -33.90 9.30
CA ARG C 174 9.47 -34.17 10.67
C ARG C 174 8.68 -33.03 11.30
N ILE C 175 9.02 -31.79 10.94
CA ILE C 175 8.31 -30.64 11.51
C ILE C 175 6.83 -30.68 11.18
N TYR C 176 6.45 -31.43 10.14
CA TYR C 176 5.05 -31.54 9.74
C TYR C 176 4.39 -32.82 10.26
N ASP C 177 5.16 -33.67 10.94
CA ASP C 177 4.62 -34.92 11.45
C ASP C 177 3.34 -34.70 12.27
N GLY C 178 2.27 -35.37 11.86
CA GLY C 178 1.00 -35.24 12.56
C GLY C 178 0.14 -34.16 11.93
N HIS C 179 0.72 -33.44 10.97
CA HIS C 179 0.02 -32.36 10.28
C HIS C 179 0.13 -32.47 8.76
N PRO C 180 -0.47 -33.52 8.18
CA PRO C 180 -0.40 -33.70 6.73
C PRO C 180 -1.02 -32.51 5.98
N TRP C 181 -1.92 -31.82 6.66
CA TRP C 181 -2.60 -30.66 6.09
C TRP C 181 -1.67 -29.46 5.93
N LEU C 182 -0.46 -29.54 6.47
CA LEU C 182 0.50 -28.47 6.33
C LEU C 182 1.43 -28.73 5.16
N LEU C 183 1.41 -29.95 4.65
CA LEU C 183 2.23 -30.29 3.48
C LEU C 183 1.52 -29.71 2.27
N GLY C 184 2.19 -29.76 1.12
CA GLY C 184 1.58 -29.26 -0.11
C GLY C 184 1.43 -27.76 -0.24
N PRO C 185 0.40 -27.30 -0.95
CA PRO C 185 0.13 -25.88 -1.18
C PRO C 185 -0.16 -25.05 0.08
N THR C 186 -0.53 -25.71 1.16
CA THR C 186 -0.82 -24.97 2.39
C THR C 186 0.43 -24.28 2.92
N TRP C 187 1.58 -24.95 2.85
CA TRP C 187 2.83 -24.35 3.33
C TRP C 187 4.12 -25.02 2.88
N ALA C 188 4.20 -26.34 3.06
CA ALA C 188 5.42 -27.07 2.70
C ALA C 188 5.96 -26.73 1.31
N PHE C 189 5.07 -26.58 0.34
CA PHE C 189 5.50 -26.25 -1.02
C PHE C 189 6.33 -24.97 -1.07
N ALA C 190 5.86 -23.95 -0.36
CA ALA C 190 6.53 -22.65 -0.33
C ALA C 190 7.90 -22.70 0.33
N GLN C 191 7.97 -23.31 1.52
CA GLN C 191 9.23 -23.43 2.26
C GLN C 191 10.26 -24.13 1.39
N GLU C 192 9.88 -25.28 0.84
CA GLU C 192 10.78 -26.07 0.01
C GLU C 192 11.33 -25.29 -1.19
N THR C 193 10.43 -24.61 -1.89
CA THR C 193 10.80 -23.85 -3.07
C THR C 193 11.56 -22.56 -2.75
N ALA C 194 11.14 -21.85 -1.72
CA ALA C 194 11.81 -20.61 -1.33
C ALA C 194 13.27 -20.92 -0.99
N VAL C 195 13.48 -21.95 -0.19
CA VAL C 195 14.85 -22.31 0.19
C VAL C 195 15.67 -22.77 -1.00
N HIS C 196 15.08 -23.55 -1.91
CA HIS C 196 15.82 -24.01 -3.08
C HIS C 196 16.28 -22.77 -3.85
N ALA C 197 15.40 -21.79 -4.00
CA ALA C 197 15.75 -20.55 -4.69
C ALA C 197 16.91 -19.85 -4.00
N LEU C 198 16.87 -19.81 -2.67
CA LEU C 198 17.94 -19.16 -1.91
C LEU C 198 19.26 -19.91 -2.06
N ARG C 199 19.20 -21.24 -2.14
CA ARG C 199 20.41 -22.02 -2.33
C ARG C 199 21.04 -21.62 -3.66
N LEU C 200 20.21 -21.51 -4.70
CA LEU C 200 20.71 -21.12 -6.01
C LEU C 200 21.40 -19.76 -5.90
N MET C 201 20.77 -18.83 -5.21
CA MET C 201 21.33 -17.49 -5.05
C MET C 201 22.64 -17.48 -4.29
N ALA C 202 22.65 -18.09 -3.10
CA ALA C 202 23.85 -18.12 -2.26
C ALA C 202 25.05 -18.82 -2.92
N SER C 203 24.77 -19.79 -3.78
CA SER C 203 25.83 -20.55 -4.44
C SER C 203 26.65 -19.76 -5.45
N GLY C 204 26.20 -18.56 -5.77
CA GLY C 204 26.92 -17.73 -6.72
C GLY C 204 26.61 -18.10 -8.16
N LEU C 205 25.54 -18.88 -8.35
CA LEU C 205 25.14 -19.30 -9.68
C LEU C 205 24.90 -18.11 -10.61
N PHE C 206 24.27 -17.06 -10.07
CA PHE C 206 23.96 -15.88 -10.88
C PHE C 206 25.12 -14.92 -11.12
N ASP C 207 26.28 -15.21 -10.51
CA ASP C 207 27.45 -14.38 -10.74
C ASP C 207 28.07 -15.00 -11.99
N GLU C 208 28.04 -16.34 -12.03
CA GLU C 208 28.59 -17.11 -13.13
C GLU C 208 27.72 -17.03 -14.39
N HIS C 209 26.40 -17.03 -14.19
CA HIS C 209 25.45 -16.95 -15.29
C HIS C 209 24.39 -15.92 -14.93
N PRO C 210 24.75 -14.63 -15.03
CA PRO C 210 23.88 -13.49 -14.72
C PRO C 210 22.67 -13.27 -15.61
N ARG C 211 22.66 -13.89 -16.79
CA ARG C 211 21.53 -13.73 -17.70
C ARG C 211 20.40 -14.72 -17.46
N LEU C 212 20.59 -15.61 -16.49
CA LEU C 212 19.56 -16.59 -16.17
C LEU C 212 18.28 -15.92 -15.69
N ASN C 213 17.14 -16.50 -16.05
CA ASN C 213 15.83 -16.01 -15.64
C ASN C 213 15.12 -17.13 -14.91
N ILE C 214 14.92 -16.97 -13.61
CA ILE C 214 14.23 -18.00 -12.83
C ILE C 214 12.83 -17.51 -12.49
N ILE C 215 11.84 -18.39 -12.59
CA ILE C 215 10.47 -18.02 -12.28
C ILE C 215 9.96 -18.80 -11.09
N LEU C 216 9.28 -18.10 -10.18
CA LEU C 216 8.71 -18.71 -8.99
C LEU C 216 7.21 -18.41 -8.98
N GLY C 217 6.41 -19.41 -8.62
CA GLY C 217 4.98 -19.18 -8.57
C GLY C 217 4.53 -18.79 -7.17
N HIS C 218 3.21 -18.74 -6.98
CA HIS C 218 2.62 -18.43 -5.69
C HIS C 218 3.19 -17.16 -5.07
N MET C 219 3.42 -16.16 -5.93
CA MET C 219 3.94 -14.86 -5.54
C MET C 219 5.30 -14.89 -4.84
N GLY C 220 6.20 -15.72 -5.36
CA GLY C 220 7.54 -15.79 -4.80
C GLY C 220 7.75 -16.73 -3.63
N GLU C 221 6.77 -17.58 -3.36
CA GLU C 221 6.86 -18.54 -2.26
C GLU C 221 7.16 -17.90 -0.91
N GLY C 222 6.68 -16.68 -0.71
CA GLY C 222 6.88 -15.99 0.55
C GLY C 222 8.09 -15.07 0.64
N LEU C 223 9.00 -15.18 -0.32
CA LEU C 223 10.23 -14.39 -0.32
C LEU C 223 10.15 -12.85 -0.22
N PRO C 224 9.27 -12.21 -1.00
CA PRO C 224 9.17 -10.75 -0.94
C PRO C 224 9.04 -10.12 0.46
N TYR C 225 8.09 -10.63 1.23
CA TYR C 225 7.81 -10.13 2.58
C TYR C 225 9.01 -10.18 3.52
N MET C 226 9.86 -11.18 3.35
CA MET C 226 11.02 -11.36 4.22
C MET C 226 12.37 -11.04 3.58
N MET C 227 12.35 -10.58 2.33
CA MET C 227 13.59 -10.29 1.61
C MET C 227 14.52 -9.30 2.31
N TRP C 228 13.97 -8.23 2.89
CA TRP C 228 14.81 -7.27 3.59
C TRP C 228 15.57 -7.98 4.71
N ARG C 229 14.84 -8.72 5.54
CA ARG C 229 15.44 -9.42 6.67
C ARG C 229 16.50 -10.44 6.24
N ILE C 230 16.26 -11.14 5.13
CA ILE C 230 17.21 -12.12 4.64
C ILE C 230 18.63 -11.57 4.54
N ASP C 231 18.76 -10.33 4.10
CA ASP C 231 20.08 -9.71 3.96
C ASP C 231 20.45 -8.82 5.14
N HIS C 232 19.48 -8.07 5.64
CA HIS C 232 19.73 -7.09 6.69
C HIS C 232 19.61 -7.49 8.16
N ARG C 233 19.25 -8.73 8.46
CA ARG C 233 19.15 -9.14 9.86
C ARG C 233 20.51 -8.88 10.51
N ASN C 234 20.51 -8.45 11.77
CA ASN C 234 21.74 -8.18 12.51
C ASN C 234 22.66 -7.26 11.71
N ALA C 235 22.10 -6.19 11.17
CA ALA C 235 22.89 -5.26 10.37
C ALA C 235 24.07 -4.62 11.10
N TRP C 236 24.00 -4.51 12.43
CA TRP C 236 25.10 -3.89 13.16
C TRP C 236 26.40 -4.66 12.98
N VAL C 237 26.30 -5.96 12.69
CA VAL C 237 27.48 -6.79 12.46
C VAL C 237 27.91 -6.54 11.02
N LYS C 238 28.96 -5.75 10.84
CA LYS C 238 29.42 -5.42 9.50
C LYS C 238 30.31 -6.44 8.81
N LEU C 239 30.43 -7.63 9.38
CA LEU C 239 31.25 -8.69 8.80
C LEU C 239 30.58 -9.21 7.51
N PRO C 240 31.38 -9.48 6.46
CA PRO C 240 30.82 -9.96 5.20
C PRO C 240 30.25 -11.38 5.28
N PRO C 241 29.17 -11.65 4.53
CA PRO C 241 28.54 -12.98 4.50
C PRO C 241 29.56 -13.96 3.95
N ARG C 242 29.52 -15.21 4.39
CA ARG C 242 30.49 -16.19 3.93
C ARG C 242 30.07 -17.13 2.80
N TYR C 243 28.91 -16.87 2.20
CA TYR C 243 28.46 -17.71 1.09
C TYR C 243 29.28 -17.37 -0.15
N PRO C 244 29.34 -18.30 -1.12
CA PRO C 244 30.09 -18.12 -2.38
C PRO C 244 29.65 -16.92 -3.22
N ALA C 245 28.37 -16.58 -3.15
CA ALA C 245 27.84 -15.48 -3.94
C ALA C 245 28.56 -14.18 -3.63
N LYS C 246 28.78 -13.37 -4.65
CA LYS C 246 29.50 -12.10 -4.49
C LYS C 246 28.63 -10.97 -3.99
N ARG C 247 27.32 -11.04 -4.22
CA ARG C 247 26.44 -9.97 -3.78
C ARG C 247 25.37 -10.44 -2.80
N ARG C 248 24.33 -9.63 -2.61
CA ARG C 248 23.26 -9.97 -1.67
C ARG C 248 22.05 -10.67 -2.30
N PHE C 249 21.29 -11.37 -1.47
CA PHE C 249 20.11 -12.09 -1.96
C PHE C 249 19.15 -11.19 -2.73
N MET C 250 18.91 -9.98 -2.21
CA MET C 250 18.00 -9.06 -2.86
C MET C 250 18.44 -8.72 -4.28
N ASP C 251 19.75 -8.69 -4.50
CA ASP C 251 20.28 -8.38 -5.82
C ASP C 251 19.92 -9.45 -6.84
N TYR C 252 20.12 -10.71 -6.48
CA TYR C 252 19.79 -11.80 -7.39
C TYR C 252 18.29 -11.94 -7.55
N PHE C 253 17.55 -11.73 -6.47
CA PHE C 253 16.09 -11.82 -6.53
C PHE C 253 15.54 -10.74 -7.45
N ASN C 254 16.02 -9.51 -7.29
CA ASN C 254 15.56 -8.39 -8.11
C ASN C 254 16.02 -8.44 -9.56
N GLU C 255 17.15 -9.10 -9.82
CA GLU C 255 17.71 -9.17 -11.16
C GLU C 255 17.53 -10.47 -11.94
N ASN C 256 17.38 -11.59 -11.24
CA ASN C 256 17.24 -12.87 -11.96
C ASN C 256 15.93 -13.60 -11.74
N PHE C 257 15.03 -13.03 -10.94
CA PHE C 257 13.77 -13.68 -10.68
C PHE C 257 12.53 -12.93 -11.12
N HIS C 258 11.48 -13.71 -11.35
CA HIS C 258 10.16 -13.21 -11.74
C HIS C 258 9.23 -14.08 -10.90
N ILE C 259 8.09 -13.53 -10.48
CA ILE C 259 7.15 -14.31 -9.70
C ILE C 259 5.79 -14.25 -10.38
N THR C 260 4.97 -15.27 -10.16
CA THR C 260 3.64 -15.29 -10.78
C THR C 260 2.57 -15.29 -9.70
N THR C 261 1.34 -15.02 -10.11
CA THR C 261 0.21 -14.95 -9.20
C THR C 261 -0.46 -16.31 -8.98
N SER C 262 0.17 -17.37 -9.44
CA SER C 262 -0.42 -18.71 -9.30
C SER C 262 -0.84 -19.05 -7.87
N GLY C 263 -2.08 -19.50 -7.73
CA GLY C 263 -2.61 -19.89 -6.43
C GLY C 263 -2.43 -18.90 -5.29
N ASN C 264 -2.30 -17.62 -5.61
CA ASN C 264 -2.14 -16.61 -4.57
C ASN C 264 -2.86 -15.34 -4.99
N PHE C 265 -4.18 -15.42 -5.05
CA PHE C 265 -5.05 -14.32 -5.49
C PHE C 265 -5.38 -13.40 -4.31
N ARG C 266 -4.34 -12.69 -3.85
CA ARG C 266 -4.46 -11.81 -2.71
C ARG C 266 -3.90 -10.44 -3.07
N THR C 267 -4.78 -9.43 -3.05
CA THR C 267 -4.36 -8.08 -3.41
C THR C 267 -3.27 -7.52 -2.50
N GLN C 268 -3.39 -7.74 -1.18
CA GLN C 268 -2.37 -7.23 -0.26
C GLN C 268 -1.00 -7.79 -0.60
N THR C 269 -0.96 -9.07 -0.95
CA THR C 269 0.27 -9.75 -1.30
C THR C 269 0.85 -9.17 -2.58
N LEU C 270 -0.03 -8.90 -3.55
CA LEU C 270 0.41 -8.32 -4.82
C LEU C 270 0.98 -6.91 -4.60
N ILE C 271 0.35 -6.13 -3.74
CA ILE C 271 0.83 -4.78 -3.46
C ILE C 271 2.23 -4.85 -2.83
N ASP C 272 2.40 -5.73 -1.85
CA ASP C 272 3.71 -5.88 -1.20
C ASP C 272 4.74 -6.24 -2.28
N ALA C 273 4.41 -7.20 -3.14
CA ALA C 273 5.34 -7.60 -4.20
C ALA C 273 5.67 -6.42 -5.12
N ILE C 274 4.66 -5.61 -5.43
CA ILE C 274 4.91 -4.47 -6.30
C ILE C 274 5.90 -3.50 -5.68
N LEU C 275 5.82 -3.33 -4.37
CA LEU C 275 6.72 -2.41 -3.66
C LEU C 275 8.07 -3.05 -3.29
N GLU C 276 8.23 -4.32 -3.63
CA GLU C 276 9.47 -5.04 -3.34
C GLU C 276 10.25 -5.45 -4.60
N ILE C 277 9.59 -6.15 -5.51
CA ILE C 277 10.28 -6.58 -6.73
C ILE C 277 9.87 -5.75 -7.95
N GLY C 278 8.75 -5.05 -7.85
CA GLY C 278 8.30 -4.24 -8.96
C GLY C 278 7.32 -4.95 -9.87
N ALA C 279 6.37 -4.20 -10.42
CA ALA C 279 5.36 -4.78 -11.32
C ALA C 279 5.97 -5.39 -12.57
N ASP C 280 7.14 -4.89 -12.99
CA ASP C 280 7.78 -5.42 -14.20
C ASP C 280 8.22 -6.86 -14.03
N ARG C 281 8.27 -7.33 -12.78
CA ARG C 281 8.72 -8.69 -12.48
C ARG C 281 7.63 -9.63 -11.97
N ILE C 282 6.38 -9.24 -12.14
CA ILE C 282 5.26 -10.06 -11.68
C ILE C 282 4.45 -10.51 -12.89
N LEU C 283 4.05 -11.78 -12.89
CA LEU C 283 3.29 -12.36 -14.00
C LEU C 283 2.02 -13.05 -13.57
N PHE C 284 0.98 -12.90 -14.37
CA PHE C 284 -0.29 -13.56 -14.09
C PHE C 284 -0.09 -15.05 -14.38
N SER C 285 -0.77 -15.88 -13.60
CA SER C 285 -0.76 -17.34 -13.75
C SER C 285 -1.87 -17.84 -12.83
N THR C 286 -2.39 -19.04 -13.07
CA THR C 286 -3.50 -19.53 -12.27
C THR C 286 -3.24 -20.76 -11.42
N ASP C 287 -2.45 -21.68 -11.96
CA ASP C 287 -2.12 -22.95 -11.34
C ASP C 287 -3.22 -23.97 -11.67
N TRP C 288 -3.94 -23.71 -12.75
CA TRP C 288 -4.98 -24.61 -13.22
C TRP C 288 -4.23 -25.92 -13.49
N PRO C 289 -4.89 -27.08 -13.26
CA PRO C 289 -6.26 -27.29 -12.79
C PRO C 289 -6.41 -27.34 -11.27
N PHE C 290 -5.33 -27.03 -10.55
CA PHE C 290 -5.37 -27.06 -9.09
C PHE C 290 -6.12 -25.84 -8.55
N GLU C 291 -6.27 -24.83 -9.39
CA GLU C 291 -7.01 -23.63 -9.05
C GLU C 291 -7.97 -23.38 -10.21
N ASN C 292 -9.14 -22.83 -9.94
CA ASN C 292 -10.10 -22.55 -11.00
C ASN C 292 -9.60 -21.35 -11.79
N ILE C 293 -9.71 -21.42 -13.12
CA ILE C 293 -9.27 -20.33 -13.97
C ILE C 293 -10.11 -19.07 -13.72
N ASP C 294 -11.40 -19.25 -13.48
CA ASP C 294 -12.26 -18.09 -13.24
C ASP C 294 -11.88 -17.40 -11.92
N HIS C 295 -11.44 -18.18 -10.94
CA HIS C 295 -11.03 -17.60 -9.66
C HIS C 295 -9.84 -16.68 -9.89
N ALA C 296 -8.83 -17.19 -10.58
CA ALA C 296 -7.63 -16.43 -10.87
C ALA C 296 -7.91 -15.18 -11.70
N SER C 297 -8.67 -15.36 -12.77
CA SER C 297 -8.99 -14.25 -13.66
C SER C 297 -9.89 -13.18 -13.05
N ASP C 298 -10.95 -13.59 -12.36
CA ASP C 298 -11.84 -12.60 -11.76
C ASP C 298 -11.09 -11.75 -10.74
N TRP C 299 -10.22 -12.39 -9.96
CA TRP C 299 -9.44 -11.65 -8.98
C TRP C 299 -8.49 -10.67 -9.66
N PHE C 300 -7.71 -11.17 -10.60
CA PHE C 300 -6.74 -10.32 -11.28
C PHE C 300 -7.37 -9.17 -12.06
N ASN C 301 -8.53 -9.43 -12.68
CA ASN C 301 -9.19 -8.39 -13.44
C ASN C 301 -9.56 -7.19 -12.57
N ALA C 302 -9.82 -7.44 -11.30
CA ALA C 302 -10.22 -6.37 -10.40
C ALA C 302 -9.24 -5.99 -9.28
N THR C 303 -8.09 -6.64 -9.21
CA THR C 303 -7.14 -6.33 -8.14
C THR C 303 -6.74 -4.85 -8.17
N SER C 304 -6.45 -4.28 -7.01
CA SER C 304 -6.14 -2.87 -6.86
C SER C 304 -4.76 -2.37 -7.30
N ILE C 305 -4.54 -2.35 -8.60
CA ILE C 305 -3.26 -1.88 -9.15
C ILE C 305 -3.54 -0.94 -10.32
N ALA C 306 -2.49 -0.31 -10.83
CA ALA C 306 -2.64 0.63 -11.94
C ALA C 306 -3.04 -0.18 -13.19
N GLU C 307 -3.91 0.38 -14.01
CA GLU C 307 -4.32 -0.32 -15.23
C GLU C 307 -3.10 -0.66 -16.09
N ALA C 308 -2.12 0.23 -16.09
CA ALA C 308 -0.89 0.01 -16.86
C ALA C 308 -0.18 -1.24 -16.36
N ASP C 309 -0.19 -1.44 -15.04
CA ASP C 309 0.45 -2.61 -14.45
C ASP C 309 -0.37 -3.86 -14.66
N ARG C 310 -1.69 -3.72 -14.77
CA ARG C 310 -2.55 -4.87 -15.01
C ARG C 310 -2.20 -5.44 -16.39
N VAL C 311 -1.92 -4.55 -17.33
CA VAL C 311 -1.54 -4.95 -18.68
C VAL C 311 -0.19 -5.65 -18.68
N LYS C 312 0.78 -5.08 -17.97
CA LYS C 312 2.11 -5.66 -17.90
C LYS C 312 2.10 -7.02 -17.21
N ILE C 313 1.52 -7.07 -16.01
CA ILE C 313 1.45 -8.31 -15.26
C ILE C 313 0.60 -9.35 -15.96
N GLY C 314 -0.52 -8.90 -16.55
CA GLY C 314 -1.39 -9.84 -17.21
C GLY C 314 -0.94 -10.31 -18.59
N ARG C 315 -0.10 -9.52 -19.25
CA ARG C 315 0.31 -9.89 -20.61
C ARG C 315 1.71 -9.52 -21.10
N THR C 316 2.01 -8.22 -21.15
CA THR C 316 3.28 -7.79 -21.71
C THR C 316 4.58 -8.23 -21.03
N ASN C 317 4.56 -8.42 -19.71
CA ASN C 317 5.78 -8.89 -19.03
C ASN C 317 6.14 -10.28 -19.57
N ALA C 318 5.13 -11.13 -19.70
CA ALA C 318 5.34 -12.49 -20.20
C ALA C 318 5.71 -12.49 -21.68
N ARG C 319 5.07 -11.62 -22.45
CA ARG C 319 5.35 -11.53 -23.89
C ARG C 319 6.82 -11.20 -24.09
N ARG C 320 7.31 -10.22 -23.33
CA ARG C 320 8.70 -9.81 -23.42
C ARG C 320 9.65 -10.89 -22.94
N LEU C 321 9.35 -11.46 -21.78
CA LEU C 321 10.18 -12.51 -21.20
C LEU C 321 10.37 -13.70 -22.14
N PHE C 322 9.28 -14.14 -22.78
CA PHE C 322 9.37 -15.27 -23.68
C PHE C 322 9.52 -14.88 -25.15
N LYS C 323 9.93 -13.63 -25.38
CA LYS C 323 10.15 -13.10 -26.72
C LYS C 323 9.03 -13.43 -27.70
N LEU C 324 7.79 -13.14 -27.33
CA LEU C 324 6.66 -13.46 -28.18
C LEU C 324 6.33 -12.39 -29.23
N ASP C 325 6.97 -11.23 -29.14
CA ASP C 325 6.71 -10.16 -30.09
C ASP C 325 7.79 -10.10 -31.17
N GLY C 326 8.78 -10.98 -31.07
CA GLY C 326 9.85 -10.99 -32.05
C GLY C 326 10.78 -12.18 -31.89
N MET D 1 9.49 8.98 18.36
CA MET D 1 8.41 8.67 19.32
C MET D 1 8.97 8.26 20.69
N GLN D 2 8.37 8.81 21.75
CA GLN D 2 8.79 8.51 23.11
C GLN D 2 7.75 7.59 23.75
N GLY D 3 8.12 6.98 24.89
CA GLY D 3 7.22 6.11 25.59
C GLY D 3 6.90 4.77 24.93
N LYS D 4 7.80 4.31 24.06
CA LYS D 4 7.57 3.05 23.38
C LYS D 4 7.79 1.86 24.29
N VAL D 5 7.21 0.74 23.89
CA VAL D 5 7.35 -0.53 24.60
C VAL D 5 8.05 -1.46 23.61
N ALA D 6 9.06 -2.19 24.08
CA ALA D 6 9.77 -3.13 23.23
C ALA D 6 9.74 -4.46 23.98
N LEU D 7 9.41 -5.54 23.29
CA LEU D 7 9.29 -6.83 23.96
C LEU D 7 10.01 -8.06 23.43
N GLU D 8 11.02 -7.87 22.59
CA GLU D 8 11.84 -9.00 22.14
C GLU D 8 13.24 -8.43 22.35
N GLU D 9 13.57 -8.27 23.62
CA GLU D 9 14.82 -7.68 24.06
C GLU D 9 15.46 -8.73 24.98
N HIS D 10 16.61 -9.22 24.55
CA HIS D 10 17.27 -10.31 25.26
C HIS D 10 18.47 -10.02 26.16
N PHE D 11 18.71 -10.95 27.07
CA PHE D 11 19.82 -10.89 28.01
C PHE D 11 20.24 -12.35 28.21
N ALA D 12 21.37 -12.56 28.85
CA ALA D 12 21.82 -13.92 29.08
C ALA D 12 22.47 -14.03 30.45
N ILE D 13 22.63 -15.26 30.91
CA ILE D 13 23.30 -15.52 32.17
C ILE D 13 24.51 -16.33 31.73
N PRO D 14 25.59 -16.34 32.53
CA PRO D 14 26.78 -17.10 32.16
C PRO D 14 26.49 -18.49 31.61
N GLU D 15 25.50 -19.17 32.19
CA GLU D 15 25.13 -20.50 31.77
C GLU D 15 24.59 -20.64 30.35
N THR D 16 23.91 -19.61 29.86
CA THR D 16 23.34 -19.64 28.51
C THR D 16 24.08 -18.75 27.52
N LEU D 17 25.05 -17.99 28.02
CA LEU D 17 25.82 -17.07 27.19
C LEU D 17 26.41 -17.70 25.93
N GLN D 18 26.97 -18.90 26.08
CA GLN D 18 27.58 -19.58 24.95
C GLN D 18 26.58 -19.94 23.86
N ASP D 19 25.30 -20.01 24.23
CA ASP D 19 24.24 -20.34 23.27
C ASP D 19 24.18 -19.34 22.12
N SER D 20 24.72 -18.16 22.32
CA SER D 20 24.72 -17.12 21.29
C SER D 20 26.08 -17.01 20.60
N VAL D 24 31.64 -15.34 14.66
CA VAL D 24 33.10 -15.61 14.55
C VAL D 24 33.86 -14.82 15.62
N PRO D 25 35.09 -15.27 15.97
CA PRO D 25 35.91 -14.60 16.99
C PRO D 25 36.25 -13.17 16.59
N GLY D 26 36.25 -12.27 17.57
CA GLY D 26 36.59 -10.89 17.27
C GLY D 26 35.84 -9.87 18.11
N ASP D 27 35.99 -8.61 17.75
CA ASP D 27 35.35 -7.52 18.49
C ASP D 27 33.83 -7.63 18.53
N TYR D 28 33.21 -8.17 17.48
CA TYR D 28 31.76 -8.30 17.46
C TYR D 28 31.22 -9.29 18.49
N TRP D 29 31.85 -10.46 18.60
CA TRP D 29 31.42 -11.46 19.58
C TRP D 29 31.62 -10.92 21.00
N LYS D 30 32.69 -10.16 21.19
CA LYS D 30 32.99 -9.58 22.49
C LYS D 30 31.89 -8.58 22.87
N GLU D 31 31.53 -7.72 21.92
CA GLU D 31 30.49 -6.72 22.13
C GLU D 31 29.14 -7.39 22.39
N LEU D 32 28.83 -8.44 21.64
CA LEU D 32 27.56 -9.14 21.82
C LEU D 32 27.46 -9.71 23.24
N GLN D 33 28.56 -10.25 23.74
CA GLN D 33 28.57 -10.82 25.09
C GLN D 33 28.30 -9.74 26.11
N HIS D 34 28.99 -8.61 25.99
CA HIS D 34 28.79 -7.48 26.89
C HIS D 34 27.32 -7.07 26.88
N ARG D 35 26.75 -6.93 25.69
CA ARG D 35 25.36 -6.54 25.53
C ARG D 35 24.39 -7.50 26.20
N LEU D 36 24.62 -8.80 26.02
CA LEU D 36 23.75 -9.81 26.61
C LEU D 36 23.76 -9.78 28.13
N LEU D 37 24.93 -9.51 28.70
CA LEU D 37 25.07 -9.48 30.15
C LEU D 37 24.64 -8.16 30.78
N ASP D 38 24.64 -7.09 29.98
CA ASP D 38 24.27 -5.77 30.48
C ASP D 38 22.77 -5.47 30.44
N ILE D 39 22.29 -4.80 31.47
CA ILE D 39 20.89 -4.43 31.57
C ILE D 39 20.74 -2.97 32.01
N GLN D 40 21.45 -2.62 33.09
CA GLN D 40 21.38 -1.30 33.69
C GLN D 40 22.20 -0.16 33.09
N ASP D 41 23.22 -0.48 32.31
CA ASP D 41 24.08 0.55 31.74
C ASP D 41 23.81 0.88 30.28
N THR D 42 24.49 0.18 29.38
CA THR D 42 24.36 0.40 27.94
C THR D 42 22.91 0.32 27.46
N ARG D 43 22.23 -0.75 27.82
CA ARG D 43 20.83 -0.98 27.42
C ARG D 43 19.91 0.15 27.87
N LEU D 44 19.98 0.51 29.14
CA LEU D 44 19.14 1.56 29.68
C LEU D 44 19.43 2.92 29.04
N LYS D 45 20.70 3.20 28.79
CA LYS D 45 21.06 4.47 28.18
C LYS D 45 20.51 4.58 26.76
N LEU D 46 20.52 3.47 26.03
CA LEU D 46 19.99 3.45 24.67
C LEU D 46 18.47 3.61 24.71
N MET D 47 17.82 2.99 25.70
CA MET D 47 16.38 3.10 25.86
C MET D 47 16.02 4.57 26.08
N ASP D 48 16.83 5.24 26.90
CA ASP D 48 16.61 6.65 27.19
C ASP D 48 16.84 7.54 25.98
N ALA D 49 17.77 7.14 25.13
CA ALA D 49 18.08 7.93 23.94
C ALA D 49 17.17 7.61 22.78
N HIS D 50 16.51 6.46 22.82
CA HIS D 50 15.65 6.05 21.72
C HIS D 50 14.18 5.85 22.02
N GLY D 51 13.65 6.67 22.92
CA GLY D 51 12.24 6.63 23.26
C GLY D 51 11.62 5.33 23.71
N ILE D 52 12.39 4.49 24.39
CA ILE D 52 11.84 3.24 24.89
C ILE D 52 11.65 3.35 26.40
N GLU D 53 10.40 3.45 26.83
CA GLU D 53 10.10 3.58 28.25
C GLU D 53 10.07 2.21 28.93
N THR D 54 9.47 1.25 28.25
CA THR D 54 9.32 -0.09 28.79
C THR D 54 9.99 -1.18 27.96
N MET D 55 10.82 -1.97 28.61
CA MET D 55 11.48 -3.07 27.93
C MET D 55 11.12 -4.37 28.64
N ILE D 56 10.47 -5.27 27.93
CA ILE D 56 10.10 -6.55 28.50
C ILE D 56 11.21 -7.52 28.12
N LEU D 57 12.03 -7.85 29.12
CA LEU D 57 13.18 -8.73 28.96
C LEU D 57 12.91 -10.22 28.85
N SER D 58 13.79 -10.92 28.14
CA SER D 58 13.69 -12.36 27.96
C SER D 58 15.09 -12.95 27.81
N LEU D 59 15.24 -14.18 28.28
CA LEU D 59 16.50 -14.90 28.21
C LEU D 59 16.80 -15.17 26.73
N ASN D 60 18.08 -15.34 26.39
CA ASN D 60 18.47 -15.59 25.00
C ASN D 60 18.07 -16.98 24.51
N ALA D 61 18.53 -17.35 23.30
CA ALA D 61 18.16 -18.63 22.71
C ALA D 61 19.33 -19.49 22.21
N PRO D 62 19.14 -20.82 22.13
CA PRO D 62 17.91 -21.55 22.48
C PRO D 62 17.72 -21.73 23.98
N ALA D 63 18.79 -21.47 24.74
CA ALA D 63 18.78 -21.58 26.19
C ALA D 63 18.13 -22.84 26.74
N VAL D 64 17.09 -22.67 27.55
CA VAL D 64 16.39 -23.80 28.19
C VAL D 64 15.82 -24.84 27.24
N GLN D 65 15.40 -24.42 26.05
CA GLN D 65 14.82 -25.36 25.10
C GLN D 65 15.83 -26.36 24.53
N ALA D 66 17.12 -26.08 24.70
CA ALA D 66 18.17 -26.96 24.21
C ALA D 66 18.83 -27.80 25.31
N ILE D 67 18.22 -27.81 26.50
CA ILE D 67 18.75 -28.58 27.62
C ILE D 67 17.88 -29.83 27.78
N PRO D 68 18.33 -30.97 27.23
CA PRO D 68 17.62 -32.26 27.28
C PRO D 68 17.28 -32.83 28.66
N ASP D 69 18.18 -32.67 29.63
CA ASP D 69 17.92 -33.19 30.96
C ASP D 69 16.93 -32.25 31.66
N ARG D 70 15.70 -32.72 31.85
CA ARG D 70 14.67 -31.90 32.48
C ARG D 70 15.11 -31.34 33.83
N ARG D 71 15.93 -32.10 34.54
CA ARG D 71 16.41 -31.65 35.85
C ARG D 71 17.21 -30.37 35.71
N LYS D 72 18.22 -30.37 34.83
CA LYS D 72 19.03 -29.17 34.66
C LYS D 72 18.26 -28.06 33.97
N ALA D 73 17.30 -28.43 33.13
CA ALA D 73 16.49 -27.45 32.41
C ALA D 73 15.68 -26.63 33.41
N ILE D 74 15.10 -27.31 34.40
CA ILE D 74 14.31 -26.65 35.42
C ILE D 74 15.21 -25.73 36.25
N GLU D 75 16.40 -26.23 36.55
CA GLU D 75 17.38 -25.49 37.34
C GLU D 75 17.83 -24.20 36.64
N ILE D 76 18.19 -24.31 35.36
CA ILE D 76 18.64 -23.15 34.61
C ILE D 76 17.50 -22.14 34.42
N ALA D 77 16.30 -22.65 34.18
CA ALA D 77 15.14 -21.78 33.99
C ALA D 77 14.93 -20.95 35.25
N ARG D 78 14.84 -21.63 36.40
CA ARG D 78 14.65 -20.95 37.68
C ARG D 78 15.75 -19.93 37.92
N ARG D 79 16.98 -20.30 37.61
CA ARG D 79 18.13 -19.42 37.80
C ARG D 79 18.03 -18.18 36.93
N ALA D 80 17.66 -18.37 35.67
CA ALA D 80 17.53 -17.25 34.73
C ALA D 80 16.40 -16.32 35.17
N ASN D 81 15.30 -16.90 35.64
CA ASN D 81 14.15 -16.10 36.07
C ASN D 81 14.44 -15.30 37.34
N ASP D 82 15.24 -15.88 38.24
CA ASP D 82 15.58 -15.16 39.47
C ASP D 82 16.50 -13.99 39.15
N VAL D 83 17.47 -14.22 38.27
CA VAL D 83 18.38 -13.14 37.90
C VAL D 83 17.56 -12.03 37.26
N LEU D 84 16.66 -12.41 36.36
CA LEU D 84 15.82 -11.44 35.67
C LEU D 84 14.99 -10.64 36.67
N ALA D 85 14.41 -11.32 37.66
CA ALA D 85 13.61 -10.63 38.67
C ALA D 85 14.48 -9.60 39.39
N GLU D 86 15.70 -10.00 39.73
CA GLU D 86 16.62 -9.11 40.41
C GLU D 86 16.92 -7.87 39.56
N GLU D 87 17.18 -8.09 38.28
CA GLU D 87 17.49 -7.00 37.38
C GLU D 87 16.34 -6.03 37.21
N CYS D 88 15.13 -6.56 37.09
CA CYS D 88 13.94 -5.71 36.93
C CYS D 88 13.69 -4.88 38.17
N ALA D 89 13.97 -5.45 39.34
CA ALA D 89 13.75 -4.76 40.60
C ALA D 89 14.58 -3.49 40.73
N LYS D 90 15.67 -3.41 39.97
CA LYS D 90 16.55 -2.23 40.03
C LYS D 90 15.91 -1.01 39.36
N ARG D 91 15.08 -1.23 38.35
CA ARG D 91 14.38 -0.15 37.64
C ARG D 91 13.02 -0.70 37.20
N PRO D 92 12.13 -0.98 38.15
CA PRO D 92 10.79 -1.53 37.88
C PRO D 92 9.92 -0.61 37.03
N ASP D 93 10.34 0.65 36.90
CA ASP D 93 9.60 1.61 36.11
C ASP D 93 9.97 1.48 34.63
N ARG D 94 11.01 0.70 34.36
CA ARG D 94 11.50 0.53 33.00
C ARG D 94 11.57 -0.93 32.49
N PHE D 95 11.77 -1.88 33.40
CA PHE D 95 11.88 -3.28 32.99
C PHE D 95 10.80 -4.24 33.48
N LEU D 96 10.31 -5.06 32.55
CA LEU D 96 9.31 -6.08 32.84
C LEU D 96 9.96 -7.37 32.37
N ALA D 97 9.34 -8.52 32.63
CA ALA D 97 9.98 -9.77 32.23
C ALA D 97 9.09 -10.91 31.75
N PHE D 98 9.65 -11.69 30.83
CA PHE D 98 9.02 -12.88 30.29
C PHE D 98 9.70 -14.03 31.00
N ALA D 99 8.92 -15.06 31.34
CA ALA D 99 9.47 -16.22 32.03
C ALA D 99 10.13 -17.20 31.06
N ALA D 100 11.23 -17.81 31.51
CA ALA D 100 11.94 -18.82 30.75
C ALA D 100 11.32 -20.10 31.31
N LEU D 101 10.89 -21.01 30.43
CA LEU D 101 10.23 -22.23 30.91
C LEU D 101 10.86 -23.56 30.51
N PRO D 102 10.92 -24.52 31.45
CA PRO D 102 11.48 -25.85 31.20
C PRO D 102 10.40 -26.76 30.63
N LEU D 103 9.96 -26.46 29.42
CA LEU D 103 8.91 -27.22 28.77
C LEU D 103 9.22 -28.68 28.44
N GLN D 104 10.44 -29.14 28.71
CA GLN D 104 10.73 -30.55 28.45
C GLN D 104 10.03 -31.34 29.57
N ASP D 105 9.52 -30.60 30.55
CA ASP D 105 8.79 -31.17 31.68
C ASP D 105 7.54 -30.31 31.83
N PRO D 106 6.44 -30.69 31.15
CA PRO D 106 5.17 -29.96 31.20
C PRO D 106 4.73 -29.43 32.56
N ASP D 107 4.64 -30.32 33.55
CA ASP D 107 4.20 -29.92 34.88
C ASP D 107 5.15 -28.91 35.52
N ALA D 108 6.45 -29.15 35.39
CA ALA D 108 7.44 -28.23 35.96
C ALA D 108 7.34 -26.86 35.29
N ALA D 109 7.08 -26.87 33.99
CA ALA D 109 6.95 -25.63 33.22
C ALA D 109 5.74 -24.86 33.72
N THR D 110 4.62 -25.56 33.90
CA THR D 110 3.39 -24.93 34.39
C THR D 110 3.63 -24.30 35.76
N GLU D 111 4.37 -25.00 36.61
CA GLU D 111 4.65 -24.52 37.95
C GLU D 111 5.60 -23.32 37.96
N GLU D 112 6.61 -23.33 37.09
CA GLU D 112 7.54 -22.20 37.06
C GLU D 112 6.86 -20.96 36.51
N LEU D 113 5.92 -21.15 35.59
CA LEU D 113 5.21 -20.01 35.01
C LEU D 113 4.36 -19.35 36.09
N GLN D 114 3.74 -20.18 36.93
CA GLN D 114 2.90 -19.68 38.02
C GLN D 114 3.75 -18.90 39.01
N ARG D 115 4.95 -19.42 39.29
CA ARG D 115 5.85 -18.76 40.23
C ARG D 115 6.26 -17.39 39.69
N CYS D 116 6.68 -17.36 38.43
CA CYS D 116 7.11 -16.12 37.79
C CYS D 116 5.99 -15.09 37.76
N VAL D 117 4.78 -15.52 37.42
CA VAL D 117 3.65 -14.60 37.34
C VAL D 117 3.11 -14.16 38.69
N ASN D 118 2.79 -15.12 39.56
CA ASN D 118 2.23 -14.79 40.87
C ASN D 118 3.23 -14.29 41.91
N ASP D 119 4.44 -14.85 41.90
CA ASP D 119 5.45 -14.46 42.88
C ASP D 119 6.44 -13.41 42.39
N LEU D 120 6.86 -13.50 41.14
CA LEU D 120 7.84 -12.56 40.60
C LEU D 120 7.23 -11.41 39.78
N GLY D 121 5.94 -11.51 39.48
CA GLY D 121 5.28 -10.46 38.72
C GLY D 121 5.61 -10.40 37.23
N PHE D 122 6.06 -11.51 36.66
CA PHE D 122 6.36 -11.55 35.23
C PHE D 122 5.07 -11.39 34.45
N VAL D 123 5.16 -10.78 33.27
CA VAL D 123 3.98 -10.52 32.44
C VAL D 123 3.75 -11.48 31.28
N GLY D 124 4.46 -12.60 31.26
CA GLY D 124 4.29 -13.56 30.20
C GLY D 124 5.43 -14.54 30.11
N ALA D 125 5.49 -15.29 29.02
CA ALA D 125 6.55 -16.26 28.83
C ALA D 125 7.12 -16.14 27.42
N LEU D 126 8.39 -16.48 27.28
CA LEU D 126 9.03 -16.45 25.97
C LEU D 126 9.77 -17.77 25.85
N VAL D 127 9.41 -18.54 24.83
CA VAL D 127 9.98 -19.85 24.59
C VAL D 127 10.58 -19.92 23.20
N ASN D 128 11.78 -20.49 23.12
CA ASN D 128 12.49 -20.61 21.86
C ASN D 128 12.12 -21.87 21.08
N GLY D 129 10.89 -21.89 20.56
CA GLY D 129 10.45 -23.04 19.78
C GLY D 129 10.36 -24.35 20.54
N PHE D 130 10.45 -25.45 19.79
CA PHE D 130 10.35 -26.78 20.37
C PHE D 130 11.38 -27.08 21.44
N SER D 131 11.05 -28.03 22.31
CA SER D 131 11.94 -28.43 23.39
C SER D 131 12.66 -29.72 23.03
N GLN D 132 13.80 -29.95 23.70
CA GLN D 132 14.59 -31.16 23.53
C GLN D 132 14.56 -31.84 24.90
N GLU D 133 14.46 -33.17 24.92
CA GLU D 133 14.41 -33.91 26.17
C GLU D 133 14.99 -35.31 26.00
N GLY D 134 15.59 -35.85 27.06
CA GLY D 134 16.18 -37.17 27.01
C GLY D 134 17.40 -37.20 26.11
N ASP D 135 17.36 -37.99 25.04
CA ASP D 135 18.50 -38.04 24.14
C ASP D 135 18.50 -36.74 23.33
N GLY D 136 17.38 -36.02 23.42
CA GLY D 136 17.22 -34.76 22.73
C GLY D 136 17.20 -34.78 21.21
N GLN D 137 16.89 -35.94 20.63
CA GLN D 137 16.87 -36.06 19.17
C GLN D 137 15.48 -35.91 18.56
N THR D 138 14.51 -35.53 19.37
CA THR D 138 13.14 -35.37 18.89
C THR D 138 12.58 -33.99 19.26
N PRO D 139 12.23 -33.19 18.24
CA PRO D 139 11.68 -31.85 18.53
C PRO D 139 10.29 -31.98 19.14
N LEU D 140 10.10 -31.39 20.30
CA LEU D 140 8.81 -31.46 20.97
C LEU D 140 8.02 -30.17 20.75
N TYR D 141 6.94 -30.28 19.97
CA TYR D 141 6.09 -29.13 19.68
C TYR D 141 4.96 -29.01 20.69
N TYR D 142 4.54 -27.78 20.95
CA TYR D 142 3.52 -27.51 21.95
C TYR D 142 2.05 -27.72 21.58
N ASP D 143 1.80 -28.29 20.40
CA ASP D 143 0.43 -28.59 20.01
C ASP D 143 0.08 -30.00 20.50
N LEU D 144 1.09 -30.71 20.99
CA LEU D 144 0.92 -32.08 21.49
C LEU D 144 0.03 -32.13 22.74
N PRO D 145 -0.66 -33.26 22.94
CA PRO D 145 -1.56 -33.47 24.08
C PRO D 145 -0.99 -33.16 25.47
N GLN D 146 0.23 -33.59 25.73
CA GLN D 146 0.84 -33.36 27.04
C GLN D 146 0.97 -31.90 27.43
N TYR D 147 0.80 -30.99 26.47
CA TYR D 147 0.92 -29.57 26.79
C TYR D 147 -0.40 -28.85 26.99
N ARG D 148 -1.51 -29.53 26.76
CA ARG D 148 -2.81 -28.90 26.94
C ARG D 148 -3.02 -28.35 28.35
N PRO D 149 -2.62 -29.11 29.38
CA PRO D 149 -2.81 -28.58 30.74
C PRO D 149 -2.03 -27.27 30.90
N PHE D 150 -0.82 -27.26 30.37
CA PHE D 150 0.02 -26.07 30.43
C PHE D 150 -0.68 -24.87 29.80
N TRP D 151 -1.23 -25.07 28.60
CA TRP D 151 -1.93 -23.98 27.90
C TRP D 151 -3.14 -23.52 28.69
N GLY D 152 -3.81 -24.46 29.35
CA GLY D 152 -4.96 -24.11 30.14
C GLY D 152 -4.55 -23.14 31.24
N GLU D 153 -3.37 -23.39 31.82
CA GLU D 153 -2.86 -22.53 32.89
C GLU D 153 -2.43 -21.18 32.33
N VAL D 154 -1.84 -21.18 31.14
CA VAL D 154 -1.42 -19.93 30.52
C VAL D 154 -2.64 -19.04 30.36
N GLU D 155 -3.74 -19.64 29.90
CA GLU D 155 -4.99 -18.92 29.71
C GLU D 155 -5.56 -18.47 31.05
N LYS D 156 -5.37 -19.28 32.10
CA LYS D 156 -5.87 -18.94 33.42
C LYS D 156 -5.13 -17.71 33.97
N LEU D 157 -3.81 -17.73 33.87
CA LEU D 157 -2.99 -16.62 34.34
C LEU D 157 -3.25 -15.40 33.45
N ASP D 158 -3.69 -15.68 32.24
CA ASP D 158 -3.98 -14.64 31.25
C ASP D 158 -2.78 -13.76 30.94
N VAL D 159 -1.69 -14.40 30.51
CA VAL D 159 -0.48 -13.69 30.13
C VAL D 159 -0.07 -14.24 28.78
N PRO D 160 0.50 -13.39 27.91
CA PRO D 160 0.92 -13.80 26.57
C PRO D 160 2.10 -14.78 26.53
N PHE D 161 2.13 -15.55 25.45
CA PHE D 161 3.19 -16.54 25.22
C PHE D 161 3.91 -16.10 23.93
N TYR D 162 5.18 -15.73 24.06
CA TYR D 162 5.96 -15.29 22.91
C TYR D 162 6.69 -16.50 22.31
N LEU D 163 6.23 -16.95 21.15
CA LEU D 163 6.84 -18.10 20.48
C LEU D 163 8.02 -17.60 19.66
N HIS D 164 9.21 -17.71 20.25
CA HIS D 164 10.47 -17.25 19.67
C HIS D 164 11.17 -18.34 18.84
N PRO D 165 12.04 -17.94 17.91
CA PRO D 165 12.74 -18.92 17.07
C PRO D 165 13.90 -19.70 17.70
N ARG D 166 14.30 -20.75 16.99
CA ARG D 166 15.43 -21.61 17.32
C ARG D 166 15.68 -22.33 16.01
N ASN D 167 16.87 -22.89 15.83
CA ASN D 167 17.17 -23.63 14.61
C ASN D 167 16.65 -25.05 14.74
N PRO D 168 16.32 -25.69 13.60
CA PRO D 168 15.82 -27.06 13.66
C PRO D 168 17.02 -27.95 13.98
N LEU D 169 16.77 -29.18 14.39
CA LEU D 169 17.86 -30.10 14.69
C LEU D 169 18.54 -30.47 13.37
N PRO D 170 19.83 -30.84 13.43
CA PRO D 170 20.59 -31.22 12.23
C PRO D 170 19.88 -32.22 11.33
N GLN D 171 19.27 -33.25 11.92
CA GLN D 171 18.58 -34.26 11.13
C GLN D 171 17.32 -33.72 10.44
N ASP D 172 16.88 -32.53 10.87
CA ASP D 172 15.70 -31.92 10.28
C ASP D 172 16.10 -30.65 9.53
N SER D 173 17.37 -30.58 9.14
CA SER D 173 17.91 -29.41 8.45
C SER D 173 18.62 -29.73 7.14
N ARG D 174 18.39 -30.91 6.59
CA ARG D 174 19.06 -31.28 5.34
C ARG D 174 18.90 -30.28 4.21
N ILE D 175 17.77 -29.60 4.15
CA ILE D 175 17.54 -28.64 3.09
C ILE D 175 18.56 -27.51 3.13
N TYR D 176 19.17 -27.31 4.30
CA TYR D 176 20.17 -26.25 4.45
C TYR D 176 21.60 -26.79 4.39
N ASP D 177 21.76 -28.09 4.16
CA ASP D 177 23.10 -28.66 4.08
C ASP D 177 23.96 -27.95 3.04
N GLY D 178 25.13 -27.50 3.48
CA GLY D 178 26.03 -26.80 2.59
C GLY D 178 25.77 -25.31 2.62
N HIS D 179 24.69 -24.91 3.31
CA HIS D 179 24.31 -23.51 3.39
C HIS D 179 24.06 -23.05 4.83
N PRO D 180 25.10 -23.05 5.68
CA PRO D 180 24.95 -22.62 7.07
C PRO D 180 24.42 -21.19 7.19
N TRP D 181 24.68 -20.40 6.16
CA TRP D 181 24.23 -19.01 6.12
C TRP D 181 22.72 -18.85 5.96
N LEU D 182 22.02 -19.97 5.71
CA LEU D 182 20.57 -19.92 5.58
C LEU D 182 19.92 -20.29 6.91
N LEU D 183 20.71 -20.76 7.86
CA LEU D 183 20.19 -21.10 9.18
C LEU D 183 20.08 -19.81 9.97
N GLY D 184 19.44 -19.87 11.13
CA GLY D 184 19.31 -18.67 11.94
C GLY D 184 18.34 -17.61 11.42
N PRO D 185 18.60 -16.34 11.75
CA PRO D 185 17.76 -15.22 11.33
C PRO D 185 17.61 -14.99 9.84
N THR D 186 18.53 -15.52 9.03
CA THR D 186 18.44 -15.35 7.59
C THR D 186 17.14 -15.97 7.07
N TRP D 187 16.84 -17.19 7.51
CA TRP D 187 15.63 -17.87 7.07
C TRP D 187 15.15 -19.00 7.98
N ALA D 188 16.04 -19.93 8.31
CA ALA D 188 15.67 -21.08 9.14
C ALA D 188 14.79 -20.70 10.35
N PHE D 189 15.16 -19.63 11.06
CA PHE D 189 14.39 -19.21 12.22
C PHE D 189 12.91 -19.01 11.90
N ALA D 190 12.64 -18.28 10.82
CA ALA D 190 11.27 -17.99 10.41
C ALA D 190 10.45 -19.24 10.08
N GLN D 191 11.00 -20.10 9.23
CA GLN D 191 10.34 -21.34 8.84
C GLN D 191 9.96 -22.16 10.07
N GLU D 192 10.94 -22.39 10.94
CA GLU D 192 10.72 -23.17 12.15
C GLU D 192 9.60 -22.63 13.01
N THR D 193 9.59 -21.32 13.22
CA THR D 193 8.59 -20.68 14.06
C THR D 193 7.21 -20.58 13.42
N ALA D 194 7.18 -20.25 12.14
CA ALA D 194 5.92 -20.14 11.41
C ALA D 194 5.17 -21.46 11.44
N VAL D 195 5.86 -22.56 11.16
CA VAL D 195 5.21 -23.86 11.16
C VAL D 195 4.78 -24.25 12.56
N HIS D 196 5.62 -23.94 13.56
CA HIS D 196 5.24 -24.28 14.93
C HIS D 196 3.93 -23.55 15.23
N ALA D 197 3.86 -22.26 14.84
CA ALA D 197 2.65 -21.49 15.06
C ALA D 197 1.47 -22.12 14.34
N LEU D 198 1.67 -22.56 13.11
CA LEU D 198 0.60 -23.18 12.34
C LEU D 198 0.15 -24.48 12.99
N ARG D 199 1.08 -25.22 13.58
CA ARG D 199 0.73 -26.48 14.25
C ARG D 199 -0.21 -26.17 15.42
N LEU D 200 0.08 -25.12 16.17
CA LEU D 200 -0.76 -24.74 17.29
C LEU D 200 -2.17 -24.43 16.82
N MET D 201 -2.27 -23.68 15.72
CA MET D 201 -3.57 -23.32 15.17
C MET D 201 -4.33 -24.53 14.66
N ALA D 202 -3.65 -25.35 13.85
CA ALA D 202 -4.27 -26.53 13.27
C ALA D 202 -4.73 -27.56 14.32
N SER D 203 -4.05 -27.61 15.45
CA SER D 203 -4.38 -28.56 16.50
C SER D 203 -5.71 -28.28 17.19
N GLY D 204 -6.24 -27.07 17.01
CA GLY D 204 -7.50 -26.72 17.64
C GLY D 204 -7.28 -26.13 19.03
N LEU D 205 -6.02 -25.88 19.37
CA LEU D 205 -5.67 -25.32 20.67
C LEU D 205 -6.47 -24.07 21.01
N PHE D 206 -6.68 -23.22 20.00
CA PHE D 206 -7.41 -21.99 20.21
C PHE D 206 -8.93 -22.14 20.24
N ASP D 207 -9.41 -23.34 19.95
CA ASP D 207 -10.85 -23.60 20.03
C ASP D 207 -11.07 -23.90 21.51
N GLU D 208 -10.14 -24.68 22.07
CA GLU D 208 -10.18 -25.09 23.46
C GLU D 208 -9.86 -23.95 24.41
N HIS D 209 -8.88 -23.12 24.04
CA HIS D 209 -8.47 -21.99 24.86
C HIS D 209 -8.41 -20.75 23.97
N PRO D 210 -9.59 -20.20 23.61
CA PRO D 210 -9.73 -19.02 22.76
C PRO D 210 -9.17 -17.71 23.30
N ARG D 211 -8.90 -17.64 24.60
CA ARG D 211 -8.38 -16.40 25.18
C ARG D 211 -6.86 -16.31 25.17
N LEU D 212 -6.20 -17.35 24.65
CA LEU D 212 -4.76 -17.36 24.58
C LEU D 212 -4.23 -16.23 23.69
N ASN D 213 -3.10 -15.65 24.09
CA ASN D 213 -2.47 -14.59 23.33
C ASN D 213 -1.07 -15.04 22.94
N ILE D 214 -0.86 -15.29 21.67
CA ILE D 214 0.44 -15.73 21.17
C ILE D 214 1.11 -14.58 20.45
N ILE D 215 2.41 -14.42 20.66
CA ILE D 215 3.17 -13.36 20.02
C ILE D 215 4.29 -13.93 19.17
N LEU D 216 4.44 -13.37 17.97
CA LEU D 216 5.50 -13.79 17.05
C LEU D 216 6.32 -12.57 16.68
N GLY D 217 7.64 -12.73 16.67
CA GLY D 217 8.49 -11.61 16.30
C GLY D 217 8.75 -11.63 14.81
N HIS D 218 9.67 -10.78 14.38
CA HIS D 218 10.08 -10.71 12.98
C HIS D 218 8.90 -10.60 12.04
N MET D 219 7.92 -9.79 12.44
CA MET D 219 6.71 -9.52 11.68
C MET D 219 5.89 -10.75 11.30
N GLY D 220 5.80 -11.71 12.21
CA GLY D 220 5.00 -12.89 11.93
C GLY D 220 5.70 -14.03 11.23
N GLU D 221 7.03 -13.95 11.16
CA GLU D 221 7.84 -15.00 10.55
C GLU D 221 7.40 -15.36 9.12
N GLY D 222 6.88 -14.36 8.40
CA GLY D 222 6.45 -14.57 7.04
C GLY D 222 4.99 -14.93 6.84
N LEU D 223 4.27 -15.19 7.92
CA LEU D 223 2.87 -15.58 7.83
C LEU D 223 1.86 -14.66 7.13
N PRO D 224 1.89 -13.35 7.43
CA PRO D 224 0.94 -12.42 6.79
C PRO D 224 0.83 -12.46 5.26
N TYR D 225 1.98 -12.46 4.59
CA TYR D 225 2.05 -12.47 3.12
C TYR D 225 1.42 -13.69 2.48
N MET D 226 1.49 -14.83 3.18
CA MET D 226 0.96 -16.07 2.65
C MET D 226 -0.32 -16.56 3.34
N MET D 227 -0.80 -15.81 4.33
CA MET D 227 -2.00 -16.22 5.06
C MET D 227 -3.20 -16.55 4.18
N TRP D 228 -3.48 -15.72 3.18
CA TRP D 228 -4.61 -16.01 2.29
C TRP D 228 -4.46 -17.39 1.65
N ARG D 229 -3.27 -17.66 1.11
CA ARG D 229 -3.02 -18.95 0.45
C ARG D 229 -3.12 -20.14 1.40
N ILE D 230 -2.64 -19.96 2.63
CA ILE D 230 -2.67 -21.03 3.64
C ILE D 230 -4.07 -21.64 3.75
N ASP D 231 -5.09 -20.80 3.72
CA ASP D 231 -6.48 -21.26 3.83
C ASP D 231 -7.17 -21.47 2.48
N HIS D 232 -6.94 -20.53 1.57
CA HIS D 232 -7.62 -20.52 0.27
C HIS D 232 -7.03 -21.25 -0.93
N ARG D 233 -5.86 -21.87 -0.78
CA ARG D 233 -5.29 -22.61 -1.90
C ARG D 233 -6.30 -23.66 -2.35
N ASN D 234 -6.34 -23.95 -3.65
CA ASN D 234 -7.27 -24.93 -4.21
C ASN D 234 -8.70 -24.69 -3.70
N ALA D 235 -9.13 -23.43 -3.74
CA ALA D 235 -10.45 -23.08 -3.25
C ALA D 235 -11.62 -23.80 -3.92
N TRP D 236 -11.48 -24.20 -5.18
CA TRP D 236 -12.57 -24.88 -5.87
C TRP D 236 -12.95 -26.17 -5.17
N VAL D 237 -12.03 -26.72 -4.37
CA VAL D 237 -12.32 -27.94 -3.63
C VAL D 237 -13.11 -27.52 -2.39
N LYS D 238 -14.43 -27.68 -2.47
CA LYS D 238 -15.32 -27.29 -1.38
C LYS D 238 -15.54 -28.38 -0.34
N LEU D 239 -14.46 -28.85 0.27
CA LEU D 239 -14.54 -29.87 1.31
C LEU D 239 -13.98 -29.25 2.59
N PRO D 240 -14.55 -29.60 3.74
CA PRO D 240 -14.04 -29.04 5.01
C PRO D 240 -12.59 -29.43 5.27
N PRO D 241 -11.79 -28.50 5.82
CA PRO D 241 -10.38 -28.78 6.11
C PRO D 241 -10.25 -30.05 6.95
N ARG D 242 -9.15 -30.78 6.76
CA ARG D 242 -8.92 -32.03 7.46
C ARG D 242 -8.42 -31.92 8.90
N TYR D 243 -7.76 -30.81 9.24
CA TYR D 243 -7.23 -30.63 10.60
C TYR D 243 -8.36 -30.57 11.62
N PRO D 244 -8.04 -30.87 12.91
CA PRO D 244 -9.01 -30.84 14.00
C PRO D 244 -9.60 -29.48 14.34
N ALA D 245 -8.85 -28.41 14.10
CA ALA D 245 -9.34 -27.07 14.39
C ALA D 245 -10.67 -26.86 13.67
N LYS D 246 -11.59 -26.16 14.32
CA LYS D 246 -12.92 -25.91 13.78
C LYS D 246 -13.03 -24.84 12.69
N ARG D 247 -12.13 -23.86 12.70
CA ARG D 247 -12.20 -22.80 11.71
C ARG D 247 -10.99 -22.68 10.79
N ARG D 248 -10.72 -21.47 10.32
CA ARG D 248 -9.61 -21.21 9.39
C ARG D 248 -8.37 -20.67 10.10
N PHE D 249 -7.20 -20.85 9.47
CA PHE D 249 -5.96 -20.35 10.05
C PHE D 249 -6.04 -18.85 10.22
N MET D 250 -6.60 -18.16 9.23
CA MET D 250 -6.72 -16.71 9.32
C MET D 250 -7.52 -16.27 10.55
N ASP D 251 -8.46 -17.11 10.98
CA ASP D 251 -9.26 -16.77 12.15
C ASP D 251 -8.43 -16.76 13.43
N TYR D 252 -7.64 -17.81 13.63
CA TYR D 252 -6.80 -17.90 14.82
C TYR D 252 -5.67 -16.89 14.78
N PHE D 253 -5.15 -16.63 13.59
CA PHE D 253 -4.06 -15.68 13.45
C PHE D 253 -4.57 -14.27 13.75
N ASN D 254 -5.78 -13.98 13.30
CA ASN D 254 -6.36 -12.66 13.52
C ASN D 254 -6.86 -12.46 14.95
N GLU D 255 -7.29 -13.55 15.57
CA GLU D 255 -7.86 -13.47 16.92
C GLU D 255 -6.93 -13.80 18.08
N ASN D 256 -5.96 -14.68 17.85
CA ASN D 256 -5.06 -15.09 18.93
C ASN D 256 -3.61 -14.69 18.81
N PHE D 257 -3.24 -14.02 17.72
CA PHE D 257 -1.85 -13.64 17.54
C PHE D 257 -1.58 -12.14 17.43
N HIS D 258 -0.36 -11.77 17.77
CA HIS D 258 0.14 -10.41 17.69
C HIS D 258 1.53 -10.61 17.12
N ILE D 259 2.02 -9.67 16.33
CA ILE D 259 3.36 -9.80 15.76
C ILE D 259 4.15 -8.56 16.11
N THR D 260 5.48 -8.69 16.17
CA THR D 260 6.33 -7.54 16.51
C THR D 260 7.27 -7.21 15.35
N THR D 261 7.87 -6.02 15.41
CA THR D 261 8.77 -5.57 14.36
C THR D 261 10.23 -6.00 14.58
N SER D 262 10.47 -6.89 15.55
CA SER D 262 11.81 -7.33 15.84
C SER D 262 12.59 -7.78 14.60
N GLY D 263 13.81 -7.27 14.45
CA GLY D 263 14.66 -7.64 13.33
C GLY D 263 14.04 -7.61 11.94
N ASN D 264 13.02 -6.78 11.73
CA ASN D 264 12.37 -6.69 10.42
C ASN D 264 11.90 -5.26 10.20
N PHE D 265 12.88 -4.37 10.07
CA PHE D 265 12.65 -2.94 9.91
C PHE D 265 12.42 -2.60 8.43
N ARG D 266 11.28 -3.07 7.93
CA ARG D 266 10.92 -2.88 6.53
C ARG D 266 9.49 -2.34 6.40
N THR D 267 9.38 -1.12 5.90
CA THR D 267 8.09 -0.46 5.74
C THR D 267 7.11 -1.25 4.86
N GLN D 268 7.59 -1.78 3.73
CA GLN D 268 6.70 -2.54 2.85
C GLN D 268 6.08 -3.70 3.62
N THR D 269 6.90 -4.37 4.41
CA THR D 269 6.46 -5.51 5.22
C THR D 269 5.43 -5.06 6.26
N LEU D 270 5.67 -3.90 6.85
CA LEU D 270 4.74 -3.36 7.84
C LEU D 270 3.39 -3.01 7.20
N ILE D 271 3.43 -2.46 6.00
CA ILE D 271 2.20 -2.10 5.30
C ILE D 271 1.37 -3.34 4.99
N ASP D 272 2.05 -4.38 4.49
CA ASP D 272 1.37 -5.63 4.18
C ASP D 272 0.70 -6.15 5.45
N ALA D 273 1.44 -6.14 6.56
CA ALA D 273 0.91 -6.61 7.82
C ALA D 273 -0.29 -5.78 8.28
N ILE D 274 -0.20 -4.45 8.13
CA ILE D 274 -1.31 -3.58 8.53
C ILE D 274 -2.56 -3.92 7.73
N LEU D 275 -2.38 -4.33 6.48
CA LEU D 275 -3.51 -4.67 5.63
C LEU D 275 -3.96 -6.13 5.76
N GLU D 276 -3.27 -6.89 6.61
CA GLU D 276 -3.63 -8.29 6.83
C GLU D 276 -4.10 -8.56 8.26
N ILE D 277 -3.25 -8.27 9.25
CA ILE D 277 -3.64 -8.51 10.64
C ILE D 277 -4.15 -7.23 11.33
N GLY D 278 -3.78 -6.08 10.78
CA GLY D 278 -4.23 -4.82 11.34
C GLY D 278 -3.25 -4.19 12.32
N ALA D 279 -3.20 -2.86 12.31
CA ALA D 279 -2.28 -2.13 13.18
C ALA D 279 -2.48 -2.45 14.67
N ASP D 280 -3.70 -2.83 15.05
CA ASP D 280 -3.98 -3.13 16.46
C ASP D 280 -3.27 -4.38 16.97
N ARG D 281 -2.70 -5.17 16.06
CA ARG D 281 -2.02 -6.38 16.47
C ARG D 281 -0.55 -6.46 16.07
N ILE D 282 0.04 -5.29 15.86
CA ILE D 282 1.45 -5.21 15.50
C ILE D 282 2.10 -4.42 16.63
N LEU D 283 3.23 -4.90 17.13
CA LEU D 283 3.92 -4.26 18.24
C LEU D 283 5.37 -3.95 17.91
N PHE D 284 5.85 -2.82 18.39
CA PHE D 284 7.24 -2.45 18.17
C PHE D 284 8.09 -3.36 19.05
N SER D 285 9.27 -3.70 18.54
CA SER D 285 10.26 -4.51 19.25
C SER D 285 11.54 -4.40 18.44
N THR D 286 12.68 -4.68 19.04
CA THR D 286 13.95 -4.51 18.34
C THR D 286 14.80 -5.76 18.09
N ASP D 287 14.80 -6.67 19.06
CA ASP D 287 15.60 -7.90 19.02
C ASP D 287 17.01 -7.59 19.54
N TRP D 288 17.12 -6.52 20.30
CA TRP D 288 18.41 -6.16 20.91
C TRP D 288 18.77 -7.37 21.78
N PRO D 289 20.06 -7.69 21.92
CA PRO D 289 21.28 -7.07 21.39
C PRO D 289 21.68 -7.55 19.99
N PHE D 290 20.86 -8.38 19.38
CA PHE D 290 21.15 -8.93 18.06
C PHE D 290 20.90 -7.91 16.96
N GLU D 291 20.19 -6.85 17.31
CA GLU D 291 19.89 -5.74 16.40
C GLU D 291 20.15 -4.48 17.22
N ASN D 292 20.65 -3.43 16.58
CA ASN D 292 20.90 -2.18 17.28
C ASN D 292 19.58 -1.50 17.60
N ILE D 293 19.47 -0.97 18.82
CA ILE D 293 18.24 -0.29 19.21
C ILE D 293 18.00 0.95 18.35
N ASP D 294 19.08 1.68 18.02
CA ASP D 294 18.91 2.87 17.20
C ASP D 294 18.40 2.51 15.81
N HIS D 295 18.82 1.36 15.29
CA HIS D 295 18.35 0.92 13.97
C HIS D 295 16.83 0.72 13.99
N ALA D 296 16.35 -0.01 15.00
CA ALA D 296 14.92 -0.29 15.13
C ALA D 296 14.11 0.97 15.37
N SER D 297 14.58 1.80 16.29
CA SER D 297 13.88 3.04 16.64
C SER D 297 13.86 4.08 15.53
N ASP D 298 15.01 4.30 14.89
CA ASP D 298 15.04 5.29 13.82
C ASP D 298 14.10 4.88 12.69
N TRP D 299 14.11 3.60 12.35
CA TRP D 299 13.23 3.11 11.30
C TRP D 299 11.76 3.29 11.71
N PHE D 300 11.41 2.80 12.88
CA PHE D 300 10.02 2.90 13.33
C PHE D 300 9.52 4.33 13.47
N ASN D 301 10.38 5.22 13.97
CA ASN D 301 9.98 6.61 14.13
C ASN D 301 9.59 7.26 12.80
N ALA D 302 10.18 6.77 11.71
CA ALA D 302 9.90 7.35 10.40
C ALA D 302 9.12 6.49 9.40
N THR D 303 8.77 5.26 9.76
CA THR D 303 8.05 4.42 8.81
C THR D 303 6.73 5.07 8.36
N SER D 304 6.34 4.78 7.12
CA SER D 304 5.17 5.39 6.49
C SER D 304 3.78 4.89 6.91
N ILE D 305 3.38 5.23 8.13
CA ILE D 305 2.07 4.83 8.64
C ILE D 305 1.43 6.03 9.30
N ALA D 306 0.15 5.90 9.68
CA ALA D 306 -0.56 7.00 10.32
C ALA D 306 0.04 7.24 11.70
N GLU D 307 0.10 8.50 12.13
CA GLU D 307 0.67 8.78 13.44
C GLU D 307 -0.12 8.06 14.53
N ALA D 308 -1.43 7.94 14.34
CA ALA D 308 -2.26 7.25 15.31
C ALA D 308 -1.82 5.79 15.43
N ASP D 309 -1.42 5.19 14.32
CA ASP D 309 -0.95 3.81 14.34
C ASP D 309 0.46 3.71 14.89
N ARG D 310 1.26 4.74 14.71
CA ARG D 310 2.62 4.71 15.24
C ARG D 310 2.53 4.68 16.77
N VAL D 311 1.54 5.39 17.32
CA VAL D 311 1.35 5.42 18.78
C VAL D 311 0.89 4.05 19.28
N LYS D 312 -0.03 3.43 18.57
CA LYS D 312 -0.54 2.12 18.97
C LYS D 312 0.54 1.06 18.87
N ILE D 313 1.18 0.98 17.71
CA ILE D 313 2.22 -0.01 17.48
C ILE D 313 3.44 0.20 18.37
N GLY D 314 3.80 1.46 18.60
CA GLY D 314 4.96 1.73 19.42
C GLY D 314 4.71 1.66 20.92
N ARG D 315 3.47 1.87 21.34
CA ARG D 315 3.16 1.90 22.76
C ARG D 315 1.84 1.34 23.30
N THR D 316 0.72 1.92 22.88
CA THR D 316 -0.57 1.51 23.41
C THR D 316 -1.04 0.08 23.17
N ASN D 317 -0.61 -0.56 22.08
CA ASN D 317 -1.02 -1.94 21.83
C ASN D 317 -0.42 -2.83 22.92
N ALA D 318 0.85 -2.61 23.21
CA ALA D 318 1.55 -3.40 24.22
C ALA D 318 1.02 -3.11 25.62
N ARG D 319 0.83 -1.83 25.95
CA ARG D 319 0.33 -1.47 27.27
C ARG D 319 -1.03 -2.11 27.51
N ARG D 320 -1.82 -2.21 26.44
CA ARG D 320 -3.14 -2.83 26.52
C ARG D 320 -2.98 -4.33 26.72
N LEU D 321 -2.18 -4.95 25.87
CA LEU D 321 -1.94 -6.39 25.91
C LEU D 321 -1.42 -6.86 27.27
N PHE D 322 -0.49 -6.11 27.85
CA PHE D 322 0.08 -6.50 29.13
C PHE D 322 -0.57 -5.82 30.33
N LYS D 323 -1.76 -5.25 30.11
CA LYS D 323 -2.53 -4.58 31.14
C LYS D 323 -1.71 -3.60 31.98
N LEU D 324 -0.93 -2.76 31.32
CA LEU D 324 -0.11 -1.79 32.04
C LEU D 324 -0.90 -0.54 32.41
ZN ZN E . 7.42 24.50 -9.48
C1A GRE F . 6.68 26.90 -7.80
O1A GRE F . 6.91 25.72 -8.01
O2A GRE F . 6.66 27.60 -8.81
C1 GRE F . 6.47 27.44 -6.49
C2 GRE F . 6.51 26.65 -5.31
C3 GRE F . 6.30 27.17 -4.00
C4 GRE F . 6.05 28.55 -3.86
C5 GRE F . 6.00 29.41 -4.99
C6 GRE F . 6.22 28.84 -6.30
O2 GRE F . 6.75 25.31 -5.36
O6 GRE F . 6.16 29.70 -7.31
ZN ZN G . -24.01 13.17 0.46
C1A GRE H . -24.86 14.41 -2.15
O1A GRE H . -25.48 15.20 -1.46
O2A GRE H . -24.20 13.59 -1.52
C1 GRE H . -24.89 14.45 -3.57
C2 GRE H . -25.65 15.39 -4.30
C3 GRE H . -25.70 15.44 -5.72
C4 GRE H . -24.97 14.49 -6.45
C5 GRE H . -24.19 13.51 -5.81
C6 GRE H . -24.16 13.49 -4.37
O2 GRE H . -26.40 16.35 -3.68
O6 GRE H . -23.40 12.55 -3.82
ZN ZN I . 1.65 -25.46 -10.05
C1A GRE J . 0.62 -27.61 -8.04
O1A GRE J . 0.60 -26.40 -8.24
O2A GRE J . 1.37 -28.22 -8.77
C1 GRE J . -0.19 -28.26 -7.05
C2 GRE J . -1.09 -27.56 -6.20
C3 GRE J . -1.90 -28.19 -5.21
C4 GRE J . -1.81 -29.59 -5.06
C5 GRE J . -0.95 -30.37 -5.86
C6 GRE J . -0.14 -29.69 -6.86
O2 GRE J . -1.23 -26.21 -6.27
O6 GRE J . 0.65 -30.47 -7.58
ZN ZN K . 14.98 -12.54 19.43
C1A GRE L . 17.83 -13.99 18.30
O1A GRE L . 17.06 -13.09 18.00
O2A GRE L . 17.49 -14.63 19.29
C1 GRE L . 19.05 -14.29 17.58
C2 GRE L . 19.48 -13.57 16.43
C3 GRE L . 20.68 -13.85 15.71
C4 GRE L . 21.49 -14.90 16.16
C5 GRE L . 21.15 -15.67 17.29
C6 GRE L . 19.92 -15.37 18.00
O2 GRE L . 18.75 -12.53 15.93
O6 GRE L . 19.66 -16.13 19.05
#